data_7CPN
#
_entry.id   7CPN
#
_cell.length_a   71.095
_cell.length_b   137.878
_cell.length_c   168.652
_cell.angle_alpha   90.000
_cell.angle_beta   90.000
_cell.angle_gamma   90.000
#
_symmetry.space_group_name_H-M   'P 21 21 21'
#
loop_
_entity.id
_entity.type
_entity.pdbx_description
1 polymer 'Trans,polycis-polyprenyl diphosphate synthase ((2Z,6E)-farnesyl diphosphate specific)'
2 non-polymer GLYCEROL
3 non-polymer 'SULFATE ION'
4 water water
#
_entity_poly.entity_id   1
_entity_poly.type   'polypeptide(L)'
_entity_poly.pdbx_seq_one_letter_code
;MSPKTVFSTDTHREPIPPQPHPSGARPPQLPRELIPRHVAIVMDGNGRWAKQRGLPRTEGHKAGESSLFDVIEGALELGV
PYLSAYAFSTENWKRSPDEVRFLMGFNRDVIRRRRDELHARGVRVRWAGRPGRLWKSVIKELTEAEELTKHNTKLTLQFC
VNYGGRAEIADAAAALARDVAAGRLSPNRVTEATLARYLYHPDIPDVDLFIRSSGEQRLSNFLLWQSSYAEFVFLDTLWP
DFDRRHFWQACEIYARRDRRYGGAEPNPVGPPQSAAGAQGQD
;
_entity_poly.pdbx_strand_id   A,B,C,D,E,F
#
# COMPACT_ATOMS: atom_id res chain seq x y z
N ARG A 26 -9.90 39.26 31.67
CA ARG A 26 -9.38 38.89 33.04
C ARG A 26 -9.53 37.38 33.26
N PRO A 27 -8.44 36.67 33.62
CA PRO A 27 -8.49 35.23 33.82
C PRO A 27 -9.28 34.84 35.07
N PRO A 28 -10.03 33.70 35.05
CA PRO A 28 -10.85 33.30 36.18
C PRO A 28 -10.01 32.91 37.42
N GLN A 29 -10.58 33.14 38.60
CA GLN A 29 -9.90 32.95 39.91
C GLN A 29 -10.17 31.51 40.37
N LEU A 30 -9.27 30.59 40.01
CA LEU A 30 -9.34 29.16 40.37
C LEU A 30 -8.22 28.85 41.35
N PRO A 31 -8.44 27.95 42.33
CA PRO A 31 -7.33 27.45 43.15
C PRO A 31 -6.32 26.69 42.26
N ARG A 32 -5.04 26.75 42.60
CA ARG A 32 -3.93 26.05 41.89
C ARG A 32 -4.27 24.57 41.65
N GLU A 33 -4.87 23.88 42.64
CA GLU A 33 -5.20 22.42 42.56
C GLU A 33 -6.12 22.12 41.37
N LEU A 34 -6.93 23.09 40.94
CA LEU A 34 -7.98 22.88 39.92
C LEU A 34 -7.58 23.50 38.58
N ILE A 35 -6.37 24.03 38.47
CA ILE A 35 -5.81 24.50 37.16
C ILE A 35 -5.13 23.31 36.51
N PRO A 36 -5.50 22.96 35.25
CA PRO A 36 -4.88 21.82 34.57
C PRO A 36 -3.38 22.11 34.36
N ARG A 37 -2.53 21.14 34.69
CA ARG A 37 -1.06 21.22 34.46
C ARG A 37 -0.78 21.12 32.95
N HIS A 38 -1.58 20.35 32.21
CA HIS A 38 -1.34 20.10 30.78
C HIS A 38 -2.66 20.11 30.02
N VAL A 39 -2.80 21.03 29.08
CA VAL A 39 -3.99 21.14 28.21
C VAL A 39 -3.56 20.77 26.81
N ALA A 40 -4.34 19.93 26.12
CA ALA A 40 -4.12 19.54 24.73
C ALA A 40 -5.31 20.06 23.91
N ILE A 41 -5.06 20.63 22.73
CA ILE A 41 -6.14 21.22 21.88
C ILE A 41 -6.06 20.68 20.46
N VAL A 42 -7.20 20.20 19.95
CA VAL A 42 -7.44 19.91 18.52
C VAL A 42 -8.16 21.12 17.95
N MET A 43 -7.57 21.75 16.94
CA MET A 43 -7.93 23.10 16.36
C MET A 43 -8.69 22.87 15.05
N ASP A 44 -9.95 22.51 15.14
CA ASP A 44 -10.78 22.15 13.95
C ASP A 44 -11.93 23.15 13.75
N GLY A 45 -12.47 23.24 12.54
CA GLY A 45 -13.54 24.16 12.12
C GLY A 45 -13.05 25.35 11.28
N ASN A 46 -11.76 25.34 10.89
CA ASN A 46 -11.11 26.41 10.10
C ASN A 46 -11.79 26.51 8.74
N GLY A 47 -12.00 25.38 8.07
CA GLY A 47 -12.70 25.29 6.78
C GLY A 47 -14.11 25.84 6.86
N ARG A 48 -14.94 25.26 7.74
CA ARG A 48 -16.37 25.62 7.94
C ARG A 48 -16.50 27.12 8.24
N TRP A 49 -15.54 27.68 8.98
CA TRP A 49 -15.54 29.11 9.36
C TRP A 49 -15.38 30.01 8.11
N ALA A 50 -14.45 29.66 7.23
CA ALA A 50 -14.18 30.37 5.97
C ALA A 50 -15.39 30.24 5.02
N LYS A 51 -16.07 29.10 5.01
CA LYS A 51 -17.24 28.84 4.14
C LYS A 51 -18.39 29.76 4.55
N GLN A 52 -18.63 29.92 5.86
CA GLN A 52 -19.67 30.80 6.45
C GLN A 52 -19.44 32.27 6.03
N ARG A 53 -18.22 32.62 5.64
CA ARG A 53 -17.84 34.02 5.25
C ARG A 53 -17.48 34.09 3.77
N GLY A 54 -17.80 33.07 3.00
CA GLY A 54 -17.50 32.98 1.55
C GLY A 54 -16.03 33.14 1.25
N LEU A 55 -15.13 32.77 2.16
CA LEU A 55 -13.66 32.81 1.91
C LEU A 55 -13.15 31.39 1.64
N PRO A 56 -12.04 31.22 0.90
CA PRO A 56 -11.41 29.91 0.76
C PRO A 56 -11.00 29.31 2.14
N ARG A 57 -11.06 27.98 2.25
CA ARG A 57 -10.72 27.20 3.47
C ARG A 57 -9.35 27.64 4.02
N THR A 58 -8.37 27.89 3.18
CA THR A 58 -7.00 28.33 3.56
C THR A 58 -7.04 29.56 4.47
N GLU A 59 -8.02 30.46 4.28
CA GLU A 59 -8.10 31.75 5.04
C GLU A 59 -8.57 31.47 6.47
N GLY A 60 -9.43 30.46 6.65
CA GLY A 60 -9.80 30.01 8.01
C GLY A 60 -8.58 29.52 8.79
N HIS A 61 -7.64 28.82 8.16
CA HIS A 61 -6.37 28.37 8.80
C HIS A 61 -5.57 29.60 9.19
N LYS A 62 -5.48 30.59 8.29
CA LYS A 62 -4.77 31.87 8.58
C LYS A 62 -5.39 32.53 9.81
N ALA A 63 -6.72 32.56 9.88
CA ALA A 63 -7.46 33.14 11.03
C ALA A 63 -7.19 32.32 12.30
N GLY A 64 -7.07 31.00 12.16
CA GLY A 64 -6.75 30.07 13.26
C GLY A 64 -5.41 30.37 13.92
N GLU A 65 -4.43 30.90 13.18
CA GLU A 65 -3.13 31.29 13.78
C GLU A 65 -3.36 32.21 14.98
N SER A 66 -4.19 33.25 14.84
CA SER A 66 -4.36 34.25 15.93
C SER A 66 -5.06 33.59 17.12
N SER A 67 -6.02 32.69 16.85
CA SER A 67 -6.68 31.90 17.92
C SER A 67 -5.61 31.22 18.79
N LEU A 68 -4.64 30.55 18.15
CA LEU A 68 -3.61 29.77 18.88
C LEU A 68 -2.78 30.70 19.79
N PHE A 69 -2.33 31.83 19.26
CA PHE A 69 -1.49 32.79 20.03
C PHE A 69 -2.32 33.46 21.13
N ASP A 70 -3.61 33.64 20.90
CA ASP A 70 -4.50 34.18 21.96
C ASP A 70 -4.65 33.13 23.06
N VAL A 71 -4.85 31.86 22.69
CA VAL A 71 -4.94 30.74 23.69
C VAL A 71 -3.61 30.61 24.43
N ILE A 72 -2.48 30.77 23.75
CA ILE A 72 -1.13 30.73 24.42
C ILE A 72 -1.07 31.84 25.48
N GLU A 73 -1.54 33.04 25.16
CA GLU A 73 -1.61 34.19 26.12
C GLU A 73 -2.52 33.80 27.30
N GLY A 74 -3.69 33.24 27.01
CA GLY A 74 -4.62 32.72 28.03
C GLY A 74 -3.96 31.71 28.97
N ALA A 75 -3.15 30.80 28.43
CA ALA A 75 -2.46 29.79 29.25
C ALA A 75 -1.41 30.49 30.13
N LEU A 76 -0.64 31.41 29.55
CA LEU A 76 0.39 32.20 30.28
C LEU A 76 -0.25 32.93 31.47
N GLU A 77 -1.39 33.58 31.24
CA GLU A 77 -2.09 34.42 32.27
C GLU A 77 -2.63 33.51 33.37
N LEU A 78 -3.24 32.38 33.03
CA LEU A 78 -3.84 31.45 34.02
C LEU A 78 -2.75 30.65 34.74
N GLY A 79 -1.56 30.54 34.16
CA GLY A 79 -0.45 29.74 34.72
C GLY A 79 -0.57 28.24 34.41
N VAL A 80 -1.07 27.88 33.22
CA VAL A 80 -1.01 26.48 32.73
C VAL A 80 0.41 26.26 32.20
N PRO A 81 1.20 25.37 32.82
CA PRO A 81 2.60 25.17 32.40
C PRO A 81 2.82 24.38 31.10
N TYR A 82 1.84 23.58 30.64
CA TYR A 82 1.99 22.75 29.41
C TYR A 82 0.77 22.93 28.50
N LEU A 83 1.04 23.27 27.25
CA LEU A 83 0.02 23.30 26.18
C LEU A 83 0.50 22.48 24.99
N SER A 84 -0.33 21.56 24.49
CA SER A 84 -0.05 20.74 23.27
C SER A 84 -1.08 21.13 22.24
N ALA A 85 -0.64 21.36 21.01
CA ALA A 85 -1.53 21.79 19.92
C ALA A 85 -1.30 20.84 18.75
N TYR A 86 -2.39 20.28 18.25
CA TYR A 86 -2.37 19.35 17.10
C TYR A 86 -2.40 20.21 15.85
N ALA A 87 -1.23 20.60 15.37
CA ALA A 87 -1.06 21.56 14.27
C ALA A 87 -1.18 20.81 12.95
N PHE A 88 -0.62 19.59 12.86
CA PHE A 88 -0.57 18.83 11.60
C PHE A 88 -0.47 17.34 11.89
N SER A 89 -1.55 16.63 11.56
CA SER A 89 -1.68 15.14 11.67
C SER A 89 -1.02 14.52 10.44
N THR A 90 -0.29 13.39 10.59
CA THR A 90 0.23 12.66 9.39
C THR A 90 -0.98 12.28 8.51
N GLU A 91 -2.11 11.95 9.15
CA GLU A 91 -3.30 11.45 8.42
C GLU A 91 -4.18 12.69 8.19
N ASN A 92 -4.38 13.05 6.92
CA ASN A 92 -5.24 14.20 6.51
C ASN A 92 -6.27 13.70 5.48
N TRP A 93 -6.99 12.63 5.79
CA TRP A 93 -7.72 11.84 4.75
C TRP A 93 -8.92 12.63 4.18
N LYS A 94 -9.47 13.58 4.94
CA LYS A 94 -10.63 14.41 4.46
C LYS A 94 -10.11 15.56 3.57
N ARG A 95 -8.82 15.86 3.64
CA ARG A 95 -8.27 17.16 3.17
C ARG A 95 -7.92 16.98 1.69
N SER A 96 -8.06 18.03 0.90
CA SER A 96 -7.62 18.06 -0.51
C SER A 96 -6.09 18.16 -0.54
N PRO A 97 -5.43 17.64 -1.61
CA PRO A 97 -4.00 17.82 -1.81
C PRO A 97 -3.51 19.27 -1.65
N ASP A 98 -4.28 20.23 -2.16
CA ASP A 98 -3.91 21.67 -2.19
C ASP A 98 -3.91 22.22 -0.76
N GLU A 99 -4.91 21.86 0.05
CA GLU A 99 -5.03 22.30 1.46
C GLU A 99 -3.90 21.67 2.30
N VAL A 100 -3.52 20.41 2.03
CA VAL A 100 -2.37 19.75 2.73
C VAL A 100 -1.06 20.50 2.37
N ARG A 101 -0.81 20.73 1.10
CA ARG A 101 0.37 21.50 0.61
C ARG A 101 0.43 22.87 1.32
N PHE A 102 -0.70 23.57 1.40
CA PHE A 102 -0.81 24.90 2.07
C PHE A 102 -0.51 24.77 3.58
N LEU A 103 -1.09 23.79 4.28
CA LEU A 103 -0.96 23.61 5.75
C LEU A 103 0.49 23.26 6.13
N MET A 104 1.25 22.60 5.26
CA MET A 104 2.69 22.34 5.52
C MET A 104 3.45 23.67 5.49
N GLY A 105 3.34 24.40 4.38
CA GLY A 105 3.99 25.71 4.20
C GLY A 105 3.59 26.69 5.31
N PHE A 106 2.32 26.65 5.70
CA PHE A 106 1.71 27.61 6.65
C PHE A 106 2.23 27.34 8.06
N ASN A 107 2.27 26.08 8.53
CA ASN A 107 2.79 25.74 9.88
C ASN A 107 4.27 26.16 9.95
N ARG A 108 5.03 26.01 8.85
CA ARG A 108 6.42 26.52 8.76
C ARG A 108 6.46 28.05 8.94
N ASP A 109 5.63 28.78 8.20
CA ASP A 109 5.63 30.27 8.16
C ASP A 109 5.18 30.80 9.54
N VAL A 110 4.19 30.16 10.17
CA VAL A 110 3.71 30.55 11.53
C VAL A 110 4.89 30.51 12.50
N ILE A 111 5.62 29.39 12.50
CA ILE A 111 6.66 29.15 13.54
C ILE A 111 7.79 30.15 13.31
N ARG A 112 8.19 30.38 12.06
CA ARG A 112 9.23 31.38 11.69
C ARG A 112 8.81 32.78 12.18
N ARG A 113 7.57 33.18 11.90
CA ARG A 113 7.11 34.59 12.16
C ARG A 113 6.90 34.80 13.66
N ARG A 114 6.63 33.75 14.46
CA ARG A 114 6.16 33.90 15.86
C ARG A 114 7.25 33.54 16.87
N ARG A 115 8.35 32.94 16.44
CA ARG A 115 9.33 32.32 17.39
C ARG A 115 9.89 33.41 18.33
N ASP A 116 10.18 34.61 17.83
CA ASP A 116 10.72 35.75 18.65
C ASP A 116 9.72 36.13 19.73
N GLU A 117 8.45 36.30 19.37
CA GLU A 117 7.36 36.57 20.34
C GLU A 117 7.32 35.45 21.39
N LEU A 118 7.35 34.19 20.95
CA LEU A 118 7.31 33.02 21.88
C LEU A 118 8.55 33.09 22.79
N HIS A 119 9.73 33.32 22.22
CA HIS A 119 10.99 33.49 22.99
C HIS A 119 10.79 34.57 24.04
N ALA A 120 10.24 35.73 23.65
CA ALA A 120 10.09 36.92 24.53
C ALA A 120 9.10 36.61 25.66
N ARG A 121 8.04 35.85 25.39
CA ARG A 121 6.99 35.55 26.40
C ARG A 121 7.39 34.40 27.31
N GLY A 122 8.57 33.78 27.11
CA GLY A 122 9.04 32.68 27.99
C GLY A 122 8.40 31.33 27.63
N VAL A 123 7.99 31.17 26.37
CA VAL A 123 7.41 29.91 25.87
C VAL A 123 8.55 29.05 25.32
N ARG A 124 8.69 27.83 25.82
CA ARG A 124 9.60 26.81 25.24
C ARG A 124 8.84 25.97 24.20
N VAL A 125 9.27 26.05 22.94
CA VAL A 125 8.71 25.26 21.81
C VAL A 125 9.35 23.87 21.83
N ARG A 126 8.52 22.82 21.83
CA ARG A 126 8.98 21.42 21.67
C ARG A 126 8.23 20.83 20.47
N TRP A 127 8.93 20.40 19.45
CA TRP A 127 8.30 19.77 18.26
C TRP A 127 8.07 18.28 18.57
N ALA A 128 6.82 17.82 18.50
CA ALA A 128 6.43 16.39 18.58
C ALA A 128 5.98 15.93 17.20
N GLY A 129 6.58 14.86 16.69
CA GLY A 129 6.21 14.22 15.42
C GLY A 129 7.41 13.57 14.74
N ARG A 130 7.23 13.15 13.51
CA ARG A 130 8.23 12.40 12.70
C ARG A 130 8.75 13.29 11.60
N PRO A 131 10.04 13.17 11.25
CA PRO A 131 10.58 13.87 10.09
C PRO A 131 9.90 13.37 8.80
N GLY A 132 9.70 12.05 8.66
CA GLY A 132 8.85 11.44 7.62
C GLY A 132 8.93 12.16 6.28
N ARG A 133 7.78 12.49 5.71
CA ARG A 133 7.66 13.19 4.39
C ARG A 133 7.64 14.71 4.56
N LEU A 134 7.71 15.20 5.81
CA LEU A 134 7.59 16.65 6.11
C LEU A 134 8.76 17.37 5.46
N TRP A 135 8.50 18.53 4.89
CA TRP A 135 9.53 19.24 4.07
C TRP A 135 10.70 19.60 4.99
N LYS A 136 11.92 19.65 4.45
CA LYS A 136 13.17 20.01 5.19
C LYS A 136 12.98 21.39 5.82
N SER A 137 12.36 22.32 5.08
CA SER A 137 12.12 23.73 5.50
C SER A 137 11.21 23.75 6.75
N VAL A 138 10.23 22.86 6.83
CA VAL A 138 9.32 22.80 8.02
C VAL A 138 10.12 22.32 9.24
N ILE A 139 10.88 21.23 9.06
CA ILE A 139 11.75 20.64 10.12
C ILE A 139 12.73 21.72 10.63
N LYS A 140 13.35 22.46 9.71
CA LYS A 140 14.40 23.47 10.02
C LYS A 140 13.79 24.52 10.95
N GLU A 141 12.63 25.11 10.56
CA GLU A 141 11.97 26.17 11.35
C GLU A 141 11.60 25.63 12.74
N LEU A 142 11.05 24.41 12.80
CA LEU A 142 10.66 23.77 14.09
C LEU A 142 11.92 23.62 14.97
N THR A 143 12.99 23.05 14.39
CA THR A 143 14.27 22.74 15.10
C THR A 143 14.90 24.04 15.63
N GLU A 144 14.87 25.10 14.83
CA GLU A 144 15.44 26.43 15.21
C GLU A 144 14.60 27.04 16.33
N ALA A 145 13.27 26.97 16.23
CA ALA A 145 12.37 27.46 17.29
C ALA A 145 12.66 26.74 18.61
N GLU A 146 12.88 25.42 18.56
CA GLU A 146 13.27 24.61 19.75
C GLU A 146 14.58 25.16 20.34
N GLU A 147 15.61 25.34 19.49
CA GLU A 147 16.97 25.79 19.92
C GLU A 147 16.86 27.18 20.55
N LEU A 148 16.18 28.10 19.87
CA LEU A 148 15.98 29.50 20.34
C LEU A 148 15.36 29.52 21.74
N THR A 149 14.37 28.66 22.03
CA THR A 149 13.49 28.82 23.22
C THR A 149 13.82 27.78 24.30
N LYS A 150 14.91 27.01 24.14
CA LYS A 150 15.17 25.82 24.98
C LYS A 150 15.39 26.17 26.47
N HIS A 151 15.72 27.42 26.83
CA HIS A 151 15.95 27.81 28.26
C HIS A 151 14.68 28.37 28.89
N ASN A 152 13.61 28.60 28.11
CA ASN A 152 12.34 29.16 28.64
C ASN A 152 11.64 28.14 29.54
N THR A 153 10.84 28.62 30.50
CA THR A 153 10.17 27.79 31.54
C THR A 153 8.75 28.28 31.89
N LYS A 154 8.24 29.36 31.32
CA LYS A 154 6.90 29.88 31.72
C LYS A 154 5.81 28.95 31.17
N LEU A 155 5.93 28.56 29.90
CA LEU A 155 4.97 27.65 29.20
C LEU A 155 5.76 26.74 28.26
N THR A 156 5.50 25.44 28.32
CA THR A 156 5.98 24.48 27.29
C THR A 156 4.88 24.32 26.24
N LEU A 157 5.15 24.75 25.02
CA LEU A 157 4.25 24.51 23.85
C LEU A 157 4.74 23.27 23.10
N GLN A 158 4.01 22.16 23.22
CA GLN A 158 4.26 20.93 22.42
C GLN A 158 3.51 21.13 21.09
N PHE A 159 4.26 21.50 20.06
CA PHE A 159 3.74 21.80 18.73
C PHE A 159 3.81 20.51 17.93
N CYS A 160 2.66 19.88 17.70
CA CYS A 160 2.59 18.51 17.12
C CYS A 160 2.38 18.62 15.60
N VAL A 161 3.46 18.37 14.86
CA VAL A 161 3.54 18.52 13.39
C VAL A 161 4.02 17.19 12.81
N ASN A 162 3.27 16.64 11.87
CA ASN A 162 3.51 15.29 11.29
C ASN A 162 3.47 14.29 12.45
N TYR A 163 2.48 14.45 13.34
CA TYR A 163 2.31 13.70 14.62
C TYR A 163 1.12 12.74 14.52
N GLY A 164 1.23 11.56 15.14
CA GLY A 164 0.11 10.65 15.45
C GLY A 164 0.37 9.93 16.76
N GLY A 165 -0.68 9.68 17.56
CA GLY A 165 -0.54 9.01 18.86
C GLY A 165 0.02 7.61 18.71
N ARG A 166 -0.57 6.84 17.81
CA ARG A 166 -0.09 5.48 17.45
C ARG A 166 1.35 5.52 16.92
N ALA A 167 1.66 6.47 16.03
CA ALA A 167 3.03 6.63 15.50
C ALA A 167 4.02 6.87 16.65
N GLU A 168 3.65 7.71 17.63
CA GLU A 168 4.55 8.02 18.77
C GLU A 168 4.80 6.74 19.60
N ILE A 169 3.76 5.97 19.87
CA ILE A 169 3.88 4.71 20.65
C ILE A 169 4.73 3.68 19.87
N ALA A 170 4.53 3.58 18.56
CA ALA A 170 5.31 2.68 17.70
C ALA A 170 6.77 3.11 17.67
N ASP A 171 7.05 4.40 17.57
CA ASP A 171 8.44 4.95 17.63
C ASP A 171 9.03 4.70 19.00
N ALA A 172 8.25 4.75 20.07
CA ALA A 172 8.73 4.39 21.43
C ALA A 172 9.12 2.90 21.44
N ALA A 173 8.24 2.02 20.94
CA ALA A 173 8.52 0.56 20.89
C ALA A 173 9.78 0.28 20.03
N ALA A 174 9.95 0.96 18.89
CA ALA A 174 11.11 0.85 18.00
C ALA A 174 12.39 1.22 18.76
N ALA A 175 12.41 2.35 19.45
CA ALA A 175 13.58 2.82 20.20
C ALA A 175 13.86 1.85 21.34
N LEU A 176 12.84 1.36 22.03
CA LEU A 176 13.01 0.31 23.05
C LEU A 176 13.62 -0.95 22.41
N ALA A 177 13.09 -1.34 21.25
CA ALA A 177 13.60 -2.52 20.50
C ALA A 177 15.10 -2.37 20.17
N ARG A 178 15.53 -1.18 19.74
CA ARG A 178 16.95 -0.89 19.40
C ARG A 178 17.83 -1.06 20.65
N ASP A 179 17.39 -0.59 21.81
CA ASP A 179 18.13 -0.75 23.08
C ASP A 179 18.21 -2.24 23.42
N VAL A 180 17.16 -3.02 23.14
CA VAL A 180 17.17 -4.47 23.43
C VAL A 180 18.16 -5.17 22.50
N ALA A 181 18.17 -4.83 21.21
CA ALA A 181 19.04 -5.46 20.18
C ALA A 181 20.51 -5.18 20.52
N ALA A 182 20.81 -3.98 20.99
CA ALA A 182 22.18 -3.53 21.37
C ALA A 182 22.56 -4.10 22.73
N GLY A 183 21.64 -4.76 23.45
CA GLY A 183 21.93 -5.33 24.78
C GLY A 183 22.06 -4.27 25.87
N ARG A 184 21.53 -3.07 25.68
CA ARG A 184 21.49 -2.00 26.72
C ARG A 184 20.30 -2.22 27.67
N LEU A 185 19.36 -3.09 27.29
CA LEU A 185 18.07 -3.23 28.02
C LEU A 185 17.61 -4.70 27.92
N SER A 186 17.12 -5.28 29.01
CA SER A 186 16.47 -6.61 29.01
C SER A 186 15.07 -6.57 28.40
N PRO A 187 14.69 -7.54 27.55
CA PRO A 187 13.34 -7.59 27.02
C PRO A 187 12.30 -8.02 28.07
N ASN A 188 12.76 -8.60 29.19
CA ASN A 188 11.88 -9.42 30.08
C ASN A 188 11.24 -8.53 31.15
N ARG A 189 11.71 -7.29 31.29
CA ARG A 189 11.21 -6.40 32.38
C ARG A 189 10.67 -5.09 31.75
N VAL A 190 9.92 -5.20 30.66
CA VAL A 190 9.32 -3.98 30.00
C VAL A 190 7.99 -3.68 30.67
N THR A 191 7.88 -2.52 31.32
CA THR A 191 6.66 -2.05 31.98
C THR A 191 6.17 -0.76 31.32
N GLU A 192 5.05 -0.24 31.81
CA GLU A 192 4.49 1.06 31.37
C GLU A 192 5.56 2.13 31.53
N ALA A 193 6.23 2.19 32.68
CA ALA A 193 7.24 3.23 32.97
C ALA A 193 8.43 3.11 31.99
N THR A 194 8.83 1.90 31.64
CA THR A 194 9.90 1.66 30.64
C THR A 194 9.48 2.25 29.29
N LEU A 195 8.30 1.90 28.81
CA LEU A 195 7.84 2.36 27.48
C LEU A 195 7.70 3.89 27.53
N ALA A 196 7.17 4.47 28.61
CA ALA A 196 6.91 5.93 28.73
C ALA A 196 8.23 6.71 28.54
N ARG A 197 9.36 6.14 28.94
CA ARG A 197 10.68 6.83 28.80
C ARG A 197 11.06 7.03 27.34
N TYR A 198 10.43 6.31 26.40
CA TYR A 198 10.78 6.39 24.95
C TYR A 198 9.77 7.20 24.15
N LEU A 199 8.82 7.87 24.80
CA LEU A 199 7.88 8.81 24.10
C LEU A 199 8.68 10.00 23.60
N TYR A 200 8.13 10.84 22.72
CA TYR A 200 8.90 11.94 22.09
C TYR A 200 9.48 12.87 23.16
N HIS A 201 8.68 13.25 24.16
CA HIS A 201 9.10 14.23 25.22
C HIS A 201 8.65 13.69 26.56
N PRO A 202 9.42 12.74 27.14
CA PRO A 202 9.00 12.02 28.33
C PRO A 202 8.87 12.92 29.56
N ASP A 203 9.53 14.08 29.54
CA ASP A 203 9.48 15.08 30.65
C ASP A 203 8.11 15.81 30.64
N ILE A 204 7.39 15.80 29.52
CA ILE A 204 6.04 16.43 29.46
C ILE A 204 5.05 15.47 30.11
N PRO A 205 4.28 15.91 31.12
CA PRO A 205 3.41 15.01 31.87
C PRO A 205 2.13 14.68 31.08
N ASP A 206 1.33 13.80 31.66
CA ASP A 206 0.00 13.37 31.17
C ASP A 206 -0.83 14.59 30.82
N VAL A 207 -1.74 14.43 29.86
CA VAL A 207 -2.78 15.47 29.54
C VAL A 207 -3.82 15.41 30.65
N ASP A 208 -4.14 16.56 31.25
CA ASP A 208 -5.22 16.67 32.27
C ASP A 208 -6.52 17.01 31.57
N LEU A 209 -6.44 17.86 30.57
CA LEU A 209 -7.63 18.43 29.90
C LEU A 209 -7.39 18.38 28.40
N PHE A 210 -8.31 17.78 27.69
CA PHE A 210 -8.26 17.57 26.23
C PHE A 210 -9.43 18.35 25.63
N ILE A 211 -9.14 19.42 24.89
CA ILE A 211 -10.18 20.30 24.30
C ILE A 211 -10.32 19.99 22.82
N ARG A 212 -11.51 19.65 22.39
CA ARG A 212 -11.88 19.61 20.96
C ARG A 212 -12.70 20.88 20.68
N SER A 213 -12.14 21.81 19.91
CA SER A 213 -12.73 23.14 19.67
C SER A 213 -14.17 22.97 19.15
N SER A 214 -14.36 22.16 18.11
CA SER A 214 -15.62 22.04 17.33
C SER A 214 -16.53 20.97 17.99
N GLY A 215 -17.65 20.62 17.34
CA GLY A 215 -18.62 19.65 17.86
C GLY A 215 -18.24 18.19 17.63
N GLU A 216 -17.17 17.93 16.88
CA GLU A 216 -16.65 16.57 16.53
C GLU A 216 -16.14 15.85 17.79
N GLN A 217 -16.79 14.76 18.22
CA GLN A 217 -16.44 14.06 19.50
C GLN A 217 -15.52 12.88 19.22
N ARG A 218 -14.20 13.12 19.07
CA ARG A 218 -13.17 12.05 18.91
C ARG A 218 -11.78 12.58 19.29
N LEU A 219 -10.85 11.66 19.55
CA LEU A 219 -9.46 11.97 19.93
C LEU A 219 -8.67 12.31 18.67
N SER A 220 -9.06 11.72 17.55
CA SER A 220 -8.33 11.87 16.27
C SER A 220 -6.85 11.54 16.48
N ASN A 221 -6.52 10.51 17.27
CA ASN A 221 -5.16 9.93 17.31
C ASN A 221 -4.19 10.97 17.86
N PHE A 222 -4.61 11.71 18.90
CA PHE A 222 -3.76 12.82 19.47
C PHE A 222 -3.36 12.48 20.92
N LEU A 223 -2.07 12.47 21.21
CA LEU A 223 -1.50 12.19 22.57
C LEU A 223 -2.27 11.06 23.27
N LEU A 224 -2.32 9.93 22.58
CA LEU A 224 -3.08 8.73 23.00
C LEU A 224 -2.58 8.19 24.35
N TRP A 225 -1.29 7.90 24.48
CA TRP A 225 -0.74 7.38 25.75
C TRP A 225 -1.03 8.40 26.85
N GLN A 226 -0.76 9.67 26.56
CA GLN A 226 -0.73 10.77 27.54
C GLN A 226 -2.17 11.14 27.99
N SER A 227 -3.20 10.79 27.22
CA SER A 227 -4.61 11.25 27.43
C SER A 227 -5.44 10.18 28.12
N SER A 228 -4.82 9.09 28.55
CA SER A 228 -5.47 7.91 29.17
C SER A 228 -6.51 8.31 30.23
N TYR A 229 -6.17 9.26 31.08
CA TYR A 229 -7.05 9.72 32.18
C TYR A 229 -7.44 11.20 32.03
N ALA A 230 -7.28 11.77 30.84
CA ALA A 230 -7.63 13.18 30.55
C ALA A 230 -9.14 13.40 30.59
N GLU A 231 -9.55 14.58 31.05
CA GLU A 231 -10.94 15.08 30.93
C GLU A 231 -11.12 15.63 29.52
N PHE A 232 -12.16 15.19 28.82
CA PHE A 232 -12.49 15.70 27.47
C PHE A 232 -13.54 16.80 27.62
N VAL A 233 -13.31 17.94 26.96
CA VAL A 233 -14.28 19.05 26.83
C VAL A 233 -14.46 19.27 25.33
N PHE A 234 -15.68 19.04 24.84
CA PHE A 234 -16.13 19.29 23.45
C PHE A 234 -16.93 20.59 23.46
N LEU A 235 -16.37 21.65 22.86
CA LEU A 235 -17.01 22.99 22.73
C LEU A 235 -17.59 23.07 21.31
N ASP A 236 -18.40 24.08 20.99
CA ASP A 236 -19.04 24.18 19.65
C ASP A 236 -18.33 25.24 18.82
N THR A 237 -17.41 25.98 19.44
CA THR A 237 -16.67 27.09 18.81
C THR A 237 -15.78 26.55 17.69
N LEU A 238 -15.97 27.05 16.46
CA LEU A 238 -15.04 26.90 15.34
C LEU A 238 -13.72 27.56 15.74
N TRP A 239 -12.58 26.99 15.31
CA TRP A 239 -11.27 27.32 15.91
C TRP A 239 -10.94 28.80 15.67
N PRO A 240 -11.20 29.40 14.51
CA PRO A 240 -10.90 30.83 14.31
C PRO A 240 -11.66 31.78 15.26
N ASP A 241 -12.80 31.34 15.84
CA ASP A 241 -13.55 32.11 16.87
C ASP A 241 -13.11 31.74 18.27
N PHE A 242 -12.18 30.78 18.41
CA PHE A 242 -11.65 30.32 19.72
C PHE A 242 -10.58 31.33 20.15
N ASP A 243 -10.62 31.76 21.41
CA ASP A 243 -9.63 32.70 21.98
C ASP A 243 -9.47 32.34 23.46
N ARG A 244 -8.72 33.14 24.22
CA ARG A 244 -8.39 32.84 25.63
C ARG A 244 -9.65 32.63 26.48
N ARG A 245 -10.77 33.26 26.13
CA ARG A 245 -12.02 33.16 26.96
C ARG A 245 -12.58 31.74 26.84
N HIS A 246 -12.62 31.18 25.65
CA HIS A 246 -13.02 29.76 25.39
C HIS A 246 -12.07 28.81 26.12
N PHE A 247 -10.77 29.08 26.08
CA PHE A 247 -9.75 28.29 26.79
C PHE A 247 -10.03 28.34 28.29
N TRP A 248 -10.30 29.53 28.81
CA TRP A 248 -10.63 29.77 30.25
C TRP A 248 -11.91 29.04 30.63
N GLN A 249 -12.92 29.09 29.77
CA GLN A 249 -14.20 28.35 29.96
C GLN A 249 -13.89 26.85 30.10
N ALA A 250 -13.11 26.27 29.19
CA ALA A 250 -12.73 24.82 29.21
C ALA A 250 -12.04 24.51 30.54
N CYS A 251 -11.12 25.36 30.98
CA CYS A 251 -10.41 25.19 32.28
C CYS A 251 -11.42 25.27 33.44
N GLU A 252 -12.44 26.13 33.34
CA GLU A 252 -13.52 26.26 34.36
C GLU A 252 -14.34 24.97 34.42
N ILE A 253 -14.72 24.43 33.26
CA ILE A 253 -15.42 23.11 33.15
C ILE A 253 -14.54 22.04 33.81
N TYR A 254 -13.24 22.06 33.55
CA TYR A 254 -12.26 21.08 34.11
C TYR A 254 -12.26 21.16 35.64
N ALA A 255 -12.23 22.37 36.18
CA ALA A 255 -12.14 22.64 37.65
C ALA A 255 -13.37 22.08 38.39
N ARG A 256 -14.55 22.04 37.75
CA ARG A 256 -15.76 21.30 38.23
C ARG A 256 -15.73 19.76 38.04
N ARG A 257 -14.84 19.18 37.21
CA ARG A 257 -14.86 17.71 36.93
C ARG A 257 -14.42 16.91 38.17
N ASP A 258 -14.98 15.70 38.35
CA ASP A 258 -14.61 14.74 39.43
C ASP A 258 -13.59 13.69 38.92
N ARG A 259 -12.29 13.97 39.03
CA ARG A 259 -11.19 13.05 38.58
C ARG A 259 -10.93 11.95 39.62
N ARG A 260 -11.01 10.67 39.21
CA ARG A 260 -10.98 9.48 40.14
C ARG A 260 -9.77 8.57 39.85
N TYR A 261 -9.29 8.53 38.59
CA TYR A 261 -8.16 7.67 38.11
C TYR A 261 -8.39 6.19 38.49
N GLY A 262 -9.67 5.75 38.57
CA GLY A 262 -10.07 4.36 38.89
C GLY A 262 -10.30 4.09 40.38
N GLY A 263 -9.99 5.07 41.26
CA GLY A 263 -10.21 4.99 42.73
C GLY A 263 -11.65 5.23 43.10
N ARG B 26 -37.91 -3.58 19.94
CA ARG B 26 -37.63 -3.71 18.47
C ARG B 26 -36.41 -2.88 18.08
N PRO B 27 -35.38 -3.50 17.46
CA PRO B 27 -34.15 -2.79 17.10
C PRO B 27 -34.38 -1.80 15.97
N PRO B 28 -33.66 -0.66 15.95
CA PRO B 28 -33.82 0.33 14.88
C PRO B 28 -33.32 -0.18 13.52
N GLN B 29 -33.95 0.30 12.44
CA GLN B 29 -33.61 -0.08 11.05
C GLN B 29 -32.56 0.91 10.56
N LEU B 30 -31.28 0.51 10.67
CA LEU B 30 -30.12 1.28 10.17
C LEU B 30 -29.53 0.54 8.97
N PRO B 31 -29.00 1.27 7.95
CA PRO B 31 -28.23 0.63 6.90
C PRO B 31 -26.99 -0.07 7.49
N ARG B 32 -26.58 -1.21 6.90
CA ARG B 32 -25.48 -2.06 7.43
C ARG B 32 -24.20 -1.21 7.52
N GLU B 33 -23.96 -0.33 6.53
CA GLU B 33 -22.76 0.54 6.42
C GLU B 33 -22.58 1.39 7.68
N LEU B 34 -23.68 1.74 8.36
CA LEU B 34 -23.68 2.74 9.46
C LEU B 34 -23.86 2.04 10.81
N ILE B 35 -23.87 0.71 10.84
CA ILE B 35 -23.86 -0.06 12.12
C ILE B 35 -22.41 -0.22 12.56
N PRO B 36 -22.06 0.17 13.80
CA PRO B 36 -20.67 0.05 14.28
C PRO B 36 -20.28 -1.45 14.31
N ARG B 37 -19.12 -1.77 13.78
CA ARG B 37 -18.52 -3.12 13.82
C ARG B 37 -18.11 -3.46 15.28
N HIS B 38 -17.65 -2.47 16.04
CA HIS B 38 -17.06 -2.67 17.39
C HIS B 38 -17.50 -1.56 18.30
N VAL B 39 -18.27 -1.92 19.31
CA VAL B 39 -18.75 -0.97 20.35
C VAL B 39 -18.03 -1.33 21.64
N ALA B 40 -17.49 -0.32 22.31
CA ALA B 40 -16.82 -0.45 23.62
C ALA B 40 -17.66 0.30 24.64
N ILE B 41 -17.93 -0.31 25.78
CA ILE B 41 -18.78 0.29 26.83
C ILE B 41 -18.00 0.28 28.14
N VAL B 42 -17.87 1.46 28.72
CA VAL B 42 -17.45 1.66 30.12
C VAL B 42 -18.75 1.65 30.92
N MET B 43 -18.82 0.68 31.84
CA MET B 43 -19.97 0.36 32.68
C MET B 43 -19.79 1.05 34.03
N ASP B 44 -19.95 2.38 34.05
CA ASP B 44 -19.70 3.17 35.27
C ASP B 44 -21.01 3.69 35.88
N GLY B 45 -20.96 3.96 37.18
CA GLY B 45 -22.03 4.58 37.97
C GLY B 45 -22.77 3.56 38.84
N ASN B 46 -22.23 2.36 39.04
CA ASN B 46 -22.92 1.28 39.80
C ASN B 46 -23.05 1.74 41.26
N GLY B 47 -21.95 2.25 41.84
CA GLY B 47 -21.91 2.81 43.20
C GLY B 47 -22.88 3.97 43.37
N ARG B 48 -22.72 5.01 42.54
CA ARG B 48 -23.52 6.26 42.55
C ARG B 48 -25.02 5.93 42.42
N TRP B 49 -25.35 4.91 41.63
CA TRP B 49 -26.74 4.47 41.37
C TRP B 49 -27.35 3.92 42.66
N ALA B 50 -26.61 3.11 43.39
CA ALA B 50 -27.06 2.46 44.64
C ALA B 50 -27.22 3.52 45.73
N LYS B 51 -26.36 4.54 45.75
CA LYS B 51 -26.41 5.64 46.74
C LYS B 51 -27.73 6.42 46.55
N GLN B 52 -28.06 6.77 45.30
CA GLN B 52 -29.29 7.51 44.92
C GLN B 52 -30.55 6.74 45.33
N ARG B 53 -30.45 5.43 45.56
CA ARG B 53 -31.60 4.55 45.91
C ARG B 53 -31.46 4.01 47.32
N GLY B 54 -30.54 4.53 48.11
CA GLY B 54 -30.26 4.03 49.48
C GLY B 54 -29.97 2.55 49.52
N LEU B 55 -29.40 1.97 48.45
CA LEU B 55 -28.97 0.54 48.41
C LEU B 55 -27.46 0.47 48.59
N PRO B 56 -26.92 -0.65 49.13
CA PRO B 56 -25.46 -0.84 49.17
C PRO B 56 -24.85 -0.84 47.75
N ARG B 57 -23.61 -0.34 47.62
CA ARG B 57 -22.85 -0.27 46.34
C ARG B 57 -22.88 -1.62 45.62
N THR B 58 -22.75 -2.72 46.36
CA THR B 58 -22.76 -4.11 45.83
C THR B 58 -24.00 -4.35 44.95
N GLU B 59 -25.16 -3.76 45.29
CA GLU B 59 -26.43 -4.02 44.58
C GLU B 59 -26.41 -3.33 43.22
N GLY B 60 -25.77 -2.16 43.12
CA GLY B 60 -25.52 -1.49 41.83
C GLY B 60 -24.79 -2.42 40.85
N HIS B 61 -23.75 -3.10 41.32
CA HIS B 61 -22.96 -4.04 40.49
C HIS B 61 -23.88 -5.20 40.08
N LYS B 62 -24.66 -5.74 41.03
CA LYS B 62 -25.61 -6.85 40.73
C LYS B 62 -26.58 -6.40 39.65
N ALA B 63 -27.12 -5.18 39.74
CA ALA B 63 -28.05 -4.61 38.75
C ALA B 63 -27.32 -4.43 37.41
N GLY B 64 -26.04 -4.08 37.44
CA GLY B 64 -25.17 -3.95 36.27
C GLY B 64 -25.04 -5.24 35.46
N GLU B 65 -25.09 -6.40 36.12
CA GLU B 65 -25.03 -7.71 35.40
C GLU B 65 -26.15 -7.76 34.38
N SER B 66 -27.39 -7.43 34.75
CA SER B 66 -28.55 -7.57 33.82
C SER B 66 -28.41 -6.54 32.69
N SER B 67 -27.89 -5.34 32.99
CA SER B 67 -27.60 -4.32 31.95
C SER B 67 -26.71 -4.94 30.87
N LEU B 68 -25.64 -5.63 31.28
CA LEU B 68 -24.66 -6.21 30.33
C LEU B 68 -25.33 -7.23 29.43
N PHE B 69 -26.09 -8.17 29.99
CA PHE B 69 -26.75 -9.26 29.22
C PHE B 69 -27.85 -8.66 28.34
N ASP B 70 -28.49 -7.58 28.77
CA ASP B 70 -29.50 -6.90 27.93
C ASP B 70 -28.79 -6.22 26.75
N VAL B 71 -27.66 -5.56 27.00
CA VAL B 71 -26.86 -4.91 25.92
C VAL B 71 -26.31 -5.99 24.99
N ILE B 72 -25.88 -7.14 25.51
CA ILE B 72 -25.43 -8.27 24.64
C ILE B 72 -26.56 -8.67 23.69
N GLU B 73 -27.80 -8.79 24.21
CA GLU B 73 -28.98 -9.14 23.39
C GLU B 73 -29.19 -8.05 22.33
N GLY B 74 -29.12 -6.78 22.74
CA GLY B 74 -29.22 -5.62 21.84
C GLY B 74 -28.21 -5.70 20.71
N ALA B 75 -26.96 -6.08 21.01
CA ALA B 75 -25.91 -6.17 19.97
C ALA B 75 -26.24 -7.34 19.02
N LEU B 76 -26.65 -8.49 19.56
CA LEU B 76 -27.02 -9.69 18.76
C LEU B 76 -28.15 -9.32 17.78
N GLU B 77 -29.18 -8.62 18.25
CA GLU B 77 -30.39 -8.26 17.45
C GLU B 77 -29.98 -7.27 16.34
N LEU B 78 -29.16 -6.26 16.65
CA LEU B 78 -28.75 -5.22 15.68
C LEU B 78 -27.70 -5.77 14.72
N GLY B 79 -26.98 -6.83 15.10
CA GLY B 79 -25.87 -7.38 14.29
C GLY B 79 -24.54 -6.63 14.48
N VAL B 80 -24.26 -6.15 15.69
CA VAL B 80 -22.89 -5.63 16.04
C VAL B 80 -22.02 -6.85 16.35
N PRO B 81 -20.99 -7.15 15.53
CA PRO B 81 -20.15 -8.33 15.75
C PRO B 81 -19.13 -8.28 16.92
N TYR B 82 -18.77 -7.08 17.41
CA TYR B 82 -17.79 -6.92 18.52
C TYR B 82 -18.32 -6.00 19.61
N LEU B 83 -18.33 -6.50 20.84
CA LEU B 83 -18.64 -5.68 22.04
C LEU B 83 -17.52 -5.85 23.07
N SER B 84 -16.97 -4.75 23.56
CA SER B 84 -15.93 -4.73 24.62
C SER B 84 -16.54 -4.09 25.85
N ALA B 85 -16.39 -4.71 27.01
CA ALA B 85 -16.98 -4.26 28.27
C ALA B 85 -15.88 -4.14 29.31
N TYR B 86 -15.78 -2.96 29.93
CA TYR B 86 -14.77 -2.66 30.96
C TYR B 86 -15.29 -3.14 32.32
N ALA B 87 -15.06 -4.40 32.66
CA ALA B 87 -15.58 -5.05 33.89
C ALA B 87 -14.73 -4.69 35.09
N PHE B 88 -13.40 -4.61 34.96
CA PHE B 88 -12.47 -4.44 36.10
C PHE B 88 -11.15 -3.86 35.61
N SER B 89 -10.90 -2.62 36.01
CA SER B 89 -9.75 -1.78 35.60
C SER B 89 -8.54 -2.11 36.50
N THR B 90 -7.33 -2.06 35.95
CA THR B 90 -6.02 -2.02 36.67
C THR B 90 -6.09 -1.01 37.82
N GLU B 91 -6.83 0.09 37.63
CA GLU B 91 -6.94 1.23 38.57
C GLU B 91 -7.97 0.93 39.67
N ASN B 92 -8.77 -0.13 39.54
CA ASN B 92 -9.76 -0.54 40.58
C ASN B 92 -9.07 -1.13 41.83
N TRP B 93 -7.79 -1.53 41.75
CA TRP B 93 -6.95 -1.89 42.91
C TRP B 93 -6.80 -0.76 43.93
N LYS B 94 -7.06 0.49 43.56
CA LYS B 94 -7.05 1.68 44.44
C LYS B 94 -8.32 1.76 45.28
N ARG B 95 -9.34 0.95 44.99
CA ARG B 95 -10.60 0.92 45.79
C ARG B 95 -10.34 0.14 47.07
N SER B 96 -11.29 0.15 47.99
CA SER B 96 -11.16 -0.47 49.33
C SER B 96 -10.96 -1.97 49.17
N PRO B 97 -10.25 -2.63 50.13
CA PRO B 97 -10.12 -4.08 50.12
C PRO B 97 -11.44 -4.84 49.96
N ASP B 98 -12.50 -4.36 50.61
CA ASP B 98 -13.83 -5.05 50.63
C ASP B 98 -14.47 -4.98 49.24
N GLU B 99 -14.42 -3.82 48.60
CA GLU B 99 -14.94 -3.61 47.23
C GLU B 99 -14.14 -4.44 46.20
N VAL B 100 -12.82 -4.58 46.35
CA VAL B 100 -11.99 -5.42 45.45
C VAL B 100 -12.38 -6.89 45.64
N ARG B 101 -12.45 -7.36 46.88
CA ARG B 101 -12.86 -8.74 47.25
C ARG B 101 -14.23 -9.03 46.62
N PHE B 102 -15.17 -8.09 46.73
CA PHE B 102 -16.54 -8.25 46.15
C PHE B 102 -16.48 -8.33 44.61
N LEU B 103 -15.77 -7.42 43.96
CA LEU B 103 -15.69 -7.29 42.48
C LEU B 103 -15.03 -8.53 41.85
N MET B 104 -14.08 -9.13 42.56
CA MET B 104 -13.40 -10.37 42.13
C MET B 104 -14.41 -11.50 42.15
N GLY B 105 -15.01 -11.75 43.32
CA GLY B 105 -16.00 -12.81 43.54
C GLY B 105 -17.16 -12.65 42.56
N PHE B 106 -17.61 -11.42 42.34
CA PHE B 106 -18.81 -11.11 41.54
C PHE B 106 -18.56 -11.36 40.05
N ASN B 107 -17.45 -10.87 39.50
CA ASN B 107 -17.11 -11.08 38.07
C ASN B 107 -16.93 -12.58 37.81
N ARG B 108 -16.37 -13.29 38.77
CA ARG B 108 -16.25 -14.78 38.71
C ARG B 108 -17.62 -15.42 38.66
N ASP B 109 -18.51 -15.05 39.57
CA ASP B 109 -19.86 -15.66 39.73
C ASP B 109 -20.71 -15.33 38.51
N VAL B 110 -20.59 -14.14 37.94
CA VAL B 110 -21.33 -13.75 36.71
C VAL B 110 -20.93 -14.72 35.60
N ILE B 111 -19.64 -14.93 35.41
CA ILE B 111 -19.12 -15.73 34.25
C ILE B 111 -19.59 -17.19 34.46
N ARG B 112 -19.49 -17.74 35.67
CA ARG B 112 -19.96 -19.11 36.00
C ARG B 112 -21.47 -19.24 35.70
N ARG B 113 -22.29 -18.29 36.15
CA ARG B 113 -23.76 -18.38 36.05
C ARG B 113 -24.22 -18.20 34.59
N ARG B 114 -23.46 -17.47 33.76
CA ARG B 114 -23.92 -16.99 32.42
C ARG B 114 -23.25 -17.78 31.30
N ARG B 115 -22.24 -18.59 31.57
CA ARG B 115 -21.40 -19.18 30.48
C ARG B 115 -22.25 -20.06 29.56
N ASP B 116 -23.21 -20.83 30.12
CA ASP B 116 -24.12 -21.71 29.31
C ASP B 116 -24.92 -20.85 28.31
N GLU B 117 -25.54 -19.78 28.82
CA GLU B 117 -26.33 -18.82 28.01
C GLU B 117 -25.39 -18.23 26.93
N LEU B 118 -24.19 -17.80 27.30
CA LEU B 118 -23.23 -17.18 26.34
C LEU B 118 -22.90 -18.20 25.26
N HIS B 119 -22.55 -19.43 25.69
CA HIS B 119 -22.26 -20.51 24.72
C HIS B 119 -23.45 -20.70 23.77
N ALA B 120 -24.65 -20.78 24.32
CA ALA B 120 -25.91 -21.09 23.58
C ALA B 120 -26.24 -19.96 22.60
N ARG B 121 -25.98 -18.69 22.96
CA ARG B 121 -26.37 -17.53 22.11
C ARG B 121 -25.32 -17.27 21.05
N GLY B 122 -24.22 -18.05 21.00
CA GLY B 122 -23.18 -17.87 19.97
C GLY B 122 -22.24 -16.70 20.31
N VAL B 123 -22.08 -16.39 21.60
CA VAL B 123 -21.16 -15.33 22.07
C VAL B 123 -19.80 -15.97 22.32
N ARG B 124 -18.75 -15.46 21.68
CA ARG B 124 -17.35 -15.84 21.95
C ARG B 124 -16.78 -14.89 23.01
N VAL B 125 -16.45 -15.42 24.19
CA VAL B 125 -15.90 -14.63 25.32
C VAL B 125 -14.39 -14.59 25.14
N ARG B 126 -13.79 -13.39 25.14
CA ARG B 126 -12.33 -13.17 24.98
C ARG B 126 -11.85 -12.33 26.17
N TRP B 127 -11.16 -12.93 27.12
CA TRP B 127 -10.70 -12.20 28.32
C TRP B 127 -9.51 -11.33 27.93
N ALA B 128 -9.64 -10.00 28.11
CA ALA B 128 -8.57 -9.01 27.92
C ALA B 128 -8.15 -8.51 29.30
N GLY B 129 -6.85 -8.62 29.57
CA GLY B 129 -6.24 -8.15 30.80
C GLY B 129 -5.07 -9.04 31.19
N ARG B 130 -4.56 -8.80 32.39
CA ARG B 130 -3.39 -9.49 32.96
C ARG B 130 -3.89 -10.38 34.10
N PRO B 131 -3.29 -11.57 34.27
CA PRO B 131 -3.56 -12.41 35.44
C PRO B 131 -3.16 -11.69 36.73
N GLY B 132 -2.00 -11.03 36.76
CA GLY B 132 -1.58 -10.16 37.89
C GLY B 132 -1.98 -10.73 39.25
N ARG B 133 -2.63 -9.94 40.09
CA ARG B 133 -3.03 -10.33 41.47
C ARG B 133 -4.50 -10.77 41.50
N LEU B 134 -5.11 -11.09 40.36
CA LEU B 134 -6.47 -11.72 40.36
C LEU B 134 -6.42 -13.02 41.15
N TRP B 135 -7.47 -13.37 41.87
CA TRP B 135 -7.67 -14.72 42.45
C TRP B 135 -7.54 -15.78 41.33
N LYS B 136 -7.01 -16.94 41.67
CA LYS B 136 -6.81 -18.08 40.74
C LYS B 136 -8.17 -18.50 40.20
N SER B 137 -9.20 -18.48 41.05
CA SER B 137 -10.60 -18.88 40.70
C SER B 137 -11.16 -17.93 39.63
N VAL B 138 -10.81 -16.65 39.66
CA VAL B 138 -11.27 -15.66 38.64
C VAL B 138 -10.60 -16.01 37.30
N ILE B 139 -9.28 -16.20 37.32
CA ILE B 139 -8.48 -16.55 36.09
C ILE B 139 -9.05 -17.84 35.48
N LYS B 140 -9.32 -18.84 36.33
CA LYS B 140 -9.81 -20.16 35.91
C LYS B 140 -11.14 -20.01 35.17
N GLU B 141 -12.14 -19.35 35.78
CA GLU B 141 -13.49 -19.11 35.18
C GLU B 141 -13.32 -18.40 33.82
N LEU B 142 -12.49 -17.34 33.77
CA LEU B 142 -12.31 -16.55 32.55
C LEU B 142 -11.72 -17.45 31.46
N THR B 143 -10.66 -18.19 31.81
CA THR B 143 -9.91 -19.08 30.87
C THR B 143 -10.86 -20.16 30.32
N GLU B 144 -11.66 -20.77 31.20
CA GLU B 144 -12.62 -21.84 30.83
C GLU B 144 -13.73 -21.26 29.93
N ALA B 145 -14.25 -20.07 30.25
CA ALA B 145 -15.30 -19.40 29.43
C ALA B 145 -14.75 -19.14 28.03
N GLU B 146 -13.48 -18.72 27.94
CA GLU B 146 -12.82 -18.53 26.62
C GLU B 146 -12.78 -19.85 25.84
N GLU B 147 -12.32 -20.91 26.50
CA GLU B 147 -12.14 -22.25 25.87
C GLU B 147 -13.50 -22.77 25.39
N LEU B 148 -14.50 -22.71 26.27
CA LEU B 148 -15.88 -23.15 25.98
C LEU B 148 -16.43 -22.48 24.72
N THR B 149 -16.20 -21.18 24.53
CA THR B 149 -16.97 -20.36 23.56
C THR B 149 -16.09 -20.01 22.35
N LYS B 150 -14.89 -20.59 22.23
CA LYS B 150 -13.91 -20.09 21.22
C LYS B 150 -14.35 -20.37 19.78
N HIS B 151 -15.31 -21.26 19.53
CA HIS B 151 -15.81 -21.58 18.15
C HIS B 151 -17.05 -20.75 17.80
N ASN B 152 -17.60 -19.99 18.75
CA ASN B 152 -18.75 -19.08 18.50
C ASN B 152 -18.35 -17.94 17.55
N THR B 153 -19.31 -17.41 16.78
CA THR B 153 -19.04 -16.35 15.76
C THR B 153 -20.13 -15.27 15.71
N LYS B 154 -21.21 -15.36 16.49
CA LYS B 154 -22.32 -14.37 16.37
C LYS B 154 -21.89 -13.02 16.94
N LEU B 155 -21.30 -13.03 18.12
CA LEU B 155 -20.81 -11.81 18.84
C LEU B 155 -19.53 -12.17 19.58
N THR B 156 -18.49 -11.35 19.41
CA THR B 156 -17.27 -11.43 20.26
C THR B 156 -17.45 -10.46 21.43
N LEU B 157 -17.53 -10.99 22.65
CA LEU B 157 -17.51 -10.19 23.90
C LEU B 157 -16.06 -10.12 24.41
N GLN B 158 -15.42 -8.96 24.28
CA GLN B 158 -14.10 -8.71 24.90
C GLN B 158 -14.37 -8.25 26.33
N PHE B 159 -14.24 -9.18 27.26
CA PHE B 159 -14.54 -8.99 28.70
C PHE B 159 -13.22 -8.57 29.37
N CYS B 160 -13.12 -7.28 29.72
CA CYS B 160 -11.87 -6.65 30.15
C CYS B 160 -11.80 -6.67 31.69
N VAL B 161 -11.00 -7.59 32.22
CA VAL B 161 -10.86 -7.85 33.68
C VAL B 161 -9.37 -7.74 34.05
N ASN B 162 -9.05 -6.88 35.01
CA ASN B 162 -7.65 -6.51 35.36
C ASN B 162 -6.97 -5.97 34.10
N TYR B 163 -7.69 -5.11 33.38
CA TYR B 163 -7.31 -4.51 32.08
C TYR B 163 -6.93 -3.05 32.24
N GLY B 164 -5.91 -2.62 31.51
CA GLY B 164 -5.56 -1.22 31.26
C GLY B 164 -5.01 -1.05 29.87
N GLY B 165 -5.31 0.07 29.22
CA GLY B 165 -4.86 0.36 27.84
C GLY B 165 -3.36 0.48 27.78
N ARG B 166 -2.77 1.24 28.68
CA ARG B 166 -1.30 1.37 28.82
C ARG B 166 -0.67 0.01 29.15
N ALA B 167 -1.26 -0.78 30.04
CA ALA B 167 -0.74 -2.12 30.39
C ALA B 167 -0.73 -2.99 29.14
N GLU B 168 -1.78 -2.93 28.33
CA GLU B 168 -1.87 -3.74 27.08
C GLU B 168 -0.75 -3.35 26.12
N ILE B 169 -0.55 -2.05 25.92
CA ILE B 169 0.52 -1.52 25.03
C ILE B 169 1.89 -1.91 25.56
N ALA B 170 2.13 -1.81 26.86
CA ALA B 170 3.41 -2.19 27.50
C ALA B 170 3.66 -3.69 27.33
N ASP B 171 2.64 -4.52 27.54
CA ASP B 171 2.73 -5.98 27.32
C ASP B 171 2.97 -6.29 25.84
N ALA B 172 2.41 -5.49 24.93
CA ALA B 172 2.68 -5.63 23.49
C ALA B 172 4.15 -5.30 23.21
N ALA B 173 4.67 -4.18 23.74
CA ALA B 173 6.08 -3.78 23.54
C ALA B 173 7.03 -4.84 24.16
N ALA B 174 6.73 -5.38 25.32
CA ALA B 174 7.53 -6.44 25.99
C ALA B 174 7.59 -7.69 25.08
N ALA B 175 6.45 -8.15 24.55
CA ALA B 175 6.38 -9.35 23.70
C ALA B 175 7.14 -9.08 22.40
N LEU B 176 6.98 -7.89 21.84
CA LEU B 176 7.76 -7.46 20.65
C LEU B 176 9.25 -7.48 21.01
N ALA B 177 9.64 -6.96 22.18
CA ALA B 177 11.04 -6.91 22.64
C ALA B 177 11.62 -8.33 22.70
N ARG B 178 10.86 -9.30 23.21
CA ARG B 178 11.31 -10.71 23.31
C ARG B 178 11.56 -11.28 21.90
N ASP B 179 10.67 -11.00 20.95
CA ASP B 179 10.87 -11.43 19.54
C ASP B 179 12.12 -10.76 18.96
N VAL B 180 12.41 -9.51 19.33
CA VAL B 180 13.63 -8.82 18.84
C VAL B 180 14.88 -9.51 19.43
N ALA B 181 14.88 -9.83 20.73
CA ALA B 181 16.04 -10.43 21.43
C ALA B 181 16.33 -11.82 20.83
N ALA B 182 15.28 -12.58 20.50
CA ALA B 182 15.38 -13.93 19.93
C ALA B 182 15.68 -13.86 18.43
N GLY B 183 15.74 -12.67 17.83
CA GLY B 183 16.08 -12.50 16.41
C GLY B 183 14.96 -12.89 15.46
N ARG B 184 13.71 -13.01 15.93
CA ARG B 184 12.52 -13.27 15.07
C ARG B 184 12.03 -11.96 14.43
N LEU B 185 12.53 -10.81 14.89
CA LEU B 185 12.04 -9.49 14.44
C LEU B 185 13.20 -8.49 14.42
N SER B 186 13.35 -7.72 13.34
CA SER B 186 14.36 -6.64 13.25
C SER B 186 13.86 -5.41 13.98
N PRO B 187 14.72 -4.71 14.76
CA PRO B 187 14.31 -3.49 15.44
C PRO B 187 14.09 -2.32 14.48
N ASN B 188 14.55 -2.44 13.23
CA ASN B 188 14.45 -1.35 12.22
C ASN B 188 13.12 -1.46 11.47
N ARG B 189 12.34 -2.51 11.70
CA ARG B 189 10.99 -2.70 11.09
C ARG B 189 9.91 -2.72 12.19
N VAL B 190 10.09 -1.99 13.30
CA VAL B 190 9.03 -1.89 14.36
C VAL B 190 8.15 -0.69 14.01
N THR B 191 6.93 -0.95 13.57
CA THR B 191 5.96 0.05 13.06
C THR B 191 4.67 -0.15 13.84
N GLU B 192 3.68 0.69 13.55
CA GLU B 192 2.35 0.61 14.16
C GLU B 192 1.69 -0.74 13.87
N ALA B 193 1.86 -1.32 12.66
CA ALA B 193 1.28 -2.65 12.32
C ALA B 193 2.01 -3.77 13.09
N THR B 194 3.30 -3.63 13.30
CA THR B 194 4.11 -4.60 14.10
C THR B 194 3.59 -4.60 15.54
N LEU B 195 3.48 -3.44 16.16
CA LEU B 195 3.03 -3.35 17.57
C LEU B 195 1.61 -3.90 17.66
N ALA B 196 0.73 -3.58 16.70
CA ALA B 196 -0.70 -4.01 16.74
C ALA B 196 -0.80 -5.54 16.81
N ARG B 197 0.14 -6.26 16.21
CA ARG B 197 0.12 -7.76 16.21
C ARG B 197 0.29 -8.32 17.62
N TYR B 198 0.81 -7.53 18.57
CA TYR B 198 1.13 -8.01 19.94
C TYR B 198 0.10 -7.54 20.98
N LEU B 199 -1.02 -6.95 20.53
CA LEU B 199 -2.14 -6.59 21.44
C LEU B 199 -2.75 -7.89 21.99
N TYR B 200 -3.58 -7.82 23.02
CA TYR B 200 -4.14 -9.04 23.66
C TYR B 200 -4.93 -9.84 22.62
N HIS B 201 -5.76 -9.20 21.80
CA HIS B 201 -6.61 -9.89 20.79
C HIS B 201 -6.49 -9.15 19.46
N PRO B 202 -5.39 -9.40 18.71
CA PRO B 202 -5.08 -8.62 17.51
C PRO B 202 -6.11 -8.77 16.39
N ASP B 203 -6.87 -9.87 16.43
CA ASP B 203 -7.94 -10.19 15.45
C ASP B 203 -9.17 -9.31 15.70
N ILE B 204 -9.31 -8.72 16.89
CA ILE B 204 -10.44 -7.79 17.16
C ILE B 204 -10.07 -6.44 16.55
N PRO B 205 -10.95 -5.85 15.70
CA PRO B 205 -10.66 -4.59 15.04
C PRO B 205 -10.81 -3.37 15.96
N ASP B 206 -10.43 -2.20 15.42
CA ASP B 206 -10.55 -0.89 16.10
C ASP B 206 -11.94 -0.70 16.68
N VAL B 207 -12.04 0.08 17.77
CA VAL B 207 -13.33 0.55 18.31
C VAL B 207 -13.88 1.63 17.38
N ASP B 208 -15.13 1.46 16.95
CA ASP B 208 -15.85 2.45 16.08
C ASP B 208 -16.60 3.40 16.98
N LEU B 209 -17.19 2.86 18.04
CA LEU B 209 -18.08 3.62 18.91
C LEU B 209 -17.71 3.30 20.35
N PHE B 210 -17.41 4.34 21.11
CA PHE B 210 -17.00 4.25 22.52
C PHE B 210 -18.09 4.92 23.33
N ILE B 211 -18.83 4.14 24.11
CA ILE B 211 -19.96 4.63 24.90
C ILE B 211 -19.48 4.73 26.35
N ARG B 212 -19.64 5.90 26.92
CA ARG B 212 -19.49 6.10 28.36
C ARG B 212 -20.90 6.21 28.93
N SER B 213 -21.33 5.21 29.70
CA SER B 213 -22.73 5.12 30.21
C SER B 213 -23.07 6.46 30.88
N SER B 214 -22.22 6.91 31.83
CA SER B 214 -22.50 8.03 32.75
C SER B 214 -22.10 9.38 32.09
N GLY B 215 -22.15 10.48 32.85
CA GLY B 215 -21.78 11.82 32.35
C GLY B 215 -20.26 12.08 32.34
N GLU B 216 -19.45 11.15 32.83
CA GLU B 216 -17.97 11.25 32.95
C GLU B 216 -17.34 11.24 31.56
N GLN B 217 -16.72 12.33 31.11
CA GLN B 217 -16.25 12.45 29.70
C GLN B 217 -14.74 12.12 29.60
N ARG B 218 -14.40 10.83 29.56
CA ARG B 218 -12.97 10.36 29.63
C ARG B 218 -12.87 8.90 29.16
N LEU B 219 -11.67 8.51 28.75
CA LEU B 219 -11.39 7.14 28.24
C LEU B 219 -11.17 6.22 29.44
N SER B 220 -10.65 6.76 30.53
CA SER B 220 -10.24 5.98 31.73
C SER B 220 -9.39 4.76 31.32
N ASN B 221 -8.46 4.96 30.38
CA ASN B 221 -7.40 3.94 30.08
C ASN B 221 -8.05 2.68 29.50
N PHE B 222 -9.12 2.83 28.70
CA PHE B 222 -9.88 1.69 28.11
C PHE B 222 -9.65 1.63 26.59
N LEU B 223 -9.07 0.51 26.13
CA LEU B 223 -8.82 0.24 24.69
C LEU B 223 -8.23 1.48 24.02
N LEU B 224 -7.16 1.95 24.59
CA LEU B 224 -6.43 3.18 24.18
C LEU B 224 -5.95 3.10 22.74
N TRP B 225 -5.15 2.09 22.40
CA TRP B 225 -4.67 1.96 21.01
C TRP B 225 -5.87 1.85 20.07
N GLN B 226 -6.84 1.03 20.44
CA GLN B 226 -7.97 0.60 19.58
C GLN B 226 -8.99 1.75 19.40
N SER B 227 -8.99 2.77 20.27
CA SER B 227 -10.04 3.82 20.31
C SER B 227 -9.55 5.11 19.64
N SER B 228 -8.38 5.08 19.04
CA SER B 228 -7.68 6.28 18.51
C SER B 228 -8.61 7.12 17.61
N TYR B 229 -9.43 6.46 16.81
CA TYR B 229 -10.33 7.07 15.79
C TYR B 229 -11.81 6.85 16.16
N ALA B 230 -12.13 6.36 17.36
CA ALA B 230 -13.50 6.02 17.79
C ALA B 230 -14.35 7.30 17.93
N GLU B 231 -15.64 7.18 17.62
CA GLU B 231 -16.68 8.17 18.02
C GLU B 231 -16.99 7.96 19.49
N PHE B 232 -17.01 9.04 20.27
CA PHE B 232 -17.40 9.02 21.69
C PHE B 232 -18.87 9.43 21.80
N VAL B 233 -19.66 8.65 22.52
CA VAL B 233 -21.06 8.98 22.89
C VAL B 233 -21.13 8.90 24.41
N PHE B 234 -21.41 10.04 25.04
CA PHE B 234 -21.61 10.21 26.50
C PHE B 234 -23.12 10.28 26.75
N LEU B 235 -23.68 9.25 27.39
CA LEU B 235 -25.09 9.24 27.88
C LEU B 235 -25.09 9.62 29.35
N ASP B 236 -26.24 9.88 29.96
CA ASP B 236 -26.32 10.31 31.38
C ASP B 236 -26.82 9.15 32.23
N THR B 237 -27.20 8.07 31.58
CA THR B 237 -27.71 6.81 32.19
C THR B 237 -26.59 6.17 33.02
N LEU B 238 -26.82 5.97 34.32
CA LEU B 238 -25.95 5.12 35.16
C LEU B 238 -26.10 3.69 34.68
N TRP B 239 -25.03 2.89 34.78
CA TRP B 239 -24.92 1.58 34.09
C TRP B 239 -26.07 0.64 34.48
N PRO B 240 -26.48 0.55 35.77
CA PRO B 240 -27.61 -0.31 36.13
C PRO B 240 -28.95 0.03 35.44
N ASP B 241 -29.13 1.27 34.96
CA ASP B 241 -30.34 1.70 34.19
C ASP B 241 -30.09 1.57 32.69
N PHE B 242 -28.89 1.15 32.28
CA PHE B 242 -28.52 0.99 30.85
C PHE B 242 -29.09 -0.34 30.37
N ASP B 243 -29.71 -0.36 29.19
CA ASP B 243 -30.25 -1.59 28.57
C ASP B 243 -30.10 -1.46 27.07
N ARG B 244 -30.65 -2.40 26.29
CA ARG B 244 -30.47 -2.47 24.82
C ARG B 244 -30.98 -1.18 24.15
N ARG B 245 -31.94 -0.47 24.75
CA ARG B 245 -32.52 0.75 24.10
C ARG B 245 -31.46 1.87 24.14
N HIS B 246 -30.76 2.04 25.25
CA HIS B 246 -29.62 3.00 25.38
C HIS B 246 -28.52 2.61 24.40
N PHE B 247 -28.21 1.32 24.27
CA PHE B 247 -27.19 0.82 23.32
C PHE B 247 -27.63 1.19 21.89
N TRP B 248 -28.90 0.94 21.57
CA TRP B 248 -29.49 1.22 20.24
C TRP B 248 -29.47 2.72 19.97
N GLN B 249 -29.77 3.53 20.97
CA GLN B 249 -29.71 5.01 20.87
C GLN B 249 -28.28 5.42 20.48
N ALA B 250 -27.26 4.91 21.19
CA ALA B 250 -25.84 5.24 20.94
C ALA B 250 -25.49 4.87 19.52
N CYS B 251 -25.91 3.69 19.05
CA CYS B 251 -25.67 3.24 17.65
C CYS B 251 -26.38 4.18 16.67
N GLU B 252 -27.58 4.68 17.02
CA GLU B 252 -28.35 5.66 16.17
C GLU B 252 -27.57 6.97 16.08
N ILE B 253 -27.07 7.47 17.20
CA ILE B 253 -26.21 8.69 17.24
C ILE B 253 -24.98 8.46 16.35
N TYR B 254 -24.37 7.27 16.42
CA TYR B 254 -23.18 6.90 15.63
C TYR B 254 -23.50 6.99 14.13
N ALA B 255 -24.65 6.42 13.73
CA ALA B 255 -25.10 6.35 12.31
C ALA B 255 -25.29 7.76 11.73
N ARG B 256 -25.78 8.70 12.52
CA ARG B 256 -25.97 10.14 12.13
C ARG B 256 -24.70 10.90 12.50
N ARG B 257 -23.59 10.69 11.78
CA ARG B 257 -22.28 11.32 12.11
C ARG B 257 -21.42 11.31 10.84
N PRO C 27 37.91 -5.98 -7.45
CA PRO C 27 36.45 -6.18 -7.63
C PRO C 27 35.89 -5.34 -8.78
N PRO C 28 34.92 -5.86 -9.55
CA PRO C 28 34.41 -5.13 -10.72
C PRO C 28 33.61 -3.87 -10.33
N GLN C 29 33.63 -2.88 -11.21
CA GLN C 29 32.99 -1.55 -11.00
C GLN C 29 31.57 -1.64 -11.54
N LEU C 30 30.61 -1.97 -10.67
CA LEU C 30 29.16 -2.07 -11.01
C LEU C 30 28.42 -0.94 -10.31
N PRO C 31 27.38 -0.35 -10.94
CA PRO C 31 26.50 0.56 -10.21
C PRO C 31 25.81 -0.14 -9.04
N ARG C 32 25.59 0.57 -7.93
CA ARG C 32 24.99 0.04 -6.68
C ARG C 32 23.67 -0.67 -7.00
N GLU C 33 22.84 -0.09 -7.88
CA GLU C 33 21.50 -0.61 -8.27
C GLU C 33 21.58 -2.06 -8.77
N LEU C 34 22.70 -2.44 -9.37
CA LEU C 34 22.84 -3.73 -10.10
C LEU C 34 23.70 -4.71 -9.30
N ILE C 35 24.11 -4.35 -8.08
CA ILE C 35 24.78 -5.30 -7.15
C ILE C 35 23.70 -6.07 -6.40
N PRO C 36 23.71 -7.42 -6.43
CA PRO C 36 22.70 -8.21 -5.72
C PRO C 36 22.76 -7.93 -4.22
N ARG C 37 21.61 -7.70 -3.60
CA ARG C 37 21.49 -7.52 -2.13
C ARG C 37 21.74 -8.88 -1.43
N HIS C 38 21.33 -9.98 -2.04
CA HIS C 38 21.39 -11.32 -1.41
C HIS C 38 21.82 -12.35 -2.45
N VAL C 39 22.96 -12.97 -2.22
CA VAL C 39 23.48 -14.05 -3.09
C VAL C 39 23.44 -15.34 -2.28
N ALA C 40 22.95 -16.40 -2.91
CA ALA C 40 22.87 -17.75 -2.31
C ALA C 40 23.76 -18.65 -3.14
N ILE C 41 24.59 -19.45 -2.47
CA ILE C 41 25.55 -20.35 -3.17
C ILE C 41 25.30 -21.77 -2.68
N VAL C 42 25.06 -22.67 -3.63
CA VAL C 42 25.14 -24.12 -3.41
C VAL C 42 26.59 -24.49 -3.71
N MET C 43 27.26 -25.02 -2.68
CA MET C 43 28.69 -25.37 -2.66
C MET C 43 28.81 -26.87 -2.97
N ASP C 44 28.57 -27.23 -4.24
CA ASP C 44 28.53 -28.65 -4.62
C ASP C 44 29.77 -29.00 -5.49
N GLY C 45 30.04 -30.31 -5.47
CA GLY C 45 31.06 -30.96 -6.29
C GLY C 45 32.31 -31.26 -5.49
N ASN C 46 32.29 -31.21 -4.15
CA ASN C 46 33.52 -31.38 -3.33
C ASN C 46 34.01 -32.82 -3.51
N GLY C 47 33.10 -33.79 -3.40
CA GLY C 47 33.38 -35.22 -3.62
C GLY C 47 33.87 -35.48 -5.02
N ARG C 48 33.07 -35.11 -6.02
CA ARG C 48 33.35 -35.28 -7.48
C ARG C 48 34.71 -34.68 -7.84
N TRP C 49 35.06 -33.54 -7.24
CA TRP C 49 36.32 -32.78 -7.47
C TRP C 49 37.49 -33.64 -7.03
N ALA C 50 37.39 -34.26 -5.86
CA ALA C 50 38.47 -35.04 -5.24
C ALA C 50 38.69 -36.34 -6.02
N LYS C 51 37.61 -36.92 -6.55
CA LYS C 51 37.66 -38.16 -7.36
C LYS C 51 38.46 -37.87 -8.65
N GLN C 52 38.13 -36.78 -9.35
CA GLN C 52 38.75 -36.36 -10.63
C GLN C 52 40.26 -36.13 -10.44
N ARG C 53 40.71 -35.89 -9.20
CA ARG C 53 42.10 -35.51 -8.89
C ARG C 53 42.77 -36.60 -8.05
N GLY C 54 42.15 -37.77 -7.91
CA GLY C 54 42.70 -38.87 -7.09
C GLY C 54 42.99 -38.44 -5.67
N LEU C 55 42.21 -37.51 -5.12
CA LEU C 55 42.29 -37.10 -3.68
C LEU C 55 41.13 -37.73 -2.92
N PRO C 56 41.26 -38.00 -1.61
CA PRO C 56 40.12 -38.42 -0.79
C PRO C 56 38.99 -37.38 -0.81
N ARG C 57 37.73 -37.83 -0.73
CA ARG C 57 36.50 -36.97 -0.74
C ARG C 57 36.65 -35.87 0.31
N THR C 58 37.16 -36.22 1.49
CA THR C 58 37.33 -35.29 2.64
C THR C 58 38.14 -34.06 2.23
N GLU C 59 39.11 -34.22 1.32
CA GLU C 59 40.02 -33.12 0.93
C GLU C 59 39.29 -32.11 0.06
N GLY C 60 38.34 -32.54 -0.76
CA GLY C 60 37.43 -31.67 -1.50
C GLY C 60 36.70 -30.70 -0.55
N HIS C 61 36.18 -31.23 0.55
CA HIS C 61 35.45 -30.41 1.55
C HIS C 61 36.45 -29.44 2.18
N LYS C 62 37.66 -29.92 2.53
CA LYS C 62 38.72 -29.06 3.15
C LYS C 62 39.05 -27.92 2.17
N ALA C 63 39.16 -28.21 0.88
CA ALA C 63 39.45 -27.21 -0.18
C ALA C 63 38.26 -26.24 -0.27
N GLY C 64 37.03 -26.75 -0.12
CA GLY C 64 35.78 -25.97 -0.06
C GLY C 64 35.79 -24.88 1.00
N GLU C 65 36.42 -25.12 2.14
CA GLU C 65 36.49 -24.14 3.24
C GLU C 65 37.13 -22.85 2.71
N SER C 66 38.26 -22.94 2.00
CA SER C 66 39.01 -21.73 1.56
C SER C 66 38.18 -21.03 0.48
N SER C 67 37.50 -21.79 -0.39
CA SER C 67 36.56 -21.21 -1.39
C SER C 67 35.56 -20.29 -0.66
N LEU C 68 34.96 -20.77 0.42
CA LEU C 68 33.88 -20.04 1.15
C LEU C 68 34.45 -18.74 1.72
N PHE C 69 35.60 -18.78 2.39
CA PHE C 69 36.21 -17.57 3.02
C PHE C 69 36.68 -16.61 1.93
N ASP C 70 37.09 -17.13 0.79
CA ASP C 70 37.47 -16.26 -0.34
C ASP C 70 36.22 -15.56 -0.88
N VAL C 71 35.13 -16.31 -1.07
CA VAL C 71 33.83 -15.75 -1.53
C VAL C 71 33.31 -14.74 -0.51
N ILE C 72 33.45 -15.01 0.78
CA ILE C 72 33.05 -14.05 1.85
C ILE C 72 33.83 -12.74 1.67
N GLU C 73 35.15 -12.82 1.43
CA GLU C 73 36.01 -11.63 1.18
C GLU C 73 35.50 -10.90 -0.07
N GLY C 74 35.23 -11.65 -1.15
CA GLY C 74 34.65 -11.11 -2.40
C GLY C 74 33.35 -10.35 -2.15
N ALA C 75 32.47 -10.88 -1.32
CA ALA C 75 31.18 -10.22 -1.01
C ALA C 75 31.45 -8.94 -0.20
N LEU C 76 32.34 -9.01 0.80
CA LEU C 76 32.72 -7.83 1.64
C LEU C 76 33.26 -6.71 0.73
N GLU C 77 34.15 -7.03 -0.20
CA GLU C 77 34.81 -6.04 -1.09
C GLU C 77 33.78 -5.40 -2.02
N LEU C 78 32.88 -6.21 -2.61
CA LEU C 78 31.88 -5.71 -3.58
C LEU C 78 30.73 -4.99 -2.86
N GLY C 79 30.55 -5.24 -1.56
CA GLY C 79 29.44 -4.69 -0.76
C GLY C 79 28.12 -5.44 -0.95
N VAL C 80 28.16 -6.77 -1.09
CA VAL C 80 26.95 -7.62 -1.02
C VAL C 80 26.61 -7.81 0.46
N PRO C 81 25.46 -7.28 0.94
CA PRO C 81 25.12 -7.36 2.36
C PRO C 81 24.64 -8.73 2.89
N TYR C 82 24.18 -9.63 2.01
CA TYR C 82 23.67 -10.97 2.42
C TYR C 82 24.27 -12.07 1.56
N LEU C 83 24.90 -13.04 2.24
CA LEU C 83 25.37 -14.27 1.57
C LEU C 83 24.82 -15.50 2.31
N SER C 84 24.18 -16.41 1.57
CA SER C 84 23.66 -17.69 2.13
C SER C 84 24.47 -18.82 1.52
N ALA C 85 24.92 -19.75 2.34
CA ALA C 85 25.76 -20.89 1.90
C ALA C 85 25.08 -22.18 2.37
N TYR C 86 24.87 -23.09 1.45
CA TYR C 86 24.27 -24.41 1.71
C TYR C 86 25.38 -25.35 2.16
N ALA C 87 25.66 -25.38 3.46
CA ALA C 87 26.77 -26.14 4.07
C ALA C 87 26.35 -27.61 4.25
N PHE C 88 25.11 -27.87 4.68
CA PHE C 88 24.65 -29.23 5.06
C PHE C 88 23.13 -29.34 4.88
N SER C 89 22.74 -30.13 3.91
CA SER C 89 21.34 -30.37 3.47
C SER C 89 20.67 -31.41 4.37
N THR C 90 19.36 -31.26 4.62
CA THR C 90 18.48 -32.30 5.22
C THR C 90 18.69 -33.64 4.48
N GLU C 91 18.97 -33.59 3.18
CA GLU C 91 19.08 -34.76 2.28
C GLU C 91 20.47 -35.42 2.42
N ASN C 92 21.44 -34.76 3.07
CA ASN C 92 22.78 -35.34 3.35
C ASN C 92 22.72 -36.49 4.38
N TRP C 93 21.66 -36.59 5.20
CA TRP C 93 21.46 -37.73 6.15
C TRP C 93 21.32 -39.06 5.40
N LYS C 94 20.97 -39.05 4.10
CA LYS C 94 20.84 -40.26 3.25
C LYS C 94 22.22 -40.77 2.79
N ARG C 95 23.28 -39.98 2.96
CA ARG C 95 24.67 -40.39 2.58
C ARG C 95 25.21 -41.34 3.66
N SER C 96 26.39 -41.91 3.45
CA SER C 96 26.96 -42.98 4.32
C SER C 96 27.17 -42.43 5.74
N PRO C 97 27.07 -43.29 6.78
CA PRO C 97 27.35 -42.86 8.16
C PRO C 97 28.68 -42.11 8.33
N ASP C 98 29.73 -42.56 7.64
CA ASP C 98 31.11 -42.01 7.75
C ASP C 98 31.14 -40.58 7.18
N GLU C 99 30.51 -40.36 6.02
CA GLU C 99 30.46 -39.04 5.35
C GLU C 99 29.62 -38.07 6.21
N VAL C 100 28.53 -38.52 6.84
CA VAL C 100 27.68 -37.66 7.72
C VAL C 100 28.51 -37.26 8.95
N ARG C 101 29.15 -38.23 9.60
CA ARG C 101 30.04 -38.01 10.78
C ARG C 101 31.12 -36.98 10.42
N PHE C 102 31.75 -37.11 9.25
CA PHE C 102 32.81 -36.19 8.78
C PHE C 102 32.25 -34.79 8.55
N LEU C 103 31.12 -34.67 7.84
CA LEU C 103 30.53 -33.35 7.45
C LEU C 103 30.06 -32.57 8.68
N MET C 104 29.59 -33.27 9.70
CA MET C 104 29.15 -32.64 10.97
C MET C 104 30.38 -32.08 11.68
N GLY C 105 31.38 -32.94 11.94
CA GLY C 105 32.64 -32.55 12.60
C GLY C 105 33.31 -31.41 11.86
N PHE C 106 33.30 -31.45 10.53
CA PHE C 106 34.05 -30.50 9.67
C PHE C 106 33.38 -29.12 9.72
N ASN C 107 32.05 -29.06 9.54
CA ASN C 107 31.31 -27.76 9.57
C ASN C 107 31.48 -27.14 10.97
N ARG C 108 31.49 -27.97 12.02
CA ARG C 108 31.76 -27.54 13.42
C ARG C 108 33.14 -26.91 13.51
N ASP C 109 34.17 -27.61 13.03
CA ASP C 109 35.59 -27.19 13.19
C ASP C 109 35.82 -25.92 12.38
N VAL C 110 35.25 -25.82 11.18
CA VAL C 110 35.38 -24.59 10.34
C VAL C 110 34.86 -23.39 11.14
N ILE C 111 33.66 -23.51 11.72
CA ILE C 111 32.98 -22.35 12.37
C ILE C 111 33.79 -21.96 13.60
N ARG C 112 34.24 -22.94 14.40
CA ARG C 112 35.09 -22.68 15.61
C ARG C 112 36.36 -21.93 15.20
N ARG C 113 37.06 -22.41 14.17
CA ARG C 113 38.41 -21.89 13.85
C ARG C 113 38.30 -20.54 13.14
N ARG C 114 37.17 -20.21 12.53
CA ARG C 114 37.03 -18.99 11.67
C ARG C 114 36.21 -17.90 12.36
N ARG C 115 35.57 -18.17 13.49
CA ARG C 115 34.57 -17.23 14.07
C ARG C 115 35.24 -15.91 14.44
N ASP C 116 36.46 -15.94 14.98
CA ASP C 116 37.21 -14.70 15.37
C ASP C 116 37.48 -13.84 14.12
N GLU C 117 37.97 -14.45 13.05
CA GLU C 117 38.18 -13.77 11.74
C GLU C 117 36.84 -13.16 11.28
N LEU C 118 35.76 -13.94 11.32
CA LEU C 118 34.42 -13.46 10.88
C LEU C 118 34.00 -12.29 11.78
N HIS C 119 34.15 -12.44 13.11
CA HIS C 119 33.86 -11.35 14.08
C HIS C 119 34.65 -10.10 13.67
N ALA C 120 35.95 -10.24 13.40
CA ALA C 120 36.87 -9.13 13.10
C ALA C 120 36.47 -8.45 11.79
N ARG C 121 36.03 -9.20 10.79
CA ARG C 121 35.69 -8.65 9.45
C ARG C 121 34.27 -8.06 9.44
N GLY C 122 33.52 -8.10 10.55
CA GLY C 122 32.15 -7.53 10.64
C GLY C 122 31.10 -8.42 10.00
N VAL C 123 31.35 -9.74 9.97
CA VAL C 123 30.39 -10.75 9.43
C VAL C 123 29.50 -11.21 10.58
N ARG C 124 28.18 -11.07 10.41
CA ARG C 124 27.18 -11.65 11.33
C ARG C 124 26.80 -13.05 10.84
N VAL C 125 27.10 -14.07 11.65
CA VAL C 125 26.75 -15.49 11.35
C VAL C 125 25.32 -15.75 11.80
N ARG C 126 24.48 -16.25 10.90
CA ARG C 126 23.08 -16.66 11.24
C ARG C 126 22.94 -18.13 10.83
N TRP C 127 22.66 -19.00 11.78
CA TRP C 127 22.45 -20.43 11.48
C TRP C 127 21.00 -20.64 11.03
N ALA C 128 20.80 -21.16 9.82
CA ALA C 128 19.50 -21.56 9.26
C ALA C 128 19.46 -23.08 9.18
N GLY C 129 18.43 -23.67 9.78
CA GLY C 129 18.20 -25.11 9.80
C GLY C 129 17.53 -25.53 11.09
N ARG C 130 17.44 -26.85 11.28
CA ARG C 130 16.81 -27.53 12.42
C ARG C 130 17.90 -28.16 13.27
N PRO C 131 17.73 -28.19 14.60
CA PRO C 131 18.64 -28.92 15.48
C PRO C 131 18.60 -30.42 15.16
N GLY C 132 17.42 -30.99 14.95
CA GLY C 132 17.25 -32.39 14.50
C GLY C 132 18.28 -33.34 15.13
N ARG C 133 19.00 -34.11 14.31
CA ARG C 133 19.96 -35.14 14.77
C ARG C 133 21.39 -34.58 14.88
N LEU C 134 21.58 -33.27 14.72
CA LEU C 134 22.95 -32.67 14.78
C LEU C 134 23.54 -32.94 16.16
N TRP C 135 24.83 -33.24 16.22
CA TRP C 135 25.59 -33.31 17.50
C TRP C 135 25.39 -32.01 18.28
N LYS C 136 25.37 -32.12 19.61
CA LYS C 136 25.28 -30.98 20.55
C LYS C 136 26.43 -30.01 20.26
N SER C 137 27.63 -30.53 19.99
CA SER C 137 28.87 -29.74 19.76
C SER C 137 28.70 -28.90 18.49
N VAL C 138 28.02 -29.41 17.45
CA VAL C 138 27.78 -28.64 16.20
C VAL C 138 26.83 -27.46 16.51
N ILE C 139 25.72 -27.75 17.20
CA ILE C 139 24.70 -26.74 17.61
C ILE C 139 25.40 -25.66 18.45
N LYS C 140 26.24 -26.08 19.41
CA LYS C 140 26.93 -25.18 20.36
C LYS C 140 27.81 -24.20 19.56
N GLU C 141 28.67 -24.68 18.67
CA GLU C 141 29.58 -23.82 17.85
C GLU C 141 28.75 -22.86 17.00
N LEU C 142 27.68 -23.35 16.37
CA LEU C 142 26.80 -22.48 15.54
C LEU C 142 26.21 -21.37 16.41
N THR C 143 25.63 -21.77 17.55
CA THR C 143 24.93 -20.86 18.51
C THR C 143 25.92 -19.82 19.04
N GLU C 144 27.14 -20.23 19.38
CA GLU C 144 28.19 -19.33 19.94
C GLU C 144 28.67 -18.38 18.86
N ALA C 145 28.87 -18.86 17.62
CA ALA C 145 29.26 -17.98 16.48
C ALA C 145 28.18 -16.93 16.27
N GLU C 146 26.89 -17.30 16.35
CA GLU C 146 25.75 -16.34 16.26
C GLU C 146 25.87 -15.29 17.38
N GLU C 147 26.05 -15.73 18.63
CA GLU C 147 26.11 -14.86 19.84
C GLU C 147 27.27 -13.89 19.70
N LEU C 148 28.46 -14.41 19.35
CA LEU C 148 29.70 -13.62 19.18
C LEU C 148 29.47 -12.49 18.16
N THR C 149 28.78 -12.76 17.05
CA THR C 149 28.80 -11.88 15.85
C THR C 149 27.49 -11.11 15.70
N LYS C 150 26.57 -11.19 16.68
CA LYS C 150 25.17 -10.73 16.48
C LYS C 150 25.07 -9.21 16.31
N HIS C 151 26.08 -8.42 16.70
CA HIS C 151 26.06 -6.93 16.54
C HIS C 151 26.76 -6.51 15.25
N ASN C 152 27.38 -7.43 14.50
CA ASN C 152 28.03 -7.12 13.20
C ASN C 152 26.97 -6.77 12.14
N THR C 153 27.34 -5.96 11.15
CA THR C 153 26.41 -5.44 10.11
C THR C 153 27.03 -5.36 8.70
N LYS C 154 28.31 -5.68 8.51
CA LYS C 154 28.95 -5.50 7.18
C LYS C 154 28.42 -6.56 6.20
N LEU C 155 28.37 -7.82 6.66
CA LEU C 155 27.86 -8.97 5.85
C LEU C 155 27.09 -9.90 6.78
N THR C 156 25.89 -10.30 6.38
CA THR C 156 25.15 -11.39 7.03
C THR C 156 25.46 -12.68 6.28
N LEU C 157 26.11 -13.63 6.95
CA LEU C 157 26.34 -14.99 6.44
C LEU C 157 25.26 -15.93 6.97
N GLN C 158 24.31 -16.34 6.12
CA GLN C 158 23.27 -17.32 6.49
C GLN C 158 23.89 -18.70 6.22
N PHE C 159 24.35 -19.34 7.27
CA PHE C 159 25.08 -20.63 7.21
C PHE C 159 24.03 -21.72 7.41
N CYS C 160 23.69 -22.41 6.33
CA CYS C 160 22.55 -23.35 6.29
C CYS C 160 23.05 -24.77 6.57
N VAL C 161 22.80 -25.24 7.79
CA VAL C 161 23.26 -26.53 8.33
C VAL C 161 22.04 -27.30 8.83
N ASN C 162 21.84 -28.51 8.31
CA ASN C 162 20.63 -29.33 8.54
C ASN C 162 19.42 -28.50 8.09
N TYR C 163 19.55 -27.93 6.89
CA TYR C 163 18.57 -27.01 6.26
C TYR C 163 17.87 -27.70 5.09
N GLY C 164 16.57 -27.43 4.94
CA GLY C 164 15.79 -27.73 3.74
C GLY C 164 14.71 -26.67 3.54
N GLY C 165 14.44 -26.29 2.29
CA GLY C 165 13.47 -25.24 1.96
C GLY C 165 12.07 -25.65 2.37
N ARG C 166 11.68 -26.87 2.03
CA ARG C 166 10.37 -27.43 2.45
C ARG C 166 10.28 -27.53 3.97
N ALA C 167 11.32 -27.96 4.65
CA ALA C 167 11.36 -28.06 6.12
C ALA C 167 11.17 -26.66 6.71
N GLU C 168 11.78 -25.63 6.13
CA GLU C 168 11.66 -24.24 6.64
C GLU C 168 10.20 -23.78 6.50
N ILE C 169 9.58 -24.04 5.36
CA ILE C 169 8.17 -23.65 5.09
C ILE C 169 7.22 -24.43 6.03
N ALA C 170 7.48 -25.72 6.25
CA ALA C 170 6.68 -26.57 7.17
C ALA C 170 6.83 -26.03 8.62
N ASP C 171 8.04 -25.68 9.02
CA ASP C 171 8.31 -25.09 10.37
C ASP C 171 7.62 -23.72 10.46
N ALA C 172 7.55 -22.96 9.37
CA ALA C 172 6.81 -21.68 9.35
C ALA C 172 5.32 -21.96 9.53
N ALA C 173 4.75 -22.93 8.81
CA ALA C 173 3.32 -23.27 8.92
C ALA C 173 2.98 -23.77 10.34
N ALA C 174 3.85 -24.58 10.94
CA ALA C 174 3.70 -25.09 12.33
C ALA C 174 3.65 -23.90 13.31
N ALA C 175 4.61 -22.97 13.22
CA ALA C 175 4.69 -21.79 14.11
C ALA C 175 3.45 -20.91 13.91
N LEU C 176 3.03 -20.72 12.66
CA LEU C 176 1.79 -19.99 12.34
C LEU C 176 0.60 -20.74 12.99
N ALA C 177 0.55 -22.07 12.87
CA ALA C 177 -0.54 -22.91 13.43
C ALA C 177 -0.62 -22.71 14.96
N ARG C 178 0.52 -22.67 15.65
CA ARG C 178 0.59 -22.45 17.11
C ARG C 178 -0.01 -21.07 17.47
N ASP C 179 0.31 -20.04 16.69
CA ASP C 179 -0.25 -18.68 16.90
C ASP C 179 -1.75 -18.71 16.67
N VAL C 180 -2.24 -19.49 15.71
CA VAL C 180 -3.70 -19.58 15.45
C VAL C 180 -4.38 -20.28 16.65
N ALA C 181 -3.80 -21.38 17.17
CA ALA C 181 -4.39 -22.17 18.28
C ALA C 181 -4.45 -21.30 19.55
N ALA C 182 -3.43 -20.49 19.79
CA ALA C 182 -3.31 -19.59 20.96
C ALA C 182 -4.14 -18.32 20.75
N GLY C 183 -4.79 -18.15 19.59
CA GLY C 183 -5.66 -16.98 19.32
C GLY C 183 -4.90 -15.68 19.08
N ARG C 184 -3.60 -15.74 18.78
CA ARG C 184 -2.75 -14.56 18.43
C ARG C 184 -2.92 -14.21 16.95
N LEU C 185 -3.57 -15.07 16.16
CA LEU C 185 -3.66 -14.91 14.68
C LEU C 185 -4.98 -15.47 14.17
N SER C 186 -5.70 -14.73 13.33
CA SER C 186 -6.93 -15.21 12.67
C SER C 186 -6.57 -16.09 11.47
N PRO C 187 -7.27 -17.23 11.27
CA PRO C 187 -7.00 -18.09 10.13
C PRO C 187 -7.51 -17.48 8.82
N ASN C 188 -8.32 -16.43 8.88
CA ASN C 188 -8.95 -15.82 7.68
C ASN C 188 -8.02 -14.74 7.12
N ARG C 189 -6.93 -14.40 7.83
CA ARG C 189 -5.91 -13.42 7.39
C ARG C 189 -4.54 -14.12 7.25
N VAL C 190 -4.51 -15.39 6.83
CA VAL C 190 -3.21 -16.08 6.52
C VAL C 190 -2.91 -15.83 5.04
N THR C 191 -1.88 -15.03 4.78
CA THR C 191 -1.43 -14.59 3.44
C THR C 191 0.04 -14.96 3.31
N GLU C 192 0.61 -14.67 2.14
CA GLU C 192 2.06 -14.80 1.85
C GLU C 192 2.85 -14.04 2.93
N ALA C 193 2.48 -12.80 3.23
CA ALA C 193 3.23 -11.95 4.20
C ALA C 193 3.18 -12.59 5.59
N THR C 194 2.04 -13.15 5.96
CA THR C 194 1.86 -13.83 7.28
C THR C 194 2.82 -15.01 7.35
N LEU C 195 2.82 -15.88 6.35
CA LEU C 195 3.70 -17.07 6.37
C LEU C 195 5.16 -16.61 6.39
N ALA C 196 5.54 -15.59 5.61
CA ALA C 196 6.94 -15.11 5.50
C ALA C 196 7.48 -14.69 6.88
N ARG C 197 6.61 -14.19 7.77
CA ARG C 197 7.05 -13.72 9.11
C ARG C 197 7.56 -14.90 9.95
N TYR C 198 7.23 -16.13 9.59
CA TYR C 198 7.58 -17.34 10.38
C TYR C 198 8.74 -18.12 9.77
N LEU C 199 9.42 -17.58 8.75
CA LEU C 199 10.65 -18.21 8.20
C LEU C 199 11.76 -18.15 9.23
N TYR C 200 12.86 -18.87 9.05
CA TYR C 200 13.94 -18.96 10.07
C TYR C 200 14.49 -17.57 10.40
N HIS C 201 14.76 -16.74 9.41
CA HIS C 201 15.35 -15.38 9.57
C HIS C 201 14.57 -14.41 8.71
N PRO C 202 13.39 -13.95 9.18
CA PRO C 202 12.47 -13.20 8.34
C PRO C 202 13.03 -11.82 7.94
N ASP C 203 14.01 -11.32 8.70
CA ASP C 203 14.71 -10.04 8.43
C ASP C 203 15.65 -10.18 7.22
N ILE C 204 16.05 -11.40 6.85
CA ILE C 204 16.88 -11.61 5.64
C ILE C 204 15.98 -11.55 4.41
N PRO C 205 16.30 -10.70 3.42
CA PRO C 205 15.43 -10.52 2.26
C PRO C 205 15.54 -11.68 1.25
N ASP C 206 14.67 -11.64 0.24
CA ASP C 206 14.65 -12.59 -0.90
C ASP C 206 16.05 -12.77 -1.47
N VAL C 207 16.32 -13.94 -2.05
CA VAL C 207 17.54 -14.19 -2.86
C VAL C 207 17.37 -13.48 -4.21
N ASP C 208 18.37 -12.67 -4.57
CA ASP C 208 18.40 -11.96 -5.88
C ASP C 208 19.12 -12.83 -6.90
N LEU C 209 20.19 -13.47 -6.43
CA LEU C 209 21.08 -14.24 -7.32
C LEU C 209 21.38 -15.56 -6.64
N PHE C 210 21.11 -16.64 -7.37
CA PHE C 210 21.28 -18.03 -6.88
C PHE C 210 22.35 -18.65 -7.75
N ILE C 211 23.51 -18.94 -7.16
CA ILE C 211 24.67 -19.48 -7.89
C ILE C 211 24.76 -20.96 -7.57
N ARG C 212 24.75 -21.79 -8.60
CA ARG C 212 25.06 -23.21 -8.46
C ARG C 212 26.46 -23.39 -9.00
N SER C 213 27.42 -23.71 -8.12
CA SER C 213 28.86 -23.77 -8.47
C SER C 213 29.01 -24.70 -9.68
N SER C 214 28.50 -25.93 -9.57
CA SER C 214 28.77 -27.05 -10.50
C SER C 214 27.78 -27.00 -11.67
N GLY C 215 27.79 -28.03 -12.53
CA GLY C 215 26.92 -28.12 -13.71
C GLY C 215 25.53 -28.65 -13.41
N GLU C 216 25.24 -29.05 -12.17
CA GLU C 216 23.91 -29.57 -11.71
C GLU C 216 22.88 -28.43 -11.71
N GLN C 217 21.85 -28.49 -12.57
CA GLN C 217 20.92 -27.35 -12.77
C GLN C 217 19.63 -27.58 -11.94
N ARG C 218 19.68 -27.27 -10.64
CA ARG C 218 18.54 -27.48 -9.70
C ARG C 218 18.70 -26.60 -8.46
N LEU C 219 17.59 -26.38 -7.75
CA LEU C 219 17.56 -25.61 -6.48
C LEU C 219 18.05 -26.51 -5.35
N SER C 220 17.80 -27.81 -5.47
CA SER C 220 18.11 -28.82 -4.43
C SER C 220 17.54 -28.35 -3.08
N ASN C 221 16.32 -27.80 -3.09
CA ASN C 221 15.57 -27.55 -1.83
C ASN C 221 16.29 -26.50 -1.00
N PHE C 222 16.87 -25.48 -1.63
CA PHE C 222 17.68 -24.42 -0.96
C PHE C 222 16.95 -23.07 -1.08
N LEU C 223 16.62 -22.49 0.06
CA LEU C 223 15.93 -21.16 0.17
C LEU C 223 14.81 -21.07 -0.86
N LEU C 224 13.92 -22.05 -0.80
CA LEU C 224 12.82 -22.24 -1.76
C LEU C 224 11.87 -21.03 -1.71
N TRP C 225 11.34 -20.66 -0.56
CA TRP C 225 10.42 -19.51 -0.51
C TRP C 225 11.15 -18.26 -1.03
N GLN C 226 12.38 -18.06 -0.55
CA GLN C 226 13.18 -16.83 -0.76
C GLN C 226 13.69 -16.72 -2.21
N SER C 227 13.70 -17.81 -2.99
CA SER C 227 14.35 -17.88 -4.33
C SER C 227 13.32 -17.82 -5.43
N SER C 228 12.06 -17.58 -5.07
CA SER C 228 10.89 -17.58 -5.99
C SER C 228 11.19 -16.75 -7.25
N TYR C 229 11.83 -15.59 -7.06
CA TYR C 229 12.09 -14.62 -8.16
C TYR C 229 13.61 -14.43 -8.37
N ALA C 230 14.45 -15.32 -7.86
CA ALA C 230 15.93 -15.24 -7.99
C ALA C 230 16.35 -15.48 -9.45
N GLU C 231 17.42 -14.80 -9.86
CA GLU C 231 18.19 -15.13 -11.09
C GLU C 231 19.08 -16.33 -10.76
N PHE C 232 19.06 -17.35 -11.61
CA PHE C 232 19.95 -18.52 -11.49
C PHE C 232 21.16 -18.32 -12.41
N VAL C 233 22.35 -18.52 -11.88
CA VAL C 233 23.61 -18.61 -12.67
C VAL C 233 24.23 -19.97 -12.35
N PHE C 234 24.35 -20.82 -13.37
CA PHE C 234 25.00 -22.15 -13.31
C PHE C 234 26.41 -22.01 -13.90
N LEU C 235 27.44 -22.16 -13.06
CA LEU C 235 28.86 -22.20 -13.50
C LEU C 235 29.27 -23.68 -13.58
N ASP C 236 30.44 -23.93 -14.16
CA ASP C 236 30.96 -25.32 -14.34
C ASP C 236 32.08 -25.54 -13.32
N THR C 237 32.48 -24.50 -12.60
CA THR C 237 33.52 -24.57 -11.56
C THR C 237 33.03 -25.44 -10.39
N LEU C 238 33.73 -26.52 -10.07
CA LEU C 238 33.44 -27.30 -8.84
C LEU C 238 33.84 -26.42 -7.65
N TRP C 239 33.17 -26.58 -6.52
CA TRP C 239 33.22 -25.62 -5.39
C TRP C 239 34.65 -25.41 -4.90
N PRO C 240 35.47 -26.48 -4.74
CA PRO C 240 36.87 -26.31 -4.34
C PRO C 240 37.72 -25.37 -5.22
N ASP C 241 37.36 -25.21 -6.50
CA ASP C 241 38.05 -24.30 -7.47
C ASP C 241 37.37 -22.93 -7.51
N PHE C 242 36.28 -22.75 -6.75
CA PHE C 242 35.49 -21.50 -6.73
C PHE C 242 36.21 -20.51 -5.82
N ASP C 243 36.33 -19.24 -6.22
CA ASP C 243 36.89 -18.16 -5.37
C ASP C 243 36.17 -16.85 -5.70
N ARG C 244 36.62 -15.72 -5.15
CA ARG C 244 35.92 -14.41 -5.27
C ARG C 244 35.76 -14.01 -6.74
N ARG C 245 36.64 -14.46 -7.64
CA ARG C 245 36.58 -14.07 -9.08
C ARG C 245 35.32 -14.69 -9.70
N HIS C 246 35.07 -15.98 -9.42
CA HIS C 246 33.85 -16.69 -9.88
C HIS C 246 32.60 -16.01 -9.30
N PHE C 247 32.64 -15.63 -8.03
CA PHE C 247 31.53 -14.91 -7.35
C PHE C 247 31.28 -13.58 -8.06
N TRP C 248 32.37 -12.84 -8.35
CA TRP C 248 32.30 -11.52 -9.03
C TRP C 248 31.75 -11.71 -10.45
N GLN C 249 32.17 -12.75 -11.15
CA GLN C 249 31.66 -13.09 -12.50
C GLN C 249 30.13 -13.26 -12.43
N ALA C 250 29.64 -14.06 -11.48
CA ALA C 250 28.20 -14.33 -11.31
C ALA C 250 27.46 -13.01 -11.06
N CYS C 251 28.02 -12.13 -10.22
CA CYS C 251 27.43 -10.80 -9.93
C CYS C 251 27.42 -9.96 -11.22
N GLU C 252 28.46 -10.08 -12.06
CA GLU C 252 28.55 -9.34 -13.36
C GLU C 252 27.44 -9.83 -14.30
N ILE C 253 27.27 -11.16 -14.40
CA ILE C 253 26.18 -11.77 -15.22
C ILE C 253 24.84 -11.24 -14.71
N TYR C 254 24.66 -11.17 -13.39
CA TYR C 254 23.41 -10.68 -12.74
C TYR C 254 23.14 -9.24 -13.16
N ALA C 255 24.16 -8.39 -13.12
CA ALA C 255 24.06 -6.94 -13.44
C ALA C 255 23.63 -6.71 -14.90
N ARG C 256 24.07 -7.56 -15.83
CA ARG C 256 23.72 -7.47 -17.27
C ARG C 256 22.20 -7.65 -17.39
N ARG C 257 21.67 -8.83 -17.10
CA ARG C 257 20.20 -9.10 -17.05
C ARG C 257 19.48 -7.89 -16.43
N ARG D 26 8.79 -37.83 -35.12
CA ARG D 26 8.90 -39.13 -34.39
C ARG D 26 9.49 -38.89 -32.99
N PRO D 27 8.81 -39.34 -31.91
CA PRO D 27 9.30 -39.13 -30.55
C PRO D 27 10.54 -39.96 -30.24
N PRO D 28 11.49 -39.45 -29.43
CA PRO D 28 12.74 -40.16 -29.16
C PRO D 28 12.54 -41.44 -28.33
N GLN D 29 13.43 -42.40 -28.55
CA GLN D 29 13.41 -43.75 -27.91
C GLN D 29 14.16 -43.68 -26.58
N LEU D 30 13.45 -43.39 -25.50
CA LEU D 30 14.01 -43.29 -24.12
C LEU D 30 13.46 -44.44 -23.30
N PRO D 31 14.26 -45.04 -22.39
CA PRO D 31 13.70 -46.00 -21.42
C PRO D 31 12.65 -45.32 -20.53
N ARG D 32 11.62 -46.05 -20.12
CA ARG D 32 10.47 -45.51 -19.32
C ARG D 32 11.00 -44.84 -18.05
N GLU D 33 12.02 -45.44 -17.40
CA GLU D 33 12.64 -44.94 -16.14
C GLU D 33 13.10 -43.48 -16.28
N LEU D 34 13.50 -43.06 -17.48
CA LEU D 34 14.17 -41.76 -17.71
C LEU D 34 13.23 -40.79 -18.41
N ILE D 35 11.95 -41.14 -18.58
CA ILE D 35 10.92 -40.18 -19.06
C ILE D 35 10.37 -39.43 -17.84
N PRO D 36 10.39 -38.09 -17.83
CA PRO D 36 9.89 -37.33 -16.68
C PRO D 36 8.38 -37.59 -16.50
N ARG D 37 7.96 -37.88 -15.28
CA ARG D 37 6.53 -38.09 -14.91
C ARG D 37 5.78 -36.75 -14.98
N HIS D 38 6.45 -35.64 -14.63
CA HIS D 38 5.80 -34.31 -14.56
C HIS D 38 6.75 -33.27 -15.14
N VAL D 39 6.31 -32.60 -16.19
CA VAL D 39 7.06 -31.51 -16.83
C VAL D 39 6.27 -30.24 -16.59
N ALA D 40 6.96 -29.17 -16.20
CA ALA D 40 6.38 -27.83 -16.03
C ALA D 40 7.02 -26.91 -17.07
N ILE D 41 6.23 -26.06 -17.73
CA ILE D 41 6.73 -25.16 -18.79
C ILE D 41 6.31 -23.73 -18.50
N VAL D 42 7.28 -22.83 -18.49
CA VAL D 42 7.04 -21.36 -18.55
C VAL D 42 7.12 -20.98 -20.04
N MET D 43 6.04 -20.39 -20.54
CA MET D 43 5.82 -20.06 -21.98
C MET D 43 6.13 -18.58 -22.20
N ASP D 44 7.40 -18.22 -22.21
CA ASP D 44 7.82 -16.79 -22.30
C ASP D 44 8.50 -16.50 -23.65
N GLY D 45 8.50 -15.22 -24.04
CA GLY D 45 9.15 -14.70 -25.26
C GLY D 45 8.15 -14.37 -26.36
N ASN D 46 6.85 -14.37 -26.06
CA ASN D 46 5.76 -14.11 -27.02
C ASN D 46 5.89 -12.68 -27.52
N GLY D 47 6.05 -11.73 -26.61
CA GLY D 47 6.24 -10.29 -26.94
C GLY D 47 7.49 -10.07 -27.77
N ARG D 48 8.64 -10.51 -27.26
CA ARG D 48 9.99 -10.37 -27.90
C ARG D 48 9.96 -10.96 -29.31
N TRP D 49 9.23 -12.06 -29.50
CA TRP D 49 9.11 -12.78 -30.80
C TRP D 49 8.39 -11.89 -31.82
N ALA D 50 7.30 -11.25 -31.40
CA ALA D 50 6.47 -10.37 -32.26
C ALA D 50 7.26 -9.10 -32.61
N LYS D 51 8.08 -8.60 -31.69
CA LYS D 51 8.90 -7.37 -31.91
C LYS D 51 9.93 -7.66 -33.01
N GLN D 52 10.60 -8.82 -32.95
CA GLN D 52 11.62 -9.27 -33.94
C GLN D 52 11.01 -9.40 -35.33
N ARG D 53 9.68 -9.53 -35.44
CA ARG D 53 8.95 -9.71 -36.72
C ARG D 53 8.06 -8.51 -37.04
N GLY D 54 8.24 -7.40 -36.32
CA GLY D 54 7.45 -6.18 -36.48
C GLY D 54 5.95 -6.42 -36.37
N LEU D 55 5.52 -7.40 -35.57
CA LEU D 55 4.10 -7.66 -35.27
C LEU D 55 3.78 -7.12 -33.88
N PRO D 56 2.52 -6.74 -33.59
CA PRO D 56 2.12 -6.41 -32.22
C PRO D 56 2.35 -7.59 -31.26
N ARG D 57 2.68 -7.29 -30.00
CA ARG D 57 2.93 -8.28 -28.91
C ARG D 57 1.80 -9.31 -28.87
N THR D 58 0.55 -8.86 -29.01
CA THR D 58 -0.68 -9.70 -28.99
C THR D 58 -0.54 -10.89 -29.97
N GLU D 59 0.11 -10.70 -31.12
CA GLU D 59 0.20 -11.74 -32.19
C GLU D 59 1.17 -12.84 -31.76
N GLY D 60 2.22 -12.49 -31.01
CA GLY D 60 3.11 -13.47 -30.39
C GLY D 60 2.35 -14.43 -29.48
N HIS D 61 1.42 -13.91 -28.68
CA HIS D 61 0.58 -14.74 -27.78
C HIS D 61 -0.28 -15.65 -28.65
N LYS D 62 -0.88 -15.12 -29.72
CA LYS D 62 -1.72 -15.91 -30.66
C LYS D 62 -0.87 -17.07 -31.23
N ALA D 63 0.36 -16.78 -31.64
CA ALA D 63 1.30 -17.79 -32.19
C ALA D 63 1.64 -18.82 -31.09
N GLY D 64 1.77 -18.36 -29.84
CA GLY D 64 2.06 -19.22 -28.67
C GLY D 64 1.00 -20.27 -28.45
N GLU D 65 -0.27 -20.00 -28.80
CA GLU D 65 -1.35 -20.99 -28.66
C GLU D 65 -0.96 -22.29 -29.37
N SER D 66 -0.49 -22.22 -30.62
CA SER D 66 -0.21 -23.44 -31.42
C SER D 66 0.99 -24.18 -30.80
N SER D 67 1.99 -23.44 -30.30
CA SER D 67 3.14 -24.03 -29.57
C SER D 67 2.62 -24.94 -28.45
N LEU D 68 1.67 -24.42 -27.64
CA LEU D 68 1.16 -25.15 -26.45
C LEU D 68 0.52 -26.46 -26.88
N PHE D 69 -0.36 -26.42 -27.89
CA PHE D 69 -1.12 -27.62 -28.35
C PHE D 69 -0.15 -28.59 -29.02
N ASP D 70 0.90 -28.08 -29.68
CA ASP D 70 1.93 -28.96 -30.28
C ASP D 70 2.70 -29.66 -29.15
N VAL D 71 3.08 -28.93 -28.11
CA VAL D 71 3.81 -29.50 -26.94
C VAL D 71 2.91 -30.51 -26.23
N ILE D 72 1.61 -30.22 -26.11
CA ILE D 72 0.64 -31.19 -25.51
C ILE D 72 0.66 -32.50 -26.32
N GLU D 73 0.65 -32.41 -27.66
CA GLU D 73 0.72 -33.60 -28.55
C GLU D 73 2.04 -34.33 -28.30
N GLY D 74 3.16 -33.59 -28.23
CA GLY D 74 4.49 -34.15 -27.89
C GLY D 74 4.48 -34.92 -26.56
N ALA D 75 3.82 -34.38 -25.54
CA ALA D 75 3.75 -35.07 -24.23
C ALA D 75 2.92 -36.35 -24.36
N LEU D 76 1.78 -36.26 -25.05
CA LEU D 76 0.89 -37.43 -25.30
C LEU D 76 1.69 -38.56 -25.99
N GLU D 77 2.44 -38.22 -27.04
CA GLU D 77 3.20 -39.20 -27.87
C GLU D 77 4.31 -39.84 -27.03
N LEU D 78 5.05 -39.05 -26.24
CA LEU D 78 6.19 -39.58 -25.44
C LEU D 78 5.67 -40.33 -24.20
N GLY D 79 4.44 -40.06 -23.78
CA GLY D 79 3.84 -40.68 -22.58
C GLY D 79 4.24 -39.98 -21.29
N VAL D 80 4.35 -38.65 -21.31
CA VAL D 80 4.49 -37.84 -20.07
C VAL D 80 3.09 -37.70 -19.49
N PRO D 81 2.81 -38.28 -18.30
CA PRO D 81 1.47 -38.21 -17.71
C PRO D 81 1.03 -36.85 -17.11
N TYR D 82 1.97 -35.96 -16.78
CA TYR D 82 1.63 -34.64 -16.16
C TYR D 82 2.37 -33.50 -16.86
N LEU D 83 1.61 -32.51 -17.31
CA LEU D 83 2.16 -31.28 -17.90
C LEU D 83 1.53 -30.06 -17.21
N SER D 84 2.35 -29.15 -16.70
CA SER D 84 1.87 -27.89 -16.07
C SER D 84 2.33 -26.74 -16.95
N ALA D 85 1.45 -25.79 -17.23
CA ALA D 85 1.75 -24.65 -18.10
C ALA D 85 1.40 -23.37 -17.37
N TYR D 86 2.36 -22.45 -17.31
CA TYR D 86 2.20 -21.15 -16.63
C TYR D 86 1.56 -20.19 -17.62
N ALA D 87 0.23 -20.13 -17.65
CA ALA D 87 -0.52 -19.16 -18.49
C ALA D 87 -0.51 -17.76 -17.86
N SER D 96 2.43 -4.11 -20.12
CA SER D 96 1.63 -2.87 -20.34
C SER D 96 0.17 -3.13 -20.00
N PRO D 97 -0.59 -2.12 -19.56
CA PRO D 97 -2.02 -2.29 -19.29
C PRO D 97 -2.81 -2.94 -20.44
N ASP D 98 -2.48 -2.56 -21.69
CA ASP D 98 -3.19 -2.99 -22.92
C ASP D 98 -2.94 -4.48 -23.14
N GLU D 99 -1.69 -4.93 -22.98
CA GLU D 99 -1.30 -6.35 -23.17
C GLU D 99 -1.95 -7.22 -22.07
N VAL D 100 -2.04 -6.72 -20.82
CA VAL D 100 -2.70 -7.47 -19.72
C VAL D 100 -4.21 -7.60 -20.04
N ARG D 101 -4.86 -6.50 -20.40
CA ARG D 101 -6.30 -6.47 -20.82
C ARG D 101 -6.54 -7.50 -21.93
N PHE D 102 -5.66 -7.54 -22.94
CA PHE D 102 -5.78 -8.48 -24.09
C PHE D 102 -5.61 -9.95 -23.62
N LEU D 103 -4.59 -10.22 -22.77
CA LEU D 103 -4.24 -11.59 -22.30
C LEU D 103 -5.38 -12.19 -21.46
N MET D 104 -6.19 -11.38 -20.78
CA MET D 104 -7.39 -11.92 -20.08
C MET D 104 -8.40 -12.51 -21.09
N GLY D 105 -8.83 -11.68 -22.04
CA GLY D 105 -9.77 -12.07 -23.11
C GLY D 105 -9.25 -13.27 -23.90
N PHE D 106 -7.93 -13.25 -24.17
CA PHE D 106 -7.27 -14.26 -25.04
C PHE D 106 -7.22 -15.64 -24.35
N ASN D 107 -6.79 -15.69 -23.07
CA ASN D 107 -6.72 -16.95 -22.31
C ASN D 107 -8.13 -17.56 -22.22
N ARG D 108 -9.15 -16.70 -22.05
CA ARG D 108 -10.57 -17.14 -22.04
C ARG D 108 -10.91 -17.82 -23.39
N ASP D 109 -10.63 -17.11 -24.49
CA ASP D 109 -11.05 -17.54 -25.85
C ASP D 109 -10.31 -18.84 -26.22
N VAL D 110 -9.02 -18.95 -25.88
CA VAL D 110 -8.22 -20.16 -26.17
C VAL D 110 -8.92 -21.38 -25.52
N ILE D 111 -9.26 -21.26 -24.24
CA ILE D 111 -9.75 -22.43 -23.46
C ILE D 111 -11.10 -22.85 -24.03
N ARG D 112 -11.98 -21.87 -24.33
CA ARG D 112 -13.31 -22.14 -24.94
C ARG D 112 -13.12 -22.87 -26.29
N ARG D 113 -12.24 -22.37 -27.16
CA ARG D 113 -12.10 -22.88 -28.55
C ARG D 113 -11.42 -24.26 -28.56
N ARG D 114 -10.60 -24.59 -27.57
CA ARG D 114 -9.70 -25.78 -27.62
C ARG D 114 -10.20 -26.94 -26.73
N ARG D 115 -11.21 -26.69 -25.89
CA ARG D 115 -11.59 -27.69 -24.87
C ARG D 115 -12.04 -29.01 -25.53
N ASP D 116 -12.77 -28.93 -26.65
CA ASP D 116 -13.27 -30.13 -27.39
C ASP D 116 -12.09 -30.96 -27.89
N GLU D 117 -11.10 -30.32 -28.52
CA GLU D 117 -9.83 -30.99 -28.96
C GLU D 117 -9.18 -31.68 -27.73
N LEU D 118 -9.07 -30.94 -26.62
CA LEU D 118 -8.44 -31.50 -25.39
C LEU D 118 -9.25 -32.70 -24.90
N HIS D 119 -10.58 -32.55 -24.85
CA HIS D 119 -11.49 -33.66 -24.47
C HIS D 119 -11.22 -34.86 -25.37
N ALA D 120 -11.17 -34.64 -26.68
CA ALA D 120 -11.03 -35.70 -27.71
C ALA D 120 -9.68 -36.42 -27.56
N ARG D 121 -8.60 -35.68 -27.23
CA ARG D 121 -7.24 -36.28 -27.14
C ARG D 121 -7.02 -36.96 -25.78
N GLY D 122 -7.98 -36.93 -24.86
CA GLY D 122 -7.86 -37.60 -23.54
C GLY D 122 -7.05 -36.78 -22.55
N VAL D 123 -7.04 -35.46 -22.72
CA VAL D 123 -6.35 -34.51 -21.79
C VAL D 123 -7.34 -34.11 -20.70
N ARG D 124 -6.98 -34.32 -19.44
CA ARG D 124 -7.75 -33.77 -18.29
C ARG D 124 -7.20 -32.39 -17.92
N VAL D 125 -8.03 -31.36 -18.05
CA VAL D 125 -7.68 -29.96 -17.67
C VAL D 125 -7.91 -29.79 -16.16
N ARG D 126 -6.89 -29.33 -15.43
CA ARG D 126 -6.99 -28.98 -14.00
C ARG D 126 -6.57 -27.51 -13.86
N TRP D 127 -7.44 -26.64 -13.37
CA TRP D 127 -7.10 -25.22 -13.15
C TRP D 127 -6.38 -25.10 -11.80
N ALA D 128 -5.16 -24.55 -11.79
CA ALA D 128 -4.41 -24.15 -10.57
C ALA D 128 -4.37 -22.64 -10.50
N GLY D 129 -4.81 -22.04 -9.40
CA GLY D 129 -4.72 -20.58 -9.16
C GLY D 129 -5.86 -20.06 -8.29
N ARG D 130 -5.98 -18.76 -8.16
CA ARG D 130 -6.92 -18.05 -7.25
C ARG D 130 -7.97 -17.33 -8.09
N PRO D 131 -9.23 -17.29 -7.61
CA PRO D 131 -10.20 -16.34 -8.15
C PRO D 131 -9.72 -14.91 -7.86
N TRP D 135 -10.96 -11.93 -12.89
CA TRP D 135 -10.64 -12.88 -13.99
C TRP D 135 -11.78 -13.91 -14.20
N LYS D 136 -13.01 -13.58 -13.80
CA LYS D 136 -14.14 -14.52 -13.60
C LYS D 136 -14.42 -15.26 -14.91
N SER D 137 -14.38 -14.57 -16.04
CA SER D 137 -14.72 -15.10 -17.40
C SER D 137 -13.74 -16.24 -17.76
N VAL D 138 -12.46 -16.05 -17.42
CA VAL D 138 -11.39 -17.05 -17.70
C VAL D 138 -11.63 -18.27 -16.81
N ILE D 139 -11.85 -18.04 -15.52
CA ILE D 139 -12.12 -19.11 -14.48
C ILE D 139 -13.36 -19.91 -14.91
N LYS D 140 -14.41 -19.26 -15.39
CA LYS D 140 -15.69 -19.93 -15.81
C LYS D 140 -15.39 -20.93 -16.95
N GLU D 141 -14.70 -20.47 -18.01
CA GLU D 141 -14.31 -21.35 -19.15
C GLU D 141 -13.43 -22.51 -18.64
N LEU D 142 -12.44 -22.22 -17.79
CA LEU D 142 -11.56 -23.25 -17.18
C LEU D 142 -12.39 -24.25 -16.38
N THR D 143 -13.31 -23.80 -15.54
CA THR D 143 -14.19 -24.64 -14.66
C THR D 143 -15.03 -25.57 -15.53
N GLU D 144 -15.59 -25.05 -16.64
CA GLU D 144 -16.39 -25.89 -17.59
C GLU D 144 -15.46 -26.92 -18.29
N ALA D 145 -14.28 -26.49 -18.73
CA ALA D 145 -13.27 -27.38 -19.35
C ALA D 145 -12.84 -28.46 -18.34
N GLU D 146 -12.68 -28.13 -17.06
CA GLU D 146 -12.39 -29.12 -15.96
C GLU D 146 -13.51 -30.16 -15.92
N GLU D 147 -14.77 -29.70 -15.87
CA GLU D 147 -15.96 -30.59 -15.75
C GLU D 147 -16.02 -31.51 -16.99
N LEU D 148 -15.91 -30.93 -18.17
CA LEU D 148 -15.92 -31.66 -19.47
C LEU D 148 -14.87 -32.78 -19.48
N THR D 149 -13.66 -32.55 -18.95
CA THR D 149 -12.49 -33.45 -19.21
C THR D 149 -12.14 -34.27 -17.96
N LYS D 150 -12.97 -34.25 -16.92
CA LYS D 150 -12.58 -34.79 -15.58
C LYS D 150 -12.40 -36.31 -15.60
N HIS D 151 -12.93 -37.04 -16.59
CA HIS D 151 -12.79 -38.53 -16.70
C HIS D 151 -11.58 -38.92 -17.56
N ASN D 152 -10.93 -37.96 -18.23
CA ASN D 152 -9.75 -38.23 -19.10
C ASN D 152 -8.55 -38.64 -18.21
N THR D 153 -7.65 -39.45 -18.76
CA THR D 153 -6.50 -40.06 -18.01
C THR D 153 -5.22 -40.15 -18.87
N LYS D 154 -5.22 -39.74 -20.14
CA LYS D 154 -4.00 -39.87 -20.98
C LYS D 154 -2.94 -38.87 -20.51
N LEU D 155 -3.34 -37.61 -20.30
CA LEU D 155 -2.44 -36.52 -19.83
C LEU D 155 -3.24 -35.60 -18.89
N THR D 156 -2.64 -35.25 -17.75
CA THR D 156 -3.19 -34.18 -16.89
C THR D 156 -2.49 -32.87 -17.25
N LEU D 157 -3.25 -31.91 -17.76
CA LEU D 157 -2.75 -30.54 -18.05
C LEU D 157 -3.14 -29.62 -16.87
N GLN D 158 -2.15 -29.25 -16.06
CA GLN D 158 -2.35 -28.26 -14.97
C GLN D 158 -2.19 -26.87 -15.58
N PHE D 159 -3.31 -26.22 -15.85
CA PHE D 159 -3.37 -24.90 -16.51
C PHE D 159 -3.38 -23.86 -15.41
N CYS D 160 -2.25 -23.17 -15.23
CA CYS D 160 -2.02 -22.26 -14.08
C CYS D 160 -2.37 -20.84 -14.49
N VAL D 161 -3.53 -20.38 -14.01
CA VAL D 161 -4.12 -19.07 -14.34
C VAL D 161 -4.38 -18.32 -13.04
N ASN D 162 -3.87 -17.09 -12.95
CA ASN D 162 -3.88 -16.25 -11.72
C ASN D 162 -3.21 -17.07 -10.60
N TYR D 163 -2.08 -17.68 -10.93
CA TYR D 163 -1.32 -18.65 -10.11
C TYR D 163 -0.01 -18.01 -9.63
N GLY D 164 0.36 -18.32 -8.38
CA GLY D 164 1.70 -18.09 -7.83
C GLY D 164 2.09 -19.22 -6.91
N GLY D 165 3.37 -19.61 -6.90
CA GLY D 165 3.89 -20.67 -6.05
C GLY D 165 3.70 -20.34 -4.56
N ARG D 166 4.12 -19.14 -4.20
CA ARG D 166 3.91 -18.57 -2.85
C ARG D 166 2.43 -18.47 -2.51
N ALA D 167 1.58 -18.03 -3.43
CA ALA D 167 0.13 -17.91 -3.19
C ALA D 167 -0.45 -19.30 -2.90
N GLU D 168 0.00 -20.33 -3.62
CA GLU D 168 -0.49 -21.71 -3.41
C GLU D 168 -0.09 -22.20 -2.01
N ILE D 169 1.16 -21.95 -1.61
CA ILE D 169 1.66 -22.36 -0.28
C ILE D 169 0.92 -21.58 0.83
N ALA D 170 0.68 -20.30 0.63
CA ALA D 170 -0.05 -19.44 1.60
C ALA D 170 -1.50 -19.94 1.71
N ASP D 171 -2.15 -20.29 0.59
CA ASP D 171 -3.52 -20.86 0.59
C ASP D 171 -3.51 -22.22 1.29
N ALA D 172 -2.45 -23.01 1.15
CA ALA D 172 -2.31 -24.27 1.88
C ALA D 172 -2.21 -23.98 3.40
N ALA D 173 -1.37 -23.01 3.80
CA ALA D 173 -1.20 -22.63 5.23
C ALA D 173 -2.54 -22.10 5.80
N ALA D 174 -3.28 -21.30 5.05
CA ALA D 174 -4.59 -20.74 5.45
C ALA D 174 -5.57 -21.91 5.71
N ALA D 175 -5.67 -22.87 4.79
CA ALA D 175 -6.59 -24.02 4.90
C ALA D 175 -6.17 -24.87 6.09
N LEU D 176 -4.88 -25.11 6.27
CA LEU D 176 -4.35 -25.79 7.46
C LEU D 176 -4.75 -24.98 8.72
N ALA D 177 -4.58 -23.67 8.71
CA ALA D 177 -4.90 -22.77 9.85
C ALA D 177 -6.39 -22.91 10.21
N ARG D 178 -7.30 -22.96 9.23
CA ARG D 178 -8.75 -23.13 9.47
C ARG D 178 -9.01 -24.46 10.17
N ASP D 179 -8.35 -25.54 9.75
CA ASP D 179 -8.49 -26.86 10.41
C ASP D 179 -7.98 -26.76 11.84
N VAL D 180 -6.90 -26.01 12.07
CA VAL D 180 -6.33 -25.85 13.44
C VAL D 180 -7.33 -25.06 14.32
N ALA D 181 -7.93 -23.99 13.82
CA ALA D 181 -8.86 -23.10 14.57
C ALA D 181 -10.10 -23.90 14.97
N ALA D 182 -10.58 -24.77 14.06
CA ALA D 182 -11.76 -25.63 14.28
C ALA D 182 -11.40 -26.84 15.15
N GLY D 183 -10.14 -27.03 15.50
CA GLY D 183 -9.69 -28.16 16.34
C GLY D 183 -9.69 -29.51 15.62
N ARG D 184 -9.74 -29.54 14.29
CA ARG D 184 -9.65 -30.79 13.48
C ARG D 184 -8.19 -31.22 13.31
N LEU D 185 -7.24 -30.35 13.63
CA LEU D 185 -5.79 -30.59 13.45
C LEU D 185 -5.03 -29.95 14.61
N SER D 186 -4.09 -30.67 15.19
CA SER D 186 -3.17 -30.14 16.23
C SER D 186 -2.05 -29.36 15.56
N PRO D 187 -1.62 -28.20 16.09
CA PRO D 187 -0.47 -27.47 15.55
C PRO D 187 0.86 -28.18 15.79
N ASN D 188 0.89 -29.20 16.64
CA ASN D 188 2.13 -29.99 16.94
C ASN D 188 2.29 -31.13 15.94
N ARG D 189 1.30 -31.38 15.08
CA ARG D 189 1.36 -32.42 14.02
C ARG D 189 1.31 -31.79 12.60
N VAL D 190 1.81 -30.57 12.44
CA VAL D 190 2.00 -29.92 11.10
C VAL D 190 3.38 -30.32 10.60
N THR D 191 3.43 -31.13 9.56
CA THR D 191 4.69 -31.61 8.91
C THR D 191 4.66 -31.19 7.45
N GLU D 192 5.72 -31.47 6.71
CA GLU D 192 5.79 -31.22 5.25
C GLU D 192 4.62 -31.94 4.59
N ALA D 193 4.38 -33.21 4.93
CA ALA D 193 3.30 -34.01 4.28
C ALA D 193 1.92 -33.41 4.61
N THR D 194 1.74 -32.89 5.81
CA THR D 194 0.45 -32.25 6.23
C THR D 194 0.24 -31.01 5.36
N LEU D 195 1.24 -30.14 5.25
CA LEU D 195 1.07 -28.90 4.43
C LEU D 195 0.82 -29.32 2.98
N ALA D 196 1.55 -30.31 2.45
CA ALA D 196 1.43 -30.73 1.03
C ALA D 196 0.00 -31.17 0.69
N ARG D 197 -0.73 -31.72 1.66
CA ARG D 197 -2.12 -32.21 1.45
C ARG D 197 -3.06 -31.05 1.18
N TYR D 198 -2.68 -29.81 1.49
CA TYR D 198 -3.53 -28.62 1.29
C TYR D 198 -3.13 -27.81 0.04
N LEU D 199 -2.21 -28.32 -0.79
CA LEU D 199 -1.87 -27.67 -2.10
C LEU D 199 -3.08 -27.83 -3.03
N TYR D 200 -3.11 -27.09 -4.14
CA TYR D 200 -4.32 -27.02 -5.01
C TYR D 200 -4.70 -28.42 -5.51
N HIS D 201 -3.75 -29.23 -5.94
CA HIS D 201 -4.00 -30.56 -6.54
C HIS D 201 -3.00 -31.55 -5.96
N PRO D 202 -3.27 -32.05 -4.75
CA PRO D 202 -2.27 -32.85 -4.02
C PRO D 202 -1.99 -34.20 -4.68
N ASP D 203 -2.90 -34.66 -5.54
CA ASP D 203 -2.74 -35.91 -6.33
C ASP D 203 -1.66 -35.73 -7.42
N ILE D 204 -1.37 -34.50 -7.84
CA ILE D 204 -0.34 -34.24 -8.89
C ILE D 204 1.02 -34.28 -8.20
N PRO D 205 1.97 -35.11 -8.70
CA PRO D 205 3.25 -35.29 -8.05
C PRO D 205 4.21 -34.10 -8.29
N ASP D 206 5.36 -34.15 -7.62
CA ASP D 206 6.49 -33.21 -7.78
C ASP D 206 6.81 -33.01 -9.27
N VAL D 207 7.32 -31.84 -9.62
CA VAL D 207 7.90 -31.56 -10.96
C VAL D 207 9.25 -32.27 -11.05
N ASP D 208 9.44 -33.05 -12.10
CA ASP D 208 10.74 -33.75 -12.39
C ASP D 208 11.58 -32.84 -13.27
N LEU D 209 10.94 -32.17 -14.22
CA LEU D 209 11.62 -31.37 -15.25
C LEU D 209 10.91 -30.04 -15.38
N PHE D 210 11.65 -28.97 -15.25
CA PHE D 210 11.14 -27.58 -15.33
C PHE D 210 11.80 -26.94 -16.54
N ILE D 211 11.02 -26.63 -17.56
CA ILE D 211 11.52 -26.05 -18.84
C ILE D 211 11.19 -24.57 -18.84
N ARG D 212 12.21 -23.75 -19.00
CA ARG D 212 12.01 -22.32 -19.31
C ARG D 212 12.31 -22.14 -20.80
N SER D 213 11.28 -21.84 -21.61
CA SER D 213 11.39 -21.77 -23.09
C SER D 213 12.56 -20.88 -23.47
N SER D 214 12.57 -19.64 -22.94
CA SER D 214 13.47 -18.54 -23.36
C SER D 214 14.79 -18.61 -22.59
N GLY D 215 15.66 -17.61 -22.76
CA GLY D 215 16.96 -17.54 -22.08
C GLY D 215 16.89 -16.99 -20.65
N GLU D 216 15.71 -16.58 -20.17
CA GLU D 216 15.48 -16.04 -18.81
C GLU D 216 15.65 -17.17 -17.77
N GLN D 217 16.66 -17.11 -16.91
CA GLN D 217 17.02 -18.22 -15.99
C GLN D 217 16.43 -17.96 -14.60
N ARG D 218 15.14 -18.24 -14.41
CA ARG D 218 14.41 -18.04 -13.13
C ARG D 218 13.15 -18.91 -13.07
N LEU D 219 12.65 -19.13 -11.86
CA LEU D 219 11.43 -19.94 -11.60
C LEU D 219 10.21 -19.06 -11.86
N SER D 220 10.35 -17.75 -11.62
CA SER D 220 9.24 -16.78 -11.70
C SER D 220 8.05 -17.29 -10.89
N ASN D 221 8.28 -17.87 -9.71
CA ASN D 221 7.21 -18.16 -8.72
C ASN D 221 6.25 -19.19 -9.31
N PHE D 222 6.77 -20.20 -9.99
CA PHE D 222 5.96 -21.26 -10.64
C PHE D 222 6.19 -22.62 -9.98
N LEU D 223 5.13 -23.24 -9.46
CA LEU D 223 5.17 -24.57 -8.78
C LEU D 223 6.39 -24.68 -7.88
N LEU D 224 6.50 -23.72 -6.98
CA LEU D 224 7.68 -23.55 -6.06
C LEU D 224 7.81 -24.78 -5.17
N TRP D 225 6.78 -25.17 -4.41
CA TRP D 225 6.90 -26.35 -3.52
C TRP D 225 7.28 -27.56 -4.37
N GLN D 226 6.58 -27.74 -5.49
CA GLN D 226 6.64 -28.97 -6.32
C GLN D 226 7.96 -29.07 -7.09
N SER D 227 8.70 -27.96 -7.26
CA SER D 227 9.91 -27.86 -8.11
C SER D 227 11.19 -27.92 -7.28
N SER D 228 11.07 -28.20 -5.98
CA SER D 228 12.22 -28.07 -5.05
C SER D 228 13.38 -29.00 -5.50
N TYR D 229 13.08 -30.15 -6.09
CA TYR D 229 14.08 -31.12 -6.59
C TYR D 229 14.04 -31.30 -8.12
N ALA D 230 13.36 -30.42 -8.83
CA ALA D 230 13.22 -30.48 -10.30
C ALA D 230 14.57 -30.21 -10.99
N GLU D 231 14.79 -30.87 -12.13
CA GLU D 231 15.86 -30.51 -13.10
C GLU D 231 15.38 -29.31 -13.91
N PHE D 232 16.18 -28.24 -13.98
CA PHE D 232 15.88 -27.06 -14.81
C PHE D 232 16.60 -27.23 -16.15
N VAL D 233 15.86 -27.01 -17.24
CA VAL D 233 16.42 -26.91 -18.61
C VAL D 233 15.99 -25.55 -19.14
N PHE D 234 16.97 -24.69 -19.40
CA PHE D 234 16.81 -23.35 -20.03
C PHE D 234 17.18 -23.47 -21.51
N LEU D 235 16.19 -23.34 -22.38
CA LEU D 235 16.35 -23.39 -23.86
C LEU D 235 16.35 -21.95 -24.34
N ASP D 236 16.73 -21.69 -25.59
CA ASP D 236 16.86 -20.29 -26.10
C ASP D 236 15.67 -19.95 -26.99
N THR D 237 14.87 -20.95 -27.30
CA THR D 237 13.68 -20.86 -28.19
C THR D 237 12.63 -19.95 -27.52
N LEU D 238 12.25 -18.87 -28.22
CA LEU D 238 11.07 -18.05 -27.88
C LEU D 238 9.84 -18.94 -28.05
N TRP D 239 8.81 -18.74 -27.22
CA TRP D 239 7.72 -19.73 -27.03
C TRP D 239 7.00 -19.96 -28.36
N PRO D 240 6.68 -18.93 -29.18
CA PRO D 240 6.01 -19.16 -30.47
C PRO D 240 6.77 -20.09 -31.43
N ASP D 241 8.10 -20.22 -31.30
CA ASP D 241 8.95 -21.14 -32.10
C ASP D 241 9.12 -22.49 -31.39
N PHE D 242 8.56 -22.64 -30.19
CA PHE D 242 8.64 -23.88 -29.39
C PHE D 242 7.59 -24.85 -29.92
N ASP D 243 7.96 -26.12 -30.11
CA ASP D 243 7.03 -27.19 -30.55
C ASP D 243 7.49 -28.50 -29.91
N ARG D 244 6.85 -29.62 -30.26
CA ARG D 244 7.09 -30.93 -29.62
C ARG D 244 8.57 -31.33 -29.70
N ARG D 245 9.31 -30.88 -30.72
CA ARG D 245 10.74 -31.29 -30.90
C ARG D 245 11.57 -30.66 -29.77
N HIS D 246 11.35 -29.39 -29.46
CA HIS D 246 12.00 -28.67 -28.33
C HIS D 246 11.64 -29.36 -27.01
N PHE D 247 10.37 -29.74 -26.83
CA PHE D 247 9.90 -30.46 -25.62
C PHE D 247 10.65 -31.80 -25.51
N TRP D 248 10.74 -32.52 -26.63
CA TRP D 248 11.44 -33.84 -26.71
C TRP D 248 12.93 -33.66 -26.40
N GLN D 249 13.54 -32.60 -26.92
CA GLN D 249 14.96 -32.25 -26.64
C GLN D 249 15.14 -32.09 -25.13
N ALA D 250 14.29 -31.29 -24.47
CA ALA D 250 14.34 -31.04 -23.01
C ALA D 250 14.25 -32.36 -22.26
N CYS D 251 13.33 -33.25 -22.67
CA CYS D 251 13.19 -34.60 -22.07
C CYS D 251 14.45 -35.43 -22.28
N GLU D 252 15.11 -35.28 -23.44
CA GLU D 252 16.39 -35.99 -23.77
C GLU D 252 17.50 -35.48 -22.84
N ILE D 253 17.60 -34.17 -22.66
CA ILE D 253 18.57 -33.55 -21.72
C ILE D 253 18.30 -34.10 -20.31
N TYR D 254 17.03 -34.21 -19.91
CA TYR D 254 16.61 -34.74 -18.58
C TYR D 254 17.12 -36.18 -18.42
N ALA D 255 16.93 -37.02 -19.44
CA ALA D 255 17.28 -38.47 -19.42
C ALA D 255 18.81 -38.65 -19.24
N ARG D 256 19.62 -37.75 -19.82
CA ARG D 256 21.11 -37.79 -19.69
C ARG D 256 21.47 -37.55 -18.22
N ARG D 257 21.23 -36.35 -17.70
CA ARG D 257 21.49 -35.99 -16.28
C ARG D 257 20.62 -36.85 -15.34
N PRO E 27 -23.84 8.81 -41.54
CA PRO E 27 -22.51 8.79 -40.90
C PRO E 27 -21.39 8.92 -41.93
N PRO E 28 -20.28 9.60 -41.60
CA PRO E 28 -19.18 9.79 -42.54
C PRO E 28 -18.45 8.47 -42.86
N GLN E 29 -17.90 8.39 -44.08
CA GLN E 29 -17.22 7.19 -44.62
C GLN E 29 -15.73 7.28 -44.26
N LEU E 30 -15.34 6.73 -43.10
CA LEU E 30 -13.94 6.72 -42.60
C LEU E 30 -13.41 5.30 -42.65
N PRO E 31 -12.13 5.10 -42.98
CA PRO E 31 -11.51 3.79 -42.83
C PRO E 31 -11.55 3.35 -41.35
N ARG E 32 -11.70 2.04 -41.10
CA ARG E 32 -11.85 1.48 -39.73
C ARG E 32 -10.63 1.88 -38.88
N GLU E 33 -9.44 1.89 -39.48
CA GLU E 33 -8.13 2.24 -38.86
C GLU E 33 -8.18 3.60 -38.17
N LEU E 34 -8.99 4.53 -38.68
CA LEU E 34 -8.99 5.95 -38.23
C LEU E 34 -10.25 6.25 -37.40
N ILE E 35 -11.06 5.25 -37.10
CA ILE E 35 -12.24 5.42 -36.20
C ILE E 35 -11.75 5.22 -34.76
N PRO E 36 -12.00 6.19 -33.85
CA PRO E 36 -11.54 6.06 -32.46
C PRO E 36 -12.24 4.86 -31.79
N ARG E 37 -11.46 4.01 -31.12
CA ARG E 37 -11.99 2.84 -30.36
C ARG E 37 -12.75 3.34 -29.12
N HIS E 38 -12.30 4.43 -28.51
CA HIS E 38 -12.86 4.93 -27.23
C HIS E 38 -12.94 6.45 -27.29
N VAL E 39 -14.16 6.97 -27.19
CA VAL E 39 -14.43 8.42 -27.17
C VAL E 39 -14.96 8.73 -25.79
N ALA E 40 -14.45 9.82 -25.20
CA ALA E 40 -14.87 10.32 -23.89
C ALA E 40 -15.46 11.70 -24.10
N ILE E 41 -16.61 11.97 -23.51
CA ILE E 41 -17.33 13.25 -23.71
C ILE E 41 -17.59 13.87 -22.36
N VAL E 42 -17.13 15.11 -22.22
CA VAL E 42 -17.57 16.02 -21.13
C VAL E 42 -18.78 16.76 -21.67
N MET E 43 -19.91 16.59 -20.97
CA MET E 43 -21.26 17.10 -21.32
C MET E 43 -21.51 18.38 -20.55
N ASP E 44 -20.83 19.47 -20.94
CA ASP E 44 -20.91 20.75 -20.20
C ASP E 44 -21.69 21.80 -21.03
N GLY E 45 -22.22 22.79 -20.31
CA GLY E 45 -22.96 23.93 -20.87
C GLY E 45 -24.47 23.80 -20.73
N ASN E 46 -24.97 22.84 -19.94
CA ASN E 46 -26.43 22.61 -19.75
C ASN E 46 -27.03 23.86 -19.09
N GLY E 47 -26.41 24.33 -18.01
CA GLY E 47 -26.85 25.54 -17.28
C GLY E 47 -26.82 26.77 -18.18
N ARG E 48 -25.66 27.06 -18.76
CA ARG E 48 -25.40 28.24 -19.64
C ARG E 48 -26.41 28.25 -20.81
N TRP E 49 -26.75 27.08 -21.33
CA TRP E 49 -27.68 26.89 -22.47
C TRP E 49 -29.08 27.35 -22.06
N ALA E 50 -29.53 26.96 -20.87
CA ALA E 50 -30.87 27.29 -20.33
C ALA E 50 -30.95 28.78 -20.03
N LYS E 51 -29.85 29.39 -19.58
CA LYS E 51 -29.78 30.84 -19.25
C LYS E 51 -29.97 31.64 -20.54
N GLN E 52 -29.28 31.27 -21.62
CA GLN E 52 -29.34 31.93 -22.96
C GLN E 52 -30.77 31.87 -23.52
N ARG E 53 -31.61 30.94 -23.04
CA ARG E 53 -32.99 30.74 -23.54
C ARG E 53 -34.02 31.08 -22.46
N GLY E 54 -33.60 31.73 -21.37
CA GLY E 54 -34.47 32.09 -20.24
C GLY E 54 -35.23 30.90 -19.67
N LEU E 55 -34.65 29.70 -19.72
CA LEU E 55 -35.23 28.49 -19.10
C LEU E 55 -34.47 28.19 -17.79
N PRO E 56 -35.11 27.51 -16.82
CA PRO E 56 -34.40 27.05 -15.63
C PRO E 56 -33.23 26.11 -15.99
N ARG E 57 -32.15 26.15 -15.21
CA ARG E 57 -30.92 25.31 -15.39
C ARG E 57 -31.34 23.83 -15.52
N THR E 58 -32.31 23.37 -14.72
CA THR E 58 -32.81 21.97 -14.73
C THR E 58 -33.21 21.53 -16.16
N GLU E 59 -33.74 22.43 -16.97
CA GLU E 59 -34.28 22.11 -18.32
C GLU E 59 -33.12 21.88 -19.28
N GLY E 60 -32.00 22.60 -19.11
CA GLY E 60 -30.76 22.32 -19.86
C GLY E 60 -30.31 20.89 -19.68
N HIS E 61 -30.34 20.38 -18.44
CA HIS E 61 -29.96 18.97 -18.14
C HIS E 61 -30.95 18.05 -18.84
N LYS E 62 -32.25 18.35 -18.76
CA LYS E 62 -33.30 17.52 -19.42
C LYS E 62 -33.02 17.48 -20.93
N ALA E 63 -32.68 18.61 -21.53
CA ALA E 63 -32.34 18.72 -22.97
C ALA E 63 -31.07 17.92 -23.26
N GLY E 64 -30.10 17.93 -22.32
CA GLY E 64 -28.84 17.16 -22.41
C GLY E 64 -29.08 15.66 -22.54
N GLU E 65 -30.13 15.14 -21.91
CA GLU E 65 -30.46 13.68 -22.00
C GLU E 65 -30.60 13.29 -23.47
N SER E 66 -31.33 14.04 -24.28
CA SER E 66 -31.57 13.64 -25.70
C SER E 66 -30.27 13.75 -26.48
N SER E 67 -29.42 14.73 -26.18
CA SER E 67 -28.06 14.84 -26.78
C SER E 67 -27.31 13.52 -26.57
N LEU E 68 -27.33 12.98 -25.35
CA LEU E 68 -26.56 11.76 -24.99
C LEU E 68 -27.05 10.59 -25.82
N PHE E 69 -28.37 10.38 -25.90
CA PHE E 69 -28.97 9.23 -26.62
C PHE E 69 -28.76 9.42 -28.13
N ASP E 70 -28.74 10.65 -28.61
CA ASP E 70 -28.43 10.92 -30.04
C ASP E 70 -26.96 10.57 -30.31
N VAL E 71 -26.05 10.99 -29.42
CA VAL E 71 -24.59 10.68 -29.56
C VAL E 71 -24.40 9.16 -29.46
N ILE E 72 -25.13 8.47 -28.58
CA ILE E 72 -25.06 6.99 -28.47
C ILE E 72 -25.44 6.37 -29.82
N GLU E 73 -26.51 6.87 -30.46
CA GLU E 73 -26.94 6.39 -31.81
C GLU E 73 -25.82 6.65 -32.81
N GLY E 74 -25.23 7.86 -32.80
CA GLY E 74 -24.08 8.24 -33.64
C GLY E 74 -22.91 7.28 -33.47
N ALA E 75 -22.59 6.89 -32.23
CA ALA E 75 -21.47 5.95 -31.98
C ALA E 75 -21.83 4.57 -32.54
N LEU E 76 -23.07 4.11 -32.30
CA LEU E 76 -23.55 2.79 -32.81
C LEU E 76 -23.44 2.75 -34.34
N GLU E 77 -23.87 3.81 -35.03
CA GLU E 77 -23.89 3.87 -36.52
C GLU E 77 -22.45 3.88 -37.05
N LEU E 78 -21.56 4.66 -36.44
CA LEU E 78 -20.15 4.78 -36.91
C LEU E 78 -19.33 3.55 -36.51
N GLY E 79 -19.78 2.79 -35.51
CA GLY E 79 -19.07 1.60 -34.99
C GLY E 79 -17.97 1.94 -33.99
N VAL E 80 -18.17 2.96 -33.15
CA VAL E 80 -17.26 3.26 -32.00
C VAL E 80 -17.66 2.29 -30.88
N PRO E 81 -16.77 1.35 -30.49
CA PRO E 81 -17.11 0.37 -29.47
C PRO E 81 -17.15 0.86 -28.00
N TYR E 82 -16.51 2.00 -27.68
CA TYR E 82 -16.49 2.53 -26.28
C TYR E 82 -16.83 4.02 -26.26
N LEU E 83 -17.82 4.37 -25.46
CA LEU E 83 -18.16 5.77 -25.15
C LEU E 83 -18.20 5.98 -23.63
N SER E 84 -17.49 7.00 -23.13
CA SER E 84 -17.52 7.39 -21.69
C SER E 84 -18.15 8.77 -21.60
N ALA E 85 -19.08 8.94 -20.69
CA ALA E 85 -19.84 10.18 -20.51
C ALA E 85 -19.72 10.64 -19.06
N TYR E 86 -19.31 11.88 -18.86
CA TYR E 86 -19.12 12.48 -17.53
C TYR E 86 -20.46 13.02 -17.07
N ALA E 87 -21.27 12.19 -16.42
CA ALA E 87 -22.64 12.54 -15.98
C ALA E 87 -22.60 13.33 -14.67
N PHE E 88 -21.74 12.96 -13.73
CA PHE E 88 -21.75 13.55 -12.35
C PHE E 88 -20.35 13.44 -11.74
N SER E 89 -19.72 14.59 -11.56
CA SER E 89 -18.34 14.76 -11.06
C SER E 89 -18.30 14.71 -9.54
N THR E 90 -17.22 14.16 -8.96
CA THR E 90 -16.89 14.26 -7.51
C THR E 90 -16.93 15.73 -7.08
N GLU E 91 -16.60 16.65 -7.97
CA GLU E 91 -16.53 18.11 -7.71
C GLU E 91 -17.93 18.76 -7.77
N ASN E 92 -18.96 18.04 -8.22
CA ASN E 92 -20.37 18.53 -8.23
C ASN E 92 -20.95 18.61 -6.81
N TRP E 93 -20.36 17.96 -5.81
CA TRP E 93 -20.77 18.09 -4.38
C TRP E 93 -20.57 19.52 -3.86
N LYS E 94 -19.72 20.33 -4.52
CA LYS E 94 -19.47 21.76 -4.20
C LYS E 94 -20.60 22.66 -4.71
N ARG E 95 -21.51 22.16 -5.55
CA ARG E 95 -22.67 22.94 -6.03
C ARG E 95 -23.73 23.01 -4.92
N SER E 96 -24.78 23.81 -5.11
CA SER E 96 -25.84 24.06 -4.10
C SER E 96 -26.52 22.75 -3.74
N PRO E 97 -27.04 22.60 -2.49
CA PRO E 97 -27.80 21.39 -2.12
C PRO E 97 -28.92 21.02 -3.10
N ASP E 98 -29.64 22.02 -3.61
CA ASP E 98 -30.81 21.82 -4.51
C ASP E 98 -30.35 21.25 -5.85
N GLU E 99 -29.26 21.78 -6.42
CA GLU E 99 -28.70 21.32 -7.71
C GLU E 99 -28.13 19.90 -7.57
N VAL E 100 -27.51 19.57 -6.43
CA VAL E 100 -26.98 18.20 -6.16
C VAL E 100 -28.16 17.22 -6.08
N ARG E 101 -29.18 17.55 -5.28
CA ARG E 101 -30.42 16.75 -5.12
C ARG E 101 -31.03 16.50 -6.51
N PHE E 102 -31.14 17.52 -7.35
CA PHE E 102 -31.72 17.42 -8.72
C PHE E 102 -30.86 16.49 -9.59
N LEU E 103 -29.54 16.68 -9.61
CA LEU E 103 -28.62 15.95 -10.53
C LEU E 103 -28.59 14.46 -10.16
N MET E 104 -28.72 14.14 -8.87
CA MET E 104 -28.77 12.73 -8.39
C MET E 104 -30.07 12.10 -8.89
N GLY E 105 -31.21 12.71 -8.55
CA GLY E 105 -32.55 12.24 -8.96
C GLY E 105 -32.65 12.10 -10.46
N PHE E 106 -32.07 13.03 -11.21
CA PHE E 106 -32.18 13.12 -12.69
C PHE E 106 -31.38 11.98 -13.33
N ASN E 107 -30.13 11.78 -12.92
CA ASN E 107 -29.26 10.72 -13.50
C ASN E 107 -29.92 9.36 -13.18
N ARG E 108 -30.52 9.21 -12.01
CA ARG E 108 -31.29 8.00 -11.61
C ARG E 108 -32.46 7.78 -12.59
N ASP E 109 -33.27 8.83 -12.81
CA ASP E 109 -34.52 8.72 -13.61
C ASP E 109 -34.15 8.44 -15.06
N VAL E 110 -33.10 9.08 -15.58
CA VAL E 110 -32.63 8.85 -16.98
C VAL E 110 -32.32 7.35 -17.14
N ILE E 111 -31.55 6.78 -16.20
CA ILE E 111 -31.02 5.40 -16.37
C ILE E 111 -32.20 4.43 -16.28
N ARG E 112 -33.12 4.65 -15.34
CA ARG E 112 -34.34 3.79 -15.20
C ARG E 112 -35.16 3.85 -16.49
N ARG E 113 -35.41 5.04 -17.04
CA ARG E 113 -36.37 5.19 -18.16
C ARG E 113 -35.72 4.75 -19.48
N ARG E 114 -34.39 4.70 -19.58
CA ARG E 114 -33.68 4.45 -20.86
C ARG E 114 -33.09 3.05 -20.93
N ARG E 115 -33.06 2.31 -19.81
CA ARG E 115 -32.24 1.06 -19.74
C ARG E 115 -32.76 0.04 -20.76
N ASP E 116 -34.09 -0.08 -20.95
CA ASP E 116 -34.71 -1.03 -21.91
C ASP E 116 -34.26 -0.69 -23.33
N GLU E 117 -34.34 0.58 -23.72
CA GLU E 117 -33.84 1.07 -25.05
C GLU E 117 -32.35 0.70 -25.18
N LEU E 118 -31.55 0.98 -24.15
CA LEU E 118 -30.08 0.68 -24.19
C LEU E 118 -29.91 -0.84 -24.33
N HIS E 119 -30.63 -1.64 -23.54
CA HIS E 119 -30.61 -3.12 -23.63
C HIS E 119 -30.92 -3.53 -25.07
N ALA E 120 -31.98 -2.97 -25.66
CA ALA E 120 -32.47 -3.34 -27.01
C ALA E 120 -31.43 -2.97 -28.08
N ARG E 121 -30.74 -1.85 -27.93
CA ARG E 121 -29.76 -1.36 -28.95
C ARG E 121 -28.40 -2.05 -28.78
N GLY E 122 -28.23 -2.94 -27.79
CA GLY E 122 -26.95 -3.68 -27.59
C GLY E 122 -25.90 -2.84 -26.88
N VAL E 123 -26.33 -1.87 -26.07
CA VAL E 123 -25.43 -1.01 -25.27
C VAL E 123 -25.22 -1.68 -23.91
N ARG E 124 -23.96 -1.93 -23.55
CA ARG E 124 -23.58 -2.36 -22.17
C ARG E 124 -23.27 -1.12 -21.31
N VAL E 125 -24.07 -0.90 -20.27
CA VAL E 125 -23.86 0.18 -19.27
C VAL E 125 -22.84 -0.29 -18.23
N ARG E 126 -21.78 0.50 -18.04
CA ARG E 126 -20.78 0.28 -16.96
C ARG E 126 -20.75 1.53 -16.09
N TRP E 127 -21.08 1.41 -14.82
CA TRP E 127 -21.04 2.56 -13.89
C TRP E 127 -19.60 2.73 -13.38
N ALA E 128 -18.99 3.89 -13.64
CA ALA E 128 -17.67 4.28 -13.11
C ALA E 128 -17.86 5.37 -12.06
N GLY E 129 -17.34 5.12 -10.86
CA GLY E 129 -17.41 6.07 -9.74
C GLY E 129 -17.44 5.38 -8.40
N ARG E 130 -17.71 6.16 -7.37
CA ARG E 130 -17.74 5.72 -5.95
C ARG E 130 -19.18 5.80 -5.48
N PRO E 131 -19.61 4.85 -4.62
CA PRO E 131 -20.92 4.95 -3.97
C PRO E 131 -20.99 6.20 -3.09
N GLY E 132 -19.95 6.50 -2.31
CA GLY E 132 -19.82 7.75 -1.55
C GLY E 132 -21.15 8.21 -0.95
N ARG E 133 -21.54 9.47 -1.19
CA ARG E 133 -22.77 10.08 -0.61
C ARG E 133 -23.98 9.91 -1.54
N LEU E 134 -23.87 9.14 -2.63
CA LEU E 134 -25.00 8.92 -3.56
C LEU E 134 -26.16 8.27 -2.80
N TRP E 135 -27.39 8.71 -3.09
CA TRP E 135 -28.61 8.02 -2.60
C TRP E 135 -28.54 6.53 -3.00
N LYS E 136 -29.08 5.66 -2.14
CA LYS E 136 -29.19 4.20 -2.38
C LYS E 136 -29.95 3.96 -3.70
N SER E 137 -30.99 4.76 -3.97
CA SER E 137 -31.85 4.63 -5.16
C SER E 137 -31.02 4.89 -6.43
N VAL E 138 -30.06 5.81 -6.40
CA VAL E 138 -29.17 6.10 -7.58
C VAL E 138 -28.27 4.88 -7.82
N ILE E 139 -27.63 4.38 -6.76
CA ILE E 139 -26.73 3.18 -6.82
C ILE E 139 -27.51 1.99 -7.38
N LYS E 140 -28.73 1.78 -6.87
CA LYS E 140 -29.60 0.64 -7.25
C LYS E 140 -29.86 0.70 -8.77
N GLU E 141 -30.33 1.84 -9.30
CA GLU E 141 -30.63 2.00 -10.75
C GLU E 141 -29.38 1.75 -11.58
N LEU E 142 -28.24 2.31 -11.16
CA LEU E 142 -26.95 2.12 -11.89
C LEU E 142 -26.61 0.63 -11.91
N THR E 143 -26.67 -0.02 -10.73
CA THR E 143 -26.33 -1.47 -10.55
C THR E 143 -27.25 -2.33 -11.43
N GLU E 144 -28.55 -2.04 -11.43
CA GLU E 144 -29.57 -2.80 -12.20
C GLU E 144 -29.34 -2.60 -13.70
N ALA E 145 -29.05 -1.37 -14.14
CA ALA E 145 -28.75 -1.08 -15.57
C ALA E 145 -27.52 -1.89 -16.00
N GLU E 146 -26.49 -1.96 -15.14
CA GLU E 146 -25.28 -2.80 -15.41
C GLU E 146 -25.69 -4.27 -15.57
N GLU E 147 -26.48 -4.79 -14.63
CA GLU E 147 -26.91 -6.23 -14.59
C GLU E 147 -27.70 -6.55 -15.85
N LEU E 148 -28.69 -5.70 -16.16
CA LEU E 148 -29.56 -5.87 -17.35
C LEU E 148 -28.74 -5.98 -18.63
N THR E 149 -27.69 -5.17 -18.78
CA THR E 149 -27.03 -4.95 -20.10
C THR E 149 -25.67 -5.65 -20.15
N LYS E 150 -25.30 -6.45 -19.15
CA LYS E 150 -23.92 -6.97 -18.99
C LYS E 150 -23.50 -7.91 -20.14
N HIS E 151 -24.42 -8.48 -20.90
CA HIS E 151 -24.09 -9.42 -22.03
C HIS E 151 -24.01 -8.67 -23.36
N ASN E 152 -24.39 -7.39 -23.41
CA ASN E 152 -24.35 -6.57 -24.65
C ASN E 152 -22.89 -6.30 -25.06
N THR E 153 -22.62 -6.12 -26.36
CA THR E 153 -21.26 -5.96 -26.93
C THR E 153 -21.20 -4.93 -28.06
N LYS E 154 -22.31 -4.32 -28.48
CA LYS E 154 -22.29 -3.38 -29.65
C LYS E 154 -21.57 -2.08 -29.24
N LEU E 155 -21.93 -1.54 -28.08
CA LEU E 155 -21.34 -0.31 -27.51
C LEU E 155 -21.22 -0.48 -25.99
N THR E 156 -20.06 -0.18 -25.42
CA THR E 156 -19.89 -0.04 -23.96
C THR E 156 -20.04 1.45 -23.62
N LEU E 157 -21.07 1.78 -22.85
CA LEU E 157 -21.28 3.13 -22.29
C LEU E 157 -20.72 3.16 -20.85
N GLN E 158 -19.58 3.80 -20.65
CA GLN E 158 -19.05 4.06 -19.28
C GLN E 158 -19.72 5.31 -18.75
N PHE E 159 -20.72 5.13 -17.91
CA PHE E 159 -21.55 6.20 -17.34
C PHE E 159 -20.91 6.59 -16.02
N CYS E 160 -20.26 7.74 -16.00
CA CYS E 160 -19.40 8.18 -14.87
C CYS E 160 -20.22 9.07 -13.93
N VAL E 161 -20.61 8.49 -12.80
CA VAL E 161 -21.48 9.12 -11.77
C VAL E 161 -20.75 9.07 -10.43
N ASN E 162 -20.58 10.22 -9.79
CA ASN E 162 -19.74 10.38 -8.57
C ASN E 162 -18.34 9.88 -8.90
N TYR E 163 -17.84 10.32 -10.06
CA TYR E 163 -16.55 9.92 -10.66
C TYR E 163 -15.58 11.11 -10.59
N GLY E 164 -14.30 10.81 -10.28
CA GLY E 164 -13.17 11.73 -10.48
C GLY E 164 -11.93 10.94 -10.86
N GLY E 165 -11.09 11.49 -11.73
CA GLY E 165 -9.87 10.80 -12.21
C GLY E 165 -8.90 10.54 -11.06
N ARG E 166 -8.64 11.55 -10.26
CA ARG E 166 -7.81 11.44 -9.04
C ARG E 166 -8.41 10.43 -8.05
N ALA E 167 -9.72 10.48 -7.81
CA ALA E 167 -10.41 9.54 -6.89
C ALA E 167 -10.21 8.11 -7.40
N GLU E 168 -10.31 7.90 -8.72
CA GLU E 168 -10.15 6.56 -9.32
C GLU E 168 -8.72 6.05 -9.06
N ILE E 169 -7.73 6.90 -9.30
CA ILE E 169 -6.30 6.56 -9.12
C ILE E 169 -6.01 6.27 -7.63
N ALA E 170 -6.58 7.06 -6.72
CA ALA E 170 -6.40 6.87 -5.26
C ALA E 170 -7.02 5.53 -4.83
N ASP E 171 -8.22 5.22 -5.34
CA ASP E 171 -8.90 3.92 -5.06
C ASP E 171 -8.05 2.77 -5.64
N ALA E 172 -7.43 2.97 -6.81
CA ALA E 172 -6.53 1.98 -7.41
C ALA E 172 -5.30 1.77 -6.49
N ALA E 173 -4.67 2.86 -6.00
CA ALA E 173 -3.48 2.78 -5.13
C ALA E 173 -3.84 2.07 -3.82
N ALA E 174 -5.00 2.36 -3.23
CA ALA E 174 -5.46 1.70 -2.00
C ALA E 174 -5.57 0.18 -2.21
N ALA E 175 -6.21 -0.26 -3.31
CA ALA E 175 -6.41 -1.68 -3.60
C ALA E 175 -5.04 -2.35 -3.85
N LEU E 176 -4.17 -1.67 -4.60
CA LEU E 176 -2.78 -2.12 -4.80
C LEU E 176 -2.07 -2.25 -3.42
N ALA E 177 -2.25 -1.26 -2.55
CA ALA E 177 -1.62 -1.23 -1.21
C ALA E 177 -2.05 -2.48 -0.41
N ARG E 178 -3.33 -2.86 -0.47
CA ARG E 178 -3.85 -4.06 0.24
C ARG E 178 -3.14 -5.33 -0.26
N ASP E 179 -2.94 -5.46 -1.56
CA ASP E 179 -2.23 -6.61 -2.15
C ASP E 179 -0.77 -6.59 -1.72
N VAL E 180 -0.17 -5.41 -1.56
CA VAL E 180 1.23 -5.30 -1.07
C VAL E 180 1.31 -5.76 0.39
N ALA E 181 0.39 -5.32 1.25
CA ALA E 181 0.37 -5.63 2.69
C ALA E 181 0.21 -7.15 2.89
N ALA E 182 -0.63 -7.79 2.07
CA ALA E 182 -0.90 -9.24 2.13
C ALA E 182 0.25 -10.03 1.48
N GLY E 183 1.22 -9.37 0.85
CA GLY E 183 2.37 -10.03 0.21
C GLY E 183 2.00 -10.72 -1.09
N ARG E 184 0.86 -10.36 -1.71
CA ARG E 184 0.45 -10.86 -3.05
C ARG E 184 1.20 -10.09 -4.15
N LEU E 185 1.83 -8.96 -3.81
CA LEU E 185 2.54 -8.07 -4.74
C LEU E 185 3.74 -7.46 -4.02
N SER E 186 4.91 -7.45 -4.66
CA SER E 186 6.13 -6.78 -4.12
C SER E 186 6.05 -5.29 -4.46
N PRO E 187 6.43 -4.38 -3.55
CA PRO E 187 6.46 -2.95 -3.87
C PRO E 187 7.54 -2.56 -4.88
N ASN E 188 8.49 -3.45 -5.16
CA ASN E 188 9.58 -3.18 -6.15
C ASN E 188 9.14 -3.59 -7.56
N ARG E 189 7.98 -4.22 -7.70
CA ARG E 189 7.41 -4.62 -9.02
C ARG E 189 6.06 -3.90 -9.25
N VAL E 190 5.88 -2.69 -8.71
CA VAL E 190 4.71 -1.83 -9.01
C VAL E 190 5.08 -0.99 -10.22
N THR E 191 4.41 -1.25 -11.34
CA THR E 191 4.60 -0.57 -12.64
C THR E 191 3.29 0.09 -13.04
N GLU E 192 3.30 0.76 -14.18
CA GLU E 192 2.10 1.36 -14.78
C GLU E 192 1.05 0.28 -14.97
N ALA E 193 1.44 -0.88 -15.52
CA ALA E 193 0.51 -1.98 -15.81
C ALA E 193 -0.10 -2.52 -14.52
N THR E 194 0.68 -2.57 -13.43
CA THR E 194 0.20 -3.03 -12.12
C THR E 194 -0.88 -2.08 -11.62
N LEU E 195 -0.60 -0.78 -11.62
CA LEU E 195 -1.60 0.19 -11.12
C LEU E 195 -2.85 0.14 -12.01
N ALA E 196 -2.68 0.05 -13.33
CA ALA E 196 -3.80 0.05 -14.30
C ALA E 196 -4.80 -1.10 -14.00
N ARG E 197 -4.32 -2.21 -13.45
CA ARG E 197 -5.19 -3.39 -13.16
C ARG E 197 -6.22 -3.05 -12.08
N TYR E 198 -5.98 -1.99 -11.28
CA TYR E 198 -6.85 -1.65 -10.13
C TYR E 198 -7.74 -0.44 -10.45
N LEU E 199 -7.78 0.04 -11.69
CA LEU E 199 -8.76 1.11 -12.11
C LEU E 199 -10.15 0.52 -12.08
N TYR E 200 -11.20 1.33 -12.13
CA TYR E 200 -12.60 0.87 -11.96
C TYR E 200 -12.95 -0.21 -12.99
N HIS E 201 -12.60 -0.02 -14.26
CA HIS E 201 -12.94 -0.96 -15.36
C HIS E 201 -11.74 -1.20 -16.22
N PRO E 202 -10.80 -2.05 -15.78
CA PRO E 202 -9.52 -2.20 -16.45
C PRO E 202 -9.63 -2.80 -17.86
N ASP E 203 -10.74 -3.48 -18.14
CA ASP E 203 -11.03 -4.06 -19.48
C ASP E 203 -11.38 -2.97 -20.49
N ILE E 204 -11.80 -1.78 -20.04
CA ILE E 204 -12.08 -0.64 -20.98
C ILE E 204 -10.75 0.00 -21.33
N PRO E 205 -10.43 0.15 -22.63
CA PRO E 205 -9.12 0.64 -23.05
C PRO E 205 -8.96 2.15 -22.88
N ASP E 206 -7.74 2.64 -23.15
CA ASP E 206 -7.38 4.07 -23.12
C ASP E 206 -8.38 4.87 -23.94
N VAL E 207 -8.56 6.15 -23.59
CA VAL E 207 -9.32 7.11 -24.41
C VAL E 207 -8.46 7.50 -25.62
N ASP E 208 -9.02 7.38 -26.83
CA ASP E 208 -8.36 7.80 -28.09
C ASP E 208 -8.71 9.25 -28.38
N LEU E 209 -9.96 9.60 -28.11
CA LEU E 209 -10.51 10.92 -28.47
C LEU E 209 -11.31 11.44 -27.30
N PHE E 210 -10.94 12.64 -26.85
CA PHE E 210 -11.55 13.30 -25.68
C PHE E 210 -12.23 14.56 -26.22
N ILE E 211 -13.56 14.59 -26.17
CA ILE E 211 -14.37 15.70 -26.70
C ILE E 211 -14.85 16.53 -25.52
N ARG E 212 -14.55 17.81 -25.55
CA ARG E 212 -15.20 18.77 -24.64
C ARG E 212 -16.24 19.50 -25.46
N SER E 213 -17.52 19.27 -25.17
CA SER E 213 -18.64 19.88 -25.93
C SER E 213 -18.41 21.38 -26.05
N SER E 214 -18.22 22.06 -24.92
CA SER E 214 -18.23 23.54 -24.84
C SER E 214 -16.79 24.06 -25.00
N GLY E 215 -16.60 25.37 -24.89
CA GLY E 215 -15.30 26.01 -25.13
C GLY E 215 -14.39 26.00 -23.92
N GLU E 216 -14.85 25.49 -22.75
CA GLU E 216 -13.99 25.33 -21.54
C GLU E 216 -12.88 24.31 -21.86
N GLN E 217 -11.62 24.73 -22.00
CA GLN E 217 -10.53 23.85 -22.50
C GLN E 217 -9.79 23.20 -21.32
N ARG E 218 -10.33 22.08 -20.80
CA ARG E 218 -9.77 21.38 -19.62
C ARG E 218 -10.24 19.93 -19.60
N LEU E 219 -9.53 19.09 -18.85
CA LEU E 219 -9.90 17.68 -18.62
C LEU E 219 -10.99 17.62 -17.55
N SER E 220 -10.96 18.57 -16.63
CA SER E 220 -11.87 18.61 -15.46
C SER E 220 -11.88 17.25 -14.76
N ASN E 221 -10.70 16.64 -14.60
CA ASN E 221 -10.53 15.47 -13.71
C ASN E 221 -11.33 14.29 -14.26
N PHE E 222 -11.36 14.11 -15.57
CA PHE E 222 -12.17 13.06 -16.26
C PHE E 222 -11.24 12.07 -16.96
N LEU E 223 -11.31 10.81 -16.56
CA LEU E 223 -10.50 9.70 -17.13
C LEU E 223 -9.06 10.14 -17.32
N LEU E 224 -8.48 10.61 -16.22
CA LEU E 224 -7.12 11.18 -16.19
C LEU E 224 -6.08 10.14 -16.60
N TRP E 225 -6.03 8.99 -15.94
CA TRP E 225 -5.05 7.95 -16.31
C TRP E 225 -5.24 7.57 -17.78
N GLN E 226 -6.50 7.35 -18.17
CA GLN E 226 -6.90 6.75 -19.48
C GLN E 226 -6.69 7.74 -20.64
N SER E 227 -6.56 9.05 -20.35
CA SER E 227 -6.54 10.13 -21.37
C SER E 227 -5.11 10.63 -21.60
N SER E 228 -4.14 9.95 -21.02
CA SER E 228 -2.71 10.33 -21.06
C SER E 228 -2.25 10.67 -22.48
N TYR E 229 -2.69 9.88 -23.46
CA TYR E 229 -2.27 10.03 -24.89
C TYR E 229 -3.46 10.35 -25.78
N ALA E 230 -4.61 10.72 -25.21
CA ALA E 230 -5.84 11.04 -25.97
C ALA E 230 -5.66 12.31 -26.81
N GLU E 231 -6.29 12.34 -28.00
CA GLU E 231 -6.48 13.57 -28.78
C GLU E 231 -7.63 14.35 -28.16
N PHE E 232 -7.44 15.64 -27.91
CA PHE E 232 -8.47 16.56 -27.42
C PHE E 232 -9.11 17.29 -28.62
N VAL E 233 -10.43 17.30 -28.69
CA VAL E 233 -11.22 18.16 -29.62
C VAL E 233 -12.15 19.00 -28.77
N PHE E 234 -11.96 20.33 -28.83
CA PHE E 234 -12.81 21.35 -28.17
C PHE E 234 -13.74 21.95 -29.22
N LEU E 235 -15.05 21.68 -29.09
CA LEU E 235 -16.12 22.30 -29.91
C LEU E 235 -16.72 23.45 -29.11
N ASP E 236 -17.57 24.27 -29.73
CA ASP E 236 -18.18 25.45 -29.07
C ASP E 236 -19.63 25.15 -28.76
N THR E 237 -20.13 24.01 -29.23
CA THR E 237 -21.52 23.55 -29.04
C THR E 237 -21.78 23.29 -27.55
N LEU E 238 -22.76 23.97 -26.96
CA LEU E 238 -23.28 23.63 -25.61
C LEU E 238 -23.94 22.26 -25.70
N TRP E 239 -23.88 21.48 -24.62
CA TRP E 239 -24.19 20.03 -24.66
C TRP E 239 -25.62 19.79 -25.15
N PRO E 240 -26.64 20.57 -24.72
CA PRO E 240 -28.00 20.37 -25.24
C PRO E 240 -28.17 20.52 -26.76
N ASP E 241 -27.27 21.23 -27.43
CA ASP E 241 -27.25 21.40 -28.92
C ASP E 241 -26.35 20.37 -29.56
N PHE E 242 -25.68 19.53 -28.77
CA PHE E 242 -24.76 18.46 -29.25
C PHE E 242 -25.62 17.29 -29.72
N ASP E 243 -25.31 16.71 -30.88
CA ASP E 243 -26.00 15.51 -31.40
C ASP E 243 -24.97 14.72 -32.20
N ARG E 244 -25.42 13.65 -32.88
CA ARG E 244 -24.53 12.69 -33.58
C ARG E 244 -23.66 13.42 -34.62
N ARG E 245 -24.11 14.53 -35.19
CA ARG E 245 -23.35 15.24 -36.26
C ARG E 245 -22.09 15.86 -35.64
N HIS E 246 -22.21 16.49 -34.46
CA HIS E 246 -21.07 17.04 -33.69
C HIS E 246 -20.10 15.91 -33.31
N PHE E 247 -20.64 14.77 -32.88
CA PHE E 247 -19.83 13.57 -32.53
C PHE E 247 -19.05 13.11 -33.77
N TRP E 248 -19.76 13.03 -34.91
CA TRP E 248 -19.18 12.59 -36.21
C TRP E 248 -18.08 13.58 -36.64
N GLN E 249 -18.34 14.88 -36.48
CA GLN E 249 -17.35 15.94 -36.78
C GLN E 249 -16.07 15.69 -35.98
N ALA E 250 -16.20 15.48 -34.65
CA ALA E 250 -15.05 15.24 -33.75
C ALA E 250 -14.27 14.01 -34.23
N CYS E 251 -14.97 12.94 -34.59
CA CYS E 251 -14.33 11.70 -35.12
C CYS E 251 -13.61 12.01 -36.44
N GLU E 252 -14.16 12.89 -37.28
CA GLU E 252 -13.55 13.30 -38.57
C GLU E 252 -12.25 14.07 -38.29
N ILE E 253 -12.29 15.02 -37.34
CA ILE E 253 -11.09 15.79 -36.90
C ILE E 253 -10.04 14.78 -36.41
N TYR E 254 -10.45 13.77 -35.62
CA TYR E 254 -9.56 12.74 -35.06
C TYR E 254 -8.85 11.98 -36.19
N ALA E 255 -9.61 11.59 -37.22
CA ALA E 255 -9.12 10.77 -38.37
C ALA E 255 -8.04 11.53 -39.15
N ARG E 256 -8.18 12.86 -39.28
CA ARG E 256 -7.17 13.74 -39.93
C ARG E 256 -5.90 13.79 -39.07
N ARG F 26 8.54 43.69 -24.06
CA ARG F 26 7.84 44.23 -22.84
C ARG F 26 6.73 43.26 -22.40
N PRO F 27 6.73 42.81 -21.13
CA PRO F 27 5.71 41.86 -20.66
C PRO F 27 4.35 42.50 -20.53
N PRO F 28 3.24 41.75 -20.80
CA PRO F 28 1.90 42.30 -20.69
C PRO F 28 1.51 42.65 -19.25
N GLN F 29 0.64 43.65 -19.10
CA GLN F 29 0.18 44.18 -17.78
C GLN F 29 -1.07 43.38 -17.38
N LEU F 30 -0.87 42.31 -16.60
CA LEU F 30 -1.98 41.46 -16.10
C LEU F 30 -2.11 41.67 -14.60
N PRO F 31 -3.35 41.68 -14.05
CA PRO F 31 -3.51 41.67 -12.60
C PRO F 31 -2.92 40.38 -12.01
N ARG F 32 -2.37 40.45 -10.79
CA ARG F 32 -1.70 39.32 -10.09
C ARG F 32 -2.63 38.10 -10.04
N GLU F 33 -3.93 38.33 -9.79
CA GLU F 33 -4.97 37.27 -9.65
C GLU F 33 -5.01 36.38 -10.90
N LEU F 34 -4.68 36.92 -12.07
CA LEU F 34 -4.90 36.26 -13.38
C LEU F 34 -3.56 35.80 -13.97
N ILE F 35 -2.47 35.91 -13.22
CA ILE F 35 -1.15 35.33 -13.64
C ILE F 35 -1.12 33.89 -13.16
N PRO F 36 -0.88 32.90 -14.06
CA PRO F 36 -0.83 31.49 -13.65
C PRO F 36 0.33 31.27 -12.66
N ARG F 37 0.05 30.60 -11.55
CA ARG F 37 1.07 30.24 -10.53
C ARG F 37 2.03 29.18 -11.09
N HIS F 38 1.52 28.27 -11.93
CA HIS F 38 2.31 27.14 -12.46
C HIS F 38 1.97 26.95 -13.94
N VAL F 39 2.96 27.07 -14.80
CA VAL F 39 2.81 26.85 -16.25
C VAL F 39 3.65 25.62 -16.58
N ALA F 40 3.08 24.72 -17.38
CA ALA F 40 3.76 23.52 -17.87
C ALA F 40 3.85 23.63 -19.38
N ILE F 41 5.00 23.31 -19.97
CA ILE F 41 5.20 23.42 -21.44
C ILE F 41 5.69 22.09 -21.99
N VAL F 42 5.00 21.59 -23.01
CA VAL F 42 5.48 20.51 -23.90
C VAL F 42 6.19 21.20 -25.06
N MET F 43 7.48 20.91 -25.19
CA MET F 43 8.45 21.53 -26.13
C MET F 43 8.59 20.62 -27.34
N ASP F 44 7.58 20.59 -28.20
CA ASP F 44 7.57 19.65 -29.35
C ASP F 44 7.74 20.41 -30.68
N GLY F 45 8.20 19.68 -31.70
CA GLY F 45 8.38 20.16 -33.08
C GLY F 45 9.83 20.45 -33.41
N ASN F 46 10.78 20.01 -32.58
CA ASN F 46 12.24 20.26 -32.78
C ASN F 46 12.66 19.54 -34.07
N GLY F 47 12.29 18.27 -34.21
CA GLY F 47 12.58 17.46 -35.41
C GLY F 47 11.95 18.05 -36.66
N ARG F 48 10.63 18.25 -36.64
CA ARG F 48 9.82 18.79 -37.77
C ARG F 48 10.39 20.14 -38.23
N TRP F 49 10.86 20.95 -37.27
CA TRP F 49 11.41 22.31 -37.53
C TRP F 49 12.70 22.19 -38.34
N ALA F 50 13.57 21.25 -37.97
CA ALA F 50 14.88 21.02 -38.63
C ALA F 50 14.66 20.46 -40.05
N LYS F 51 13.62 19.63 -40.24
CA LYS F 51 13.30 19.02 -41.55
C LYS F 51 12.89 20.16 -42.52
N GLN F 52 12.03 21.07 -42.07
CA GLN F 52 11.52 22.25 -42.85
C GLN F 52 12.68 23.16 -43.28
N ARG F 53 13.83 23.08 -42.62
CA ARG F 53 15.02 23.95 -42.89
C ARG F 53 16.19 23.11 -43.42
N GLY F 54 15.94 21.86 -43.79
CA GLY F 54 16.98 20.93 -44.28
C GLY F 54 18.15 20.78 -43.32
N LEU F 55 17.91 20.90 -42.01
CA LEU F 55 18.93 20.66 -40.96
C LEU F 55 18.68 19.30 -40.32
N PRO F 56 19.71 18.64 -39.74
CA PRO F 56 19.50 17.43 -38.96
C PRO F 56 18.59 17.71 -37.74
N ARG F 57 17.78 16.70 -37.34
CA ARG F 57 16.86 16.75 -36.19
C ARG F 57 17.59 17.30 -34.95
N THR F 58 18.83 16.87 -34.71
CA THR F 58 19.67 17.31 -33.56
C THR F 58 19.72 18.84 -33.46
N GLU F 59 19.72 19.56 -34.58
CA GLU F 59 19.91 21.03 -34.61
C GLU F 59 18.63 21.71 -34.11
N GLY F 60 17.46 21.12 -34.41
CA GLY F 60 16.19 21.58 -33.84
C GLY F 60 16.22 21.57 -32.32
N HIS F 61 16.76 20.52 -31.72
CA HIS F 61 16.88 20.39 -30.24
C HIS F 61 17.81 21.50 -29.75
N LYS F 62 18.95 21.70 -30.42
CA LYS F 62 19.93 22.76 -30.06
C LYS F 62 19.22 24.13 -30.10
N ALA F 63 18.42 24.38 -31.13
CA ALA F 63 17.65 25.63 -31.28
C ALA F 63 16.61 25.74 -30.14
N GLY F 64 16.02 24.61 -29.75
CA GLY F 64 15.07 24.51 -28.63
C GLY F 64 15.64 25.00 -27.31
N GLU F 65 16.94 24.79 -27.08
CA GLU F 65 17.61 25.26 -25.83
C GLU F 65 17.35 26.76 -25.64
N SER F 66 17.55 27.58 -26.67
CA SER F 66 17.44 29.06 -26.54
C SER F 66 15.98 29.43 -26.29
N SER F 67 15.03 28.72 -26.93
CA SER F 67 13.58 28.90 -26.68
C SER F 67 13.31 28.77 -25.17
N LEU F 68 13.84 27.72 -24.54
CA LEU F 68 13.58 27.41 -23.11
C LEU F 68 14.09 28.57 -22.24
N PHE F 69 15.32 29.02 -22.45
CA PHE F 69 15.94 30.10 -21.64
C PHE F 69 15.22 31.42 -21.90
N ASP F 70 14.73 31.63 -23.11
CA ASP F 70 13.93 32.85 -23.41
C ASP F 70 12.62 32.78 -22.64
N VAL F 71 11.94 31.61 -22.66
CA VAL F 71 10.65 31.42 -21.93
C VAL F 71 10.91 31.56 -20.42
N ILE F 72 12.04 31.04 -19.91
CA ILE F 72 12.41 31.20 -18.48
C ILE F 72 12.49 32.70 -18.15
N GLU F 73 13.13 33.51 -19.00
CA GLU F 73 13.24 34.98 -18.81
C GLU F 73 11.83 35.58 -18.83
N GLY F 74 11.00 35.18 -19.79
CA GLY F 74 9.57 35.58 -19.87
C GLY F 74 8.82 35.30 -18.57
N ALA F 75 9.02 34.12 -17.97
CA ALA F 75 8.33 33.77 -16.71
C ALA F 75 8.85 34.65 -15.58
N LEU F 76 10.18 34.84 -15.50
CA LEU F 76 10.82 35.71 -14.46
C LEU F 76 10.24 37.13 -14.54
N GLU F 77 10.12 37.69 -15.75
CA GLU F 77 9.66 39.09 -15.96
C GLU F 77 8.20 39.21 -15.55
N LEU F 78 7.35 38.24 -15.94
CA LEU F 78 5.89 38.29 -15.66
C LEU F 78 5.62 37.93 -14.19
N GLY F 79 6.55 37.24 -13.52
CA GLY F 79 6.38 36.78 -12.12
C GLY F 79 5.59 35.48 -12.01
N VAL F 80 5.75 34.55 -12.95
CA VAL F 80 5.23 33.16 -12.80
C VAL F 80 6.19 32.41 -11.89
N PRO F 81 5.77 31.99 -10.68
CA PRO F 81 6.67 31.31 -9.74
C PRO F 81 7.04 29.85 -10.04
N TYR F 82 6.29 29.14 -10.88
CA TYR F 82 6.56 27.72 -11.23
C TYR F 82 6.47 27.50 -12.74
N LEU F 83 7.53 26.92 -13.30
CA LEU F 83 7.59 26.51 -14.72
C LEU F 83 8.05 25.06 -14.80
N SER F 84 7.30 24.20 -15.50
CA SER F 84 7.67 22.78 -15.73
C SER F 84 7.89 22.61 -17.22
N ALA F 85 8.98 21.95 -17.59
CA ALA F 85 9.34 21.74 -19.01
C ALA F 85 9.59 20.26 -19.25
N TYR F 86 8.91 19.70 -20.25
CA TYR F 86 9.03 18.28 -20.62
C TYR F 86 10.24 18.10 -21.51
N ALA F 87 11.41 17.88 -20.92
CA ALA F 87 12.71 17.80 -21.61
C ALA F 87 12.91 16.41 -22.21
N PHE F 88 12.52 15.34 -21.51
CA PHE F 88 12.81 13.95 -21.93
C PHE F 88 11.77 13.00 -21.33
N SER F 89 10.95 12.42 -22.21
CA SER F 89 9.79 11.56 -21.89
C SER F 89 10.26 10.11 -21.67
N THR F 90 9.62 9.39 -20.75
CA THR F 90 9.76 7.91 -20.58
C THR F 90 9.54 7.22 -21.93
N GLU F 91 8.70 7.79 -22.80
CA GLU F 91 8.33 7.23 -24.13
C GLU F 91 9.39 7.55 -25.19
N ASN F 92 10.38 8.39 -24.89
CA ASN F 92 11.53 8.69 -25.80
C ASN F 92 12.48 7.49 -25.92
N TRP F 93 12.44 6.52 -25.00
CA TRP F 93 13.24 5.26 -25.07
C TRP F 93 12.82 4.41 -26.28
N LYS F 94 11.63 4.64 -26.85
CA LYS F 94 11.12 3.96 -28.07
C LYS F 94 11.76 4.52 -29.34
N ARG F 95 12.44 5.68 -29.26
CA ARG F 95 13.11 6.30 -30.44
C ARG F 95 14.43 5.56 -30.69
N SER F 96 15.12 5.88 -31.78
CA SER F 96 16.33 5.15 -32.25
C SER F 96 17.44 5.25 -31.21
N PRO F 97 18.34 4.25 -31.10
CA PRO F 97 19.48 4.33 -30.18
C PRO F 97 20.28 5.64 -30.27
N ASP F 98 20.50 6.14 -31.50
CA ASP F 98 21.34 7.33 -31.78
C ASP F 98 20.64 8.59 -31.23
N GLU F 99 19.33 8.71 -31.44
CA GLU F 99 18.53 9.87 -30.97
C GLU F 99 18.45 9.85 -29.43
N VAL F 100 18.34 8.68 -28.81
CA VAL F 100 18.31 8.57 -27.32
C VAL F 100 19.69 9.00 -26.77
N ARG F 101 20.77 8.46 -27.32
CA ARG F 101 22.17 8.80 -26.95
C ARG F 101 22.35 10.33 -27.04
N PHE F 102 21.89 10.94 -28.14
CA PHE F 102 22.00 12.41 -28.36
C PHE F 102 21.20 13.17 -27.29
N LEU F 103 19.93 12.80 -27.06
CA LEU F 103 19.01 13.56 -26.16
C LEU F 103 19.50 13.50 -24.71
N MET F 104 20.13 12.39 -24.33
CA MET F 104 20.70 12.24 -22.97
C MET F 104 21.89 13.18 -22.83
N GLY F 105 22.86 13.06 -23.73
CA GLY F 105 24.08 13.93 -23.76
C GLY F 105 23.69 15.40 -23.79
N PHE F 106 22.67 15.75 -24.59
CA PHE F 106 22.27 17.15 -24.85
C PHE F 106 21.63 17.76 -23.59
N ASN F 107 20.68 17.05 -22.96
CA ASN F 107 19.99 17.56 -21.74
C ASN F 107 21.05 17.73 -20.63
N ARG F 108 22.02 16.83 -20.56
CA ARG F 108 23.18 16.91 -19.63
C ARG F 108 23.96 18.21 -19.89
N ASP F 109 24.35 18.43 -21.15
CA ASP F 109 25.24 19.55 -21.54
C ASP F 109 24.50 20.88 -21.31
N VAL F 110 23.20 20.94 -21.62
CA VAL F 110 22.39 22.17 -21.39
C VAL F 110 22.47 22.54 -19.91
N ILE F 111 22.24 21.58 -19.03
CA ILE F 111 22.10 21.86 -17.58
C ILE F 111 23.46 22.30 -17.04
N ARG F 112 24.55 21.63 -17.45
CA ARG F 112 25.95 21.98 -17.06
C ARG F 112 26.24 23.43 -17.50
N ARG F 113 25.95 23.77 -18.75
CA ARG F 113 26.37 25.07 -19.36
C ARG F 113 25.54 26.22 -18.78
N ARG F 114 24.30 25.96 -18.33
CA ARG F 114 23.32 27.03 -17.99
C ARG F 114 23.14 27.19 -16.48
N ARG F 115 23.68 26.29 -15.66
CA ARG F 115 23.35 26.26 -14.21
C ARG F 115 23.76 27.57 -13.54
N ASP F 116 24.92 28.14 -13.90
CA ASP F 116 25.44 29.41 -13.30
C ASP F 116 24.48 30.55 -13.62
N GLU F 117 24.07 30.67 -14.89
CA GLU F 117 23.05 31.67 -15.32
C GLU F 117 21.77 31.48 -14.50
N LEU F 118 21.30 30.23 -14.38
CA LEU F 118 20.05 29.92 -13.63
C LEU F 118 20.26 30.32 -12.17
N HIS F 119 21.40 29.93 -11.58
CA HIS F 119 21.76 30.32 -10.19
C HIS F 119 21.67 31.83 -10.05
N ALA F 120 22.30 32.57 -10.99
CA ALA F 120 22.41 34.04 -10.94
C ALA F 120 21.02 34.68 -11.06
N ARG F 121 20.13 34.13 -11.88
CA ARG F 121 18.78 34.72 -12.12
C ARG F 121 17.79 34.32 -11.00
N GLY F 122 18.19 33.51 -10.02
CA GLY F 122 17.30 33.12 -8.89
C GLY F 122 16.35 31.99 -9.27
N VAL F 123 16.72 31.16 -10.24
CA VAL F 123 15.94 29.97 -10.67
C VAL F 123 16.38 28.78 -9.83
N ARG F 124 15.43 28.14 -9.13
CA ARG F 124 15.66 26.84 -8.46
C ARG F 124 15.32 25.70 -9.43
N VAL F 125 16.31 24.88 -9.77
CA VAL F 125 16.15 23.68 -10.64
C VAL F 125 15.67 22.51 -9.78
N ARG F 126 14.57 21.87 -10.16
CA ARG F 126 14.08 20.63 -9.53
C ARG F 126 13.98 19.56 -10.62
N TRP F 127 14.72 18.46 -10.49
CA TRP F 127 14.64 17.36 -11.47
C TRP F 127 13.45 16.46 -11.12
N ALA F 128 12.48 16.31 -12.04
CA ALA F 128 11.35 15.37 -11.95
C ALA F 128 11.57 14.24 -12.94
N GLY F 129 11.53 13.01 -12.44
CA GLY F 129 11.70 11.79 -13.25
C GLY F 129 12.36 10.68 -12.46
N ARG F 130 12.71 9.62 -13.16
CA ARG F 130 13.29 8.38 -12.60
C ARG F 130 14.75 8.30 -13.07
N PRO F 131 15.66 7.80 -12.22
CA PRO F 131 17.03 7.53 -12.64
C PRO F 131 17.06 6.48 -13.77
N GLY F 132 16.28 5.40 -13.64
CA GLY F 132 16.03 4.41 -14.72
C GLY F 132 17.29 4.12 -15.52
N ARG F 133 17.25 4.23 -16.84
CA ARG F 133 18.37 3.88 -17.75
C ARG F 133 19.25 5.11 -18.06
N LEU F 134 19.01 6.25 -17.41
CA LEU F 134 19.80 7.48 -17.65
C LEU F 134 21.26 7.21 -17.32
N TRP F 135 22.19 7.73 -18.14
CA TRP F 135 23.63 7.76 -17.83
C TRP F 135 23.83 8.41 -16.45
N LYS F 136 24.85 7.92 -15.72
CA LYS F 136 25.27 8.45 -14.39
C LYS F 136 25.61 9.94 -14.56
N SER F 137 26.25 10.32 -15.66
CA SER F 137 26.69 11.72 -15.95
C SER F 137 25.46 12.63 -16.05
N VAL F 138 24.35 12.16 -16.62
CA VAL F 138 23.10 12.98 -16.73
C VAL F 138 22.54 13.21 -15.32
N ILE F 139 22.43 12.15 -14.53
CA ILE F 139 21.91 12.21 -13.12
C ILE F 139 22.79 13.17 -12.31
N LYS F 140 24.10 13.07 -12.46
CA LYS F 140 25.10 13.88 -11.70
C LYS F 140 24.85 15.37 -11.99
N GLU F 141 24.79 15.77 -13.26
CA GLU F 141 24.56 17.19 -13.66
C GLU F 141 23.21 17.67 -13.10
N LEU F 142 22.16 16.86 -13.21
CA LEU F 142 20.81 17.21 -12.68
C LEU F 142 20.92 17.46 -11.18
N THR F 143 21.52 16.49 -10.46
CA THR F 143 21.67 16.50 -8.98
C THR F 143 22.46 17.75 -8.54
N GLU F 144 23.55 18.05 -9.24
CA GLU F 144 24.45 19.20 -8.93
C GLU F 144 23.71 20.52 -9.19
N ALA F 145 22.97 20.62 -10.30
CA ALA F 145 22.16 21.82 -10.62
C ALA F 145 21.13 22.05 -9.50
N GLU F 146 20.50 20.97 -9.02
CA GLU F 146 19.53 21.06 -7.87
C GLU F 146 20.27 21.62 -6.64
N GLU F 147 21.42 21.05 -6.29
CA GLU F 147 22.21 21.42 -5.09
C GLU F 147 22.63 22.89 -5.19
N LEU F 148 23.18 23.28 -6.33
CA LEU F 148 23.65 24.67 -6.59
C LEU F 148 22.51 25.67 -6.36
N THR F 149 21.28 25.37 -6.79
CA THR F 149 20.19 26.38 -6.92
C THR F 149 19.13 26.21 -5.83
N LYS F 150 19.37 25.34 -4.83
CA LYS F 150 18.31 24.92 -3.87
C LYS F 150 17.82 26.08 -2.99
N HIS F 151 18.57 27.19 -2.85
CA HIS F 151 18.18 28.35 -2.00
C HIS F 151 17.44 29.40 -2.81
N ASN F 152 17.39 29.28 -4.14
CA ASN F 152 16.71 30.24 -5.04
C ASN F 152 15.19 30.15 -4.85
N THR F 153 14.48 31.25 -5.09
CA THR F 153 13.02 31.40 -4.84
C THR F 153 12.31 32.25 -5.91
N LYS F 154 13.00 32.82 -6.90
CA LYS F 154 12.33 33.71 -7.89
C LYS F 154 11.45 32.85 -8.81
N LEU F 155 12.00 31.75 -9.31
CA LEU F 155 11.30 30.79 -10.21
C LEU F 155 11.74 29.37 -9.86
N THR F 156 10.78 28.45 -9.71
CA THR F 156 11.06 26.99 -9.65
C THR F 156 10.91 26.42 -11.05
N LEU F 157 12.01 25.93 -11.62
CA LEU F 157 12.02 25.21 -12.91
C LEU F 157 11.98 23.70 -12.62
N GLN F 158 10.83 23.05 -12.87
CA GLN F 158 10.70 21.58 -12.80
C GLN F 158 11.14 21.04 -14.15
N PHE F 159 12.37 20.54 -14.20
CA PHE F 159 13.03 20.02 -15.42
C PHE F 159 12.74 18.52 -15.46
N CYS F 160 11.86 18.11 -16.35
CA CYS F 160 11.31 16.74 -16.39
C CYS F 160 12.10 15.89 -17.39
N VAL F 161 12.97 15.04 -16.85
CA VAL F 161 13.92 14.20 -17.61
C VAL F 161 13.71 12.75 -17.18
N ASN F 162 13.46 11.87 -18.15
CA ASN F 162 13.04 10.46 -17.92
C ASN F 162 11.77 10.50 -17.03
N TYR F 163 10.85 11.36 -17.44
CA TYR F 163 9.58 11.64 -16.73
C TYR F 163 8.42 11.08 -17.54
N GLY F 164 7.44 10.51 -16.83
CA GLY F 164 6.10 10.19 -17.36
C GLY F 164 5.07 10.36 -16.28
N GLY F 165 3.87 10.84 -16.62
CA GLY F 165 2.80 11.09 -15.64
C GLY F 165 2.36 9.81 -14.97
N ARG F 166 2.09 8.80 -15.76
CA ARG F 166 1.74 7.44 -15.27
C ARG F 166 2.90 6.85 -14.46
N ALA F 167 4.15 6.99 -14.90
CA ALA F 167 5.34 6.50 -14.14
C ALA F 167 5.37 7.18 -12.76
N GLU F 168 5.10 8.48 -12.70
CA GLU F 168 5.12 9.24 -11.43
C GLU F 168 4.03 8.70 -10.51
N ILE F 169 2.84 8.48 -11.02
CA ILE F 169 1.68 7.99 -10.23
C ILE F 169 1.97 6.57 -9.75
N ALA F 170 2.54 5.71 -10.59
CA ALA F 170 2.92 4.33 -10.23
C ALA F 170 3.99 4.36 -9.14
N ASP F 171 5.00 5.21 -9.26
CA ASP F 171 6.07 5.39 -8.23
C ASP F 171 5.45 5.91 -6.94
N ALA F 172 4.44 6.78 -7.02
CA ALA F 172 3.71 7.27 -5.84
C ALA F 172 2.96 6.10 -5.18
N ALA F 173 2.25 5.28 -5.96
CA ALA F 173 1.48 4.13 -5.44
C ALA F 173 2.44 3.11 -4.82
N ALA F 174 3.60 2.85 -5.43
CA ALA F 174 4.65 1.94 -4.93
C ALA F 174 5.13 2.44 -3.57
N ALA F 175 5.47 3.71 -3.43
CA ALA F 175 5.98 4.28 -2.15
C ALA F 175 4.88 4.23 -1.11
N LEU F 176 3.65 4.56 -1.48
CA LEU F 176 2.48 4.39 -0.56
C LEU F 176 2.36 2.89 -0.17
N ALA F 177 2.49 1.98 -1.13
CA ALA F 177 2.39 0.52 -0.91
C ALA F 177 3.49 0.07 0.04
N ARG F 178 4.73 0.58 -0.06
CA ARG F 178 5.86 0.24 0.85
C ARG F 178 5.49 0.66 2.28
N ASP F 179 4.90 1.83 2.46
CA ASP F 179 4.44 2.28 3.80
C ASP F 179 3.37 1.31 4.29
N VAL F 180 2.47 0.85 3.43
CA VAL F 180 1.39 -0.09 3.83
C VAL F 180 2.01 -1.44 4.23
N ALA F 181 2.97 -1.98 3.47
CA ALA F 181 3.62 -3.29 3.70
C ALA F 181 4.38 -3.27 5.02
N ALA F 182 5.05 -2.16 5.32
CA ALA F 182 5.81 -1.96 6.59
C ALA F 182 4.84 -1.66 7.75
N GLY F 183 3.55 -1.47 7.49
CA GLY F 183 2.55 -1.17 8.53
C GLY F 183 2.67 0.23 9.10
N ARG F 184 3.28 1.16 8.38
CA ARG F 184 3.23 2.64 8.70
C ARG F 184 1.89 3.26 8.26
N LEU F 185 1.09 2.59 7.42
CA LEU F 185 -0.09 3.26 6.77
C LEU F 185 -1.25 2.27 6.60
N SER F 186 -2.45 2.66 7.01
CA SER F 186 -3.69 1.88 6.85
C SER F 186 -4.20 1.98 5.41
N PRO F 187 -4.66 0.86 4.80
CA PRO F 187 -5.23 0.92 3.44
C PRO F 187 -6.61 1.58 3.40
N ASN F 188 -7.26 1.78 4.55
CA ASN F 188 -8.66 2.25 4.60
C ASN F 188 -8.70 3.79 4.63
N ARG F 189 -7.55 4.45 4.76
CA ARG F 189 -7.47 5.93 4.79
C ARG F 189 -6.68 6.46 3.58
N VAL F 190 -6.68 5.75 2.45
CA VAL F 190 -5.94 6.19 1.23
C VAL F 190 -6.86 7.08 0.40
N THR F 191 -6.54 8.37 0.33
CA THR F 191 -7.31 9.41 -0.37
C THR F 191 -6.39 10.06 -1.42
N GLU F 192 -6.96 11.01 -2.16
CA GLU F 192 -6.22 11.86 -3.11
C GLU F 192 -5.03 12.51 -2.41
N ALA F 193 -5.24 13.09 -1.24
CA ALA F 193 -4.18 13.81 -0.48
C ALA F 193 -3.07 12.83 -0.08
N THR F 194 -3.43 11.60 0.28
CA THR F 194 -2.45 10.55 0.66
C THR F 194 -1.58 10.23 -0.55
N LEU F 195 -2.20 9.95 -1.69
CA LEU F 195 -1.40 9.62 -2.90
C LEU F 195 -0.53 10.84 -3.28
N ALA F 196 -1.08 12.04 -3.23
CA ALA F 196 -0.37 13.29 -3.62
C ALA F 196 0.93 13.48 -2.83
N ARG F 197 0.99 12.99 -1.59
CA ARG F 197 2.18 13.14 -0.72
C ARG F 197 3.38 12.38 -1.30
N TYR F 198 3.13 11.40 -2.18
CA TYR F 198 4.19 10.50 -2.70
C TYR F 198 4.57 10.85 -4.14
N LEU F 199 4.06 11.95 -4.70
CA LEU F 199 4.47 12.43 -6.04
C LEU F 199 5.91 12.96 -5.93
N TYR F 200 6.59 13.19 -7.06
CA TYR F 200 8.03 13.50 -7.05
C TYR F 200 8.31 14.75 -6.21
N HIS F 201 7.53 15.81 -6.39
CA HIS F 201 7.74 17.12 -5.71
C HIS F 201 6.41 17.64 -5.19
N PRO F 202 5.94 17.10 -4.05
CA PRO F 202 4.60 17.41 -3.56
C PRO F 202 4.43 18.88 -3.16
N ASP F 203 5.54 19.59 -2.90
CA ASP F 203 5.53 21.05 -2.59
C ASP F 203 5.18 21.89 -3.83
N ILE F 204 5.38 21.35 -5.05
CA ILE F 204 5.05 22.09 -6.29
C ILE F 204 3.54 21.97 -6.49
N PRO F 205 2.82 23.09 -6.68
CA PRO F 205 1.36 23.06 -6.81
C PRO F 205 0.89 22.57 -8.18
N ASP F 206 -0.42 22.38 -8.30
CA ASP F 206 -1.12 21.93 -9.53
C ASP F 206 -0.70 22.84 -10.68
N VAL F 207 -0.77 22.31 -11.91
CA VAL F 207 -0.58 23.12 -13.15
C VAL F 207 -1.85 23.95 -13.37
N ASP F 208 -1.70 25.26 -13.56
CA ASP F 208 -2.82 26.19 -13.87
C ASP F 208 -2.99 26.28 -15.38
N LEU F 209 -1.87 26.28 -16.09
CA LEU F 209 -1.85 26.52 -17.54
C LEU F 209 -0.90 25.52 -18.17
N PHE F 210 -1.40 24.78 -19.14
CA PHE F 210 -0.66 23.73 -19.85
C PHE F 210 -0.53 24.17 -21.30
N ILE F 211 0.68 24.48 -21.74
CA ILE F 211 0.93 24.95 -23.12
C ILE F 211 1.50 23.81 -23.93
N ARG F 212 0.88 23.50 -25.06
CA ARG F 212 1.46 22.63 -26.09
C ARG F 212 1.95 23.55 -27.22
N SER F 213 3.27 23.63 -27.43
CA SER F 213 3.88 24.53 -28.44
C SER F 213 3.22 24.29 -29.80
N SER F 214 3.18 23.05 -30.28
CA SER F 214 3.00 22.74 -31.74
C SER F 214 1.57 22.63 -32.27
N GLY F 215 0.52 22.56 -31.44
CA GLY F 215 -0.86 22.45 -31.97
C GLY F 215 -1.28 21.00 -32.23
N GLU F 216 -0.41 20.00 -31.98
CA GLU F 216 -0.85 18.60 -31.67
C GLU F 216 -1.58 18.59 -30.30
N GLN F 217 -2.85 18.20 -30.28
CA GLN F 217 -3.76 18.45 -29.12
C GLN F 217 -3.82 17.23 -28.19
N ARG F 218 -2.82 17.09 -27.30
CA ARG F 218 -2.70 15.95 -26.35
C ARG F 218 -1.76 16.34 -25.18
N LEU F 219 -1.92 15.63 -24.07
CA LEU F 219 -1.13 15.86 -22.83
C LEU F 219 0.22 15.15 -22.98
N SER F 220 0.25 14.07 -23.76
CA SER F 220 1.43 13.23 -23.95
C SER F 220 2.02 12.82 -22.59
N ASN F 221 1.17 12.48 -21.61
CA ASN F 221 1.63 11.80 -20.38
C ASN F 221 2.50 12.77 -19.58
N PHE F 222 2.17 14.06 -19.56
CA PHE F 222 2.96 15.11 -18.87
C PHE F 222 2.16 15.70 -17.70
N LEU F 223 2.70 15.59 -16.48
CA LEU F 223 2.08 16.09 -15.25
C LEU F 223 0.58 15.79 -15.24
N LEU F 224 0.26 14.52 -15.41
CA LEU F 224 -1.11 13.99 -15.53
C LEU F 224 -1.90 14.29 -14.26
N TRP F 225 -1.42 13.85 -13.09
CA TRP F 225 -2.17 14.13 -11.83
C TRP F 225 -2.35 15.64 -11.67
N GLN F 226 -1.27 16.39 -11.91
CA GLN F 226 -1.15 17.84 -11.56
C GLN F 226 -1.96 18.70 -12.54
N SER F 227 -2.33 18.17 -13.70
CA SER F 227 -2.96 18.93 -14.82
C SER F 227 -4.47 18.67 -14.86
N SER F 228 -5.00 17.98 -13.86
CA SER F 228 -6.42 17.57 -13.75
C SER F 228 -7.37 18.73 -14.08
N TYR F 229 -7.07 19.92 -13.58
CA TYR F 229 -7.91 21.13 -13.72
C TYR F 229 -7.17 22.24 -14.47
N ALA F 230 -6.09 21.92 -15.16
CA ALA F 230 -5.30 22.90 -15.95
C ALA F 230 -6.10 23.41 -17.15
N GLU F 231 -5.89 24.68 -17.50
CA GLU F 231 -6.30 25.27 -18.81
C GLU F 231 -5.30 24.81 -19.86
N PHE F 232 -5.76 24.28 -20.98
CA PHE F 232 -4.89 23.90 -22.13
C PHE F 232 -4.89 25.04 -23.15
N VAL F 233 -3.71 25.45 -23.59
CA VAL F 233 -3.52 26.37 -24.74
C VAL F 233 -2.64 25.66 -25.76
N PHE F 234 -3.20 25.42 -26.95
CA PHE F 234 -2.52 24.79 -28.11
C PHE F 234 -2.16 25.89 -29.10
N LEU F 235 -0.87 26.16 -29.27
CA LEU F 235 -0.31 27.17 -30.21
C LEU F 235 0.19 26.40 -31.43
N ASP F 236 0.56 27.07 -32.53
CA ASP F 236 0.98 26.38 -33.79
C ASP F 236 2.50 26.49 -33.94
N THR F 237 3.12 27.28 -33.08
CA THR F 237 4.58 27.55 -33.08
C THR F 237 5.36 26.27 -32.78
N LEU F 238 6.25 25.85 -33.69
CA LEU F 238 7.27 24.82 -33.40
C LEU F 238 8.20 25.34 -32.31
N TRP F 239 8.71 24.47 -31.45
CA TRP F 239 9.36 24.87 -30.18
C TRP F 239 10.57 25.76 -30.46
N PRO F 240 11.43 25.45 -31.45
CA PRO F 240 12.57 26.34 -31.76
C PRO F 240 12.21 27.79 -32.10
N ASP F 241 10.98 28.05 -32.57
CA ASP F 241 10.44 29.40 -32.89
C ASP F 241 9.70 29.99 -31.70
N PHE F 242 9.57 29.23 -30.60
CA PHE F 242 8.86 29.65 -29.37
C PHE F 242 9.80 30.54 -28.57
N ASP F 243 9.30 31.66 -28.05
CA ASP F 243 10.08 32.57 -27.18
C ASP F 243 9.10 33.21 -26.18
N ARG F 244 9.59 34.16 -25.38
CA ARG F 244 8.81 34.75 -24.26
C ARG F 244 7.48 35.36 -24.76
N ARG F 245 7.42 35.81 -26.01
CA ARG F 245 6.20 36.47 -26.55
C ARG F 245 5.07 35.43 -26.67
N HIS F 246 5.39 34.25 -27.19
CA HIS F 246 4.44 33.10 -27.28
C HIS F 246 3.99 32.68 -25.86
N PHE F 247 4.92 32.64 -24.91
CA PHE F 247 4.63 32.31 -23.49
C PHE F 247 3.67 33.35 -22.93
N TRP F 248 3.96 34.64 -23.19
CA TRP F 248 3.13 35.79 -22.72
C TRP F 248 1.74 35.72 -23.35
N GLN F 249 1.67 35.38 -24.64
CA GLN F 249 0.37 35.19 -25.35
C GLN F 249 -0.47 34.14 -24.60
N ALA F 250 0.13 32.97 -24.32
CA ALA F 250 -0.56 31.86 -23.61
C ALA F 250 -1.08 32.35 -22.26
N CYS F 251 -0.25 33.09 -21.51
CA CYS F 251 -0.65 33.66 -20.20
C CYS F 251 -1.80 34.66 -20.39
N GLU F 252 -1.81 35.42 -21.50
CA GLU F 252 -2.90 36.39 -21.83
C GLU F 252 -4.19 35.63 -22.09
N ILE F 253 -4.12 34.56 -22.88
CA ILE F 253 -5.30 33.67 -23.15
C ILE F 253 -5.80 33.11 -21.82
N TYR F 254 -4.90 32.71 -20.92
CA TYR F 254 -5.24 32.15 -19.58
C TYR F 254 -6.03 33.18 -18.77
N ALA F 255 -5.55 34.44 -18.76
CA ALA F 255 -6.14 35.55 -17.97
C ALA F 255 -7.58 35.84 -18.42
N ARG F 256 -7.92 35.69 -19.70
CA ARG F 256 -9.32 35.77 -20.18
C ARG F 256 -10.13 34.58 -19.61
#